data_1AJ3
#
_entry.id   1AJ3
#
_cell.length_a   1.000
_cell.length_b   1.000
_cell.length_c   1.000
_cell.angle_alpha   90.00
_cell.angle_beta   90.00
_cell.angle_gamma   90.00
#
_symmetry.space_group_name_H-M   'P 1'
#
_entity_poly.entity_id   1
_entity_poly.type   'polypeptide(L)'
_entity_poly.pdbx_seq_one_letter_code
;AKLNESHRLHQFFRDMDDEESWIKEKKLLVSSEDYGRDLTGVQNLRKKHKRLEAELAAHEPAIQGVLDTGKKLSDDNTIG
KEEIQQRLAQFVDHWKELKQLAAARGQRLE
;
_entity_poly.pdbx_strand_id   A
#
# COMPACT_ATOMS: atom_id res chain seq x y z
N HIS A 10 -19.01 -1.82 10.32
CA HIS A 10 -18.10 -1.06 11.15
C HIS A 10 -16.74 -1.73 11.23
N GLN A 11 -16.76 -3.04 11.40
CA GLN A 11 -15.52 -3.82 11.49
C GLN A 11 -14.69 -3.62 10.22
N PHE A 12 -15.29 -3.91 9.06
CA PHE A 12 -14.59 -3.76 7.80
C PHE A 12 -13.95 -2.37 7.73
N PHE A 13 -14.73 -1.35 8.06
CA PHE A 13 -14.23 0.02 8.05
C PHE A 13 -12.97 0.10 8.90
N ARG A 14 -13.07 -0.35 10.14
CA ARG A 14 -11.93 -0.35 11.06
C ARG A 14 -10.72 -1.01 10.39
N ASP A 15 -10.91 -2.25 9.93
CA ASP A 15 -9.82 -2.97 9.26
C ASP A 15 -9.22 -2.10 8.16
N MET A 16 -10.07 -1.56 7.30
CA MET A 16 -9.62 -0.69 6.20
C MET A 16 -8.73 0.42 6.76
N ASP A 17 -9.22 1.10 7.78
CA ASP A 17 -8.47 2.17 8.42
C ASP A 17 -7.09 1.68 8.83
N ASP A 18 -7.05 0.62 9.64
CA ASP A 18 -5.79 0.03 10.08
C ASP A 18 -4.90 -0.29 8.88
N GLU A 19 -5.53 -0.73 7.80
CA GLU A 19 -4.83 -1.05 6.57
C GLU A 19 -4.17 0.21 6.01
N GLU A 20 -4.99 1.22 5.71
CA GLU A 20 -4.47 2.49 5.21
C GLU A 20 -3.28 2.89 6.08
N SER A 21 -3.44 2.71 7.39
CA SER A 21 -2.39 3.02 8.34
C SER A 21 -1.11 2.27 7.93
N TRP A 22 -1.24 0.95 7.76
CA TRP A 22 -0.12 0.10 7.35
C TRP A 22 0.57 0.67 6.13
N ILE A 23 -0.22 1.17 5.18
CA ILE A 23 0.35 1.77 3.97
C ILE A 23 1.29 2.91 4.35
N LYS A 24 0.83 3.79 5.21
CA LYS A 24 1.64 4.92 5.67
C LYS A 24 2.90 4.40 6.36
N GLU A 25 2.71 3.40 7.23
CA GLU A 25 3.83 2.79 7.95
C GLU A 25 4.80 2.15 6.98
N LYS A 26 4.26 1.55 5.91
CA LYS A 26 5.07 0.92 4.89
C LYS A 26 5.96 1.97 4.24
N LYS A 27 5.36 3.04 3.72
CA LYS A 27 6.11 4.11 3.09
C LYS A 27 7.20 4.62 4.03
N LEU A 28 6.87 4.74 5.32
CA LEU A 28 7.82 5.20 6.33
C LEU A 28 9.06 4.31 6.35
N LEU A 29 8.85 3.00 6.31
CA LEU A 29 9.97 2.06 6.32
C LEU A 29 10.93 2.38 5.18
N VAL A 30 10.38 2.54 3.99
CA VAL A 30 11.17 2.86 2.81
C VAL A 30 12.01 4.11 3.05
N SER A 31 11.44 5.05 3.80
CA SER A 31 12.12 6.31 4.11
C SER A 31 13.20 6.10 5.17
N SER A 32 13.04 5.06 5.98
CA SER A 32 14.00 4.76 7.04
C SER A 32 15.24 4.03 6.53
N GLU A 33 15.02 3.03 5.67
CA GLU A 33 16.11 2.22 5.11
C GLU A 33 16.87 2.96 4.01
N ASP A 34 17.29 4.19 4.27
CA ASP A 34 18.03 4.98 3.29
C ASP A 34 19.25 5.65 3.94
N TYR A 35 19.03 6.25 5.11
CA TYR A 35 20.10 6.94 5.83
C TYR A 35 21.20 5.97 6.25
N GLY A 36 22.41 6.20 5.74
CA GLY A 36 23.54 5.34 6.09
C GLY A 36 24.81 5.75 5.39
N ARG A 37 25.16 7.04 5.49
CA ARG A 37 26.37 7.56 4.85
C ARG A 37 26.22 7.61 3.33
N ASP A 38 26.32 8.82 2.77
CA ASP A 38 26.18 9.01 1.32
C ASP A 38 26.88 7.90 0.53
N LEU A 39 28.15 7.67 0.83
CA LEU A 39 28.94 6.65 0.15
C LEU A 39 28.14 5.37 -0.10
N THR A 40 27.37 4.93 0.91
CA THR A 40 26.55 3.73 0.77
C THR A 40 25.15 4.06 0.29
N GLY A 41 24.69 5.27 0.60
CA GLY A 41 23.36 5.69 0.20
C GLY A 41 22.99 5.20 -1.19
N VAL A 42 23.93 5.33 -2.13
CA VAL A 42 23.70 4.87 -3.50
C VAL A 42 23.31 3.39 -3.51
N GLN A 43 24.16 2.55 -2.92
CA GLN A 43 23.89 1.12 -2.86
C GLN A 43 22.63 0.86 -2.03
N ASN A 44 22.32 1.78 -1.13
CA ASN A 44 21.15 1.66 -0.27
C ASN A 44 19.88 1.83 -1.10
N LEU A 45 19.89 2.79 -2.02
CA LEU A 45 18.74 3.01 -2.87
C LEU A 45 18.49 1.78 -3.73
N ARG A 46 19.55 1.30 -4.38
CA ARG A 46 19.47 0.12 -5.23
C ARG A 46 18.95 -1.08 -4.43
N LYS A 47 19.46 -1.27 -3.22
CA LYS A 47 19.03 -2.38 -2.37
C LYS A 47 17.57 -2.20 -1.96
N LYS A 48 17.19 -0.94 -1.71
CA LYS A 48 15.81 -0.64 -1.33
C LYS A 48 14.87 -1.05 -2.45
N HIS A 49 15.19 -0.64 -3.67
CA HIS A 49 14.37 -0.97 -4.82
C HIS A 49 14.06 -2.47 -4.86
N LYS A 50 15.11 -3.29 -4.84
CA LYS A 50 14.94 -4.74 -4.85
C LYS A 50 13.94 -5.18 -3.80
N ARG A 51 14.12 -4.69 -2.57
CA ARG A 51 13.22 -5.04 -1.49
C ARG A 51 11.82 -4.49 -1.75
N LEU A 52 11.75 -3.36 -2.45
CA LEU A 52 10.47 -2.74 -2.78
C LEU A 52 9.66 -3.66 -3.68
N GLU A 53 10.28 -4.18 -4.72
CA GLU A 53 9.59 -5.08 -5.64
C GLU A 53 8.99 -6.26 -4.88
N ALA A 54 9.83 -6.93 -4.08
CA ALA A 54 9.35 -8.06 -3.29
C ALA A 54 8.20 -7.62 -2.40
N GLU A 55 8.39 -6.50 -1.72
CA GLU A 55 7.37 -5.94 -0.84
C GLU A 55 6.04 -5.79 -1.60
N LEU A 56 6.09 -5.05 -2.70
CA LEU A 56 4.91 -4.82 -3.53
C LEU A 56 4.13 -6.10 -3.78
N ALA A 57 4.86 -7.19 -4.05
CA ALA A 57 4.22 -8.47 -4.32
C ALA A 57 3.24 -8.83 -3.21
N ALA A 58 3.64 -8.60 -1.97
CA ALA A 58 2.81 -8.90 -0.81
C ALA A 58 1.79 -7.80 -0.53
N HIS A 59 2.10 -6.57 -0.95
CA HIS A 59 1.21 -5.43 -0.72
C HIS A 59 0.03 -5.45 -1.69
N GLU A 60 0.20 -6.11 -2.83
CA GLU A 60 -0.86 -6.19 -3.83
C GLU A 60 -2.03 -6.99 -3.27
N PRO A 61 -1.82 -8.27 -2.92
CA PRO A 61 -2.88 -9.12 -2.37
C PRO A 61 -3.51 -8.51 -1.13
N ALA A 62 -2.69 -7.90 -0.28
CA ALA A 62 -3.16 -7.29 0.94
C ALA A 62 -4.23 -6.23 0.66
N ILE A 63 -3.88 -5.24 -0.16
CA ILE A 63 -4.81 -4.18 -0.49
C ILE A 63 -6.02 -4.72 -1.23
N GLN A 64 -5.79 -5.59 -2.21
CA GLN A 64 -6.87 -6.20 -2.98
C GLN A 64 -7.86 -6.90 -2.05
N GLY A 65 -7.33 -7.62 -1.07
CA GLY A 65 -8.19 -8.32 -0.12
C GLY A 65 -9.30 -7.43 0.39
N VAL A 66 -8.94 -6.25 0.86
CA VAL A 66 -9.95 -5.31 1.37
C VAL A 66 -10.92 -4.94 0.25
N LEU A 67 -10.37 -4.61 -0.91
CA LEU A 67 -11.18 -4.25 -2.07
C LEU A 67 -12.27 -5.30 -2.31
N ASP A 68 -11.86 -6.56 -2.39
CA ASP A 68 -12.81 -7.65 -2.60
C ASP A 68 -13.89 -7.64 -1.52
N THR A 69 -13.45 -7.56 -0.27
CA THR A 69 -14.38 -7.53 0.86
C THR A 69 -15.42 -6.41 0.64
N GLY A 70 -14.95 -5.22 0.31
CA GLY A 70 -15.84 -4.10 0.07
C GLY A 70 -16.90 -4.45 -0.96
N LYS A 71 -16.46 -5.06 -2.07
CA LYS A 71 -17.39 -5.45 -3.13
C LYS A 71 -18.52 -6.29 -2.53
N LYS A 72 -18.14 -7.21 -1.63
CA LYS A 72 -19.12 -8.05 -0.95
C LYS A 72 -20.11 -7.19 -0.19
N LEU A 73 -19.58 -6.33 0.68
CA LEU A 73 -20.40 -5.42 1.46
C LEU A 73 -21.49 -4.80 0.58
N SER A 74 -21.08 -4.35 -0.60
CA SER A 74 -22.00 -3.75 -1.56
C SER A 74 -23.19 -4.66 -1.81
N ASP A 75 -22.92 -5.88 -2.25
CA ASP A 75 -23.97 -6.85 -2.54
C ASP A 75 -24.79 -7.16 -1.29
N ASP A 76 -24.18 -6.99 -0.13
CA ASP A 76 -24.85 -7.28 1.14
C ASP A 76 -25.54 -6.05 1.74
N ASN A 77 -25.24 -4.86 1.22
CA ASN A 77 -25.85 -3.64 1.75
C ASN A 77 -25.94 -2.53 0.69
N THR A 78 -24.78 -2.14 0.15
CA THR A 78 -24.70 -1.06 -0.85
C THR A 78 -24.98 0.30 -0.19
N ILE A 79 -26.23 0.51 0.19
CA ILE A 79 -26.65 1.76 0.83
C ILE A 79 -25.83 2.00 2.10
N GLY A 80 -24.75 2.74 1.95
CA GLY A 80 -23.88 3.04 3.06
C GLY A 80 -22.44 2.74 2.70
N LYS A 81 -22.17 1.48 2.40
CA LYS A 81 -20.83 1.05 2.01
C LYS A 81 -20.25 1.97 0.93
N GLU A 82 -21.12 2.51 0.07
CA GLU A 82 -20.69 3.42 -0.99
C GLU A 82 -19.73 4.47 -0.44
N GLU A 83 -20.03 5.00 0.74
CA GLU A 83 -19.18 6.00 1.37
C GLU A 83 -17.78 5.45 1.64
N ILE A 84 -17.74 4.22 2.15
CA ILE A 84 -16.47 3.57 2.45
C ILE A 84 -15.64 3.44 1.16
N GLN A 85 -16.31 3.06 0.07
CA GLN A 85 -15.62 2.93 -1.21
C GLN A 85 -14.82 4.20 -1.50
N GLN A 86 -15.46 5.36 -1.33
CA GLN A 86 -14.79 6.64 -1.54
C GLN A 86 -13.50 6.70 -0.73
N ARG A 87 -13.61 6.37 0.56
CA ARG A 87 -12.44 6.37 1.44
C ARG A 87 -11.39 5.40 0.92
N LEU A 88 -11.83 4.20 0.56
CA LEU A 88 -10.95 3.18 0.03
C LEU A 88 -10.27 3.70 -1.24
N ALA A 89 -10.96 4.58 -1.97
CA ALA A 89 -10.41 5.16 -3.18
C ALA A 89 -9.06 5.81 -2.89
N GLN A 90 -8.93 6.34 -1.68
CA GLN A 90 -7.67 6.97 -1.25
C GLN A 90 -6.58 5.92 -1.17
N PHE A 91 -6.93 4.77 -0.59
CA PHE A 91 -6.01 3.65 -0.45
C PHE A 91 -5.36 3.31 -1.78
N VAL A 92 -6.21 3.07 -2.78
CA VAL A 92 -5.74 2.75 -4.12
C VAL A 92 -4.82 3.86 -4.63
N ASP A 93 -5.30 5.10 -4.53
CA ASP A 93 -4.52 6.26 -4.96
C ASP A 93 -3.13 6.22 -4.35
N HIS A 94 -3.06 6.03 -3.04
CA HIS A 94 -1.79 5.97 -2.34
C HIS A 94 -0.89 4.92 -2.95
N TRP A 95 -1.41 3.70 -3.05
CA TRP A 95 -0.65 2.60 -3.64
C TRP A 95 -0.18 2.97 -5.03
N LYS A 96 -1.07 3.57 -5.81
CA LYS A 96 -0.75 4.00 -7.17
C LYS A 96 0.53 4.84 -7.17
N GLU A 97 0.57 5.87 -6.32
CA GLU A 97 1.74 6.73 -6.22
C GLU A 97 2.97 5.89 -5.88
N LEU A 98 2.83 5.03 -4.89
CA LEU A 98 3.93 4.16 -4.45
C LEU A 98 4.48 3.37 -5.64
N LYS A 99 3.58 2.78 -6.42
CA LYS A 99 3.97 2.01 -7.59
C LYS A 99 4.79 2.86 -8.54
N GLN A 100 4.25 4.03 -8.89
CA GLN A 100 4.92 4.96 -9.79
C GLN A 100 6.34 5.26 -9.29
N LEU A 101 6.46 5.57 -8.00
CA LEU A 101 7.76 5.88 -7.41
C LEU A 101 8.71 4.70 -7.59
N ALA A 102 8.24 3.50 -7.24
CA ALA A 102 9.06 2.29 -7.36
C ALA A 102 9.54 2.12 -8.81
N ALA A 103 8.64 2.30 -9.76
CA ALA A 103 8.99 2.17 -11.17
C ALA A 103 10.11 3.13 -11.54
N ALA A 104 9.96 4.40 -11.15
CA ALA A 104 10.96 5.41 -11.43
C ALA A 104 12.31 4.98 -10.88
N ARG A 105 12.32 4.57 -9.61
CA ARG A 105 13.54 4.12 -8.95
C ARG A 105 14.22 3.02 -9.77
N GLY A 106 13.45 2.03 -10.19
CA GLY A 106 14.00 0.94 -10.98
C GLY A 106 14.68 1.43 -12.25
N GLN A 107 14.02 2.36 -12.94
CA GLN A 107 14.57 2.93 -14.17
C GLN A 107 15.68 3.93 -13.87
N HIS A 10 -17.69 -4.98 10.28
CA HIS A 10 -16.99 -4.18 11.28
C HIS A 10 -15.48 -4.39 11.20
N GLN A 11 -15.06 -5.65 11.08
CA GLN A 11 -13.65 -5.96 10.98
C GLN A 11 -13.06 -5.31 9.74
N PHE A 12 -13.83 -5.30 8.66
CA PHE A 12 -13.37 -4.71 7.40
C PHE A 12 -12.86 -3.30 7.66
N PHE A 13 -13.65 -2.50 8.37
CA PHE A 13 -13.26 -1.13 8.68
C PHE A 13 -11.84 -1.09 9.24
N ARG A 14 -11.60 -1.89 10.28
CA ARG A 14 -10.27 -1.94 10.89
C ARG A 14 -9.22 -2.38 9.87
N ASP A 15 -9.53 -3.44 9.13
CA ASP A 15 -8.63 -3.95 8.10
C ASP A 15 -8.27 -2.85 7.11
N MET A 16 -9.29 -2.09 6.66
CA MET A 16 -9.07 -1.00 5.73
C MET A 16 -8.03 -0.04 6.29
N ASP A 17 -8.26 0.43 7.51
CA ASP A 17 -7.33 1.33 8.17
C ASP A 17 -5.95 0.71 8.20
N ASP A 18 -5.88 -0.53 8.69
CA ASP A 18 -4.61 -1.25 8.76
C ASP A 18 -3.86 -1.18 7.43
N GLU A 19 -4.59 -1.40 6.34
CA GLU A 19 -4.00 -1.33 5.01
C GLU A 19 -3.54 0.09 4.73
N GLU A 20 -4.48 1.04 4.74
CA GLU A 20 -4.14 2.44 4.51
C GLU A 20 -2.93 2.83 5.37
N SER A 21 -2.83 2.22 6.55
CA SER A 21 -1.73 2.47 7.46
C SER A 21 -0.43 1.98 6.83
N TRP A 22 -0.47 0.79 6.21
CA TRP A 22 0.72 0.26 5.55
C TRP A 22 1.35 1.34 4.69
N ILE A 23 0.50 2.02 3.89
CA ILE A 23 0.96 3.09 3.03
C ILE A 23 1.79 4.07 3.86
N LYS A 24 1.18 4.57 4.92
CA LYS A 24 1.85 5.50 5.83
C LYS A 24 3.24 4.98 6.22
N GLU A 25 3.31 3.71 6.60
CA GLU A 25 4.57 3.08 7.01
C GLU A 25 5.60 3.16 5.89
N LYS A 26 5.22 2.71 4.70
CA LYS A 26 6.13 2.74 3.57
C LYS A 26 6.52 4.17 3.23
N LYS A 27 5.54 5.07 3.28
CA LYS A 27 5.79 6.49 3.01
C LYS A 27 6.93 6.99 3.88
N LEU A 28 6.90 6.66 5.16
CA LEU A 28 7.94 7.08 6.09
C LEU A 28 9.30 6.60 5.60
N LEU A 29 9.37 5.35 5.18
CA LEU A 29 10.61 4.77 4.67
C LEU A 29 11.14 5.57 3.49
N VAL A 30 10.23 5.91 2.57
CA VAL A 30 10.58 6.70 1.40
C VAL A 30 11.29 7.99 1.82
N SER A 31 10.75 8.62 2.86
CA SER A 31 11.32 9.86 3.39
C SER A 31 12.80 9.64 3.75
N SER A 32 13.09 8.47 4.31
CA SER A 32 14.46 8.12 4.69
C SER A 32 15.32 8.00 3.45
N GLU A 33 14.90 7.10 2.56
CA GLU A 33 15.58 6.83 1.28
C GLU A 33 15.64 5.32 1.04
N ASP A 34 16.09 4.58 2.05
CA ASP A 34 16.20 3.13 1.96
C ASP A 34 16.40 2.50 3.33
N TYR A 35 16.03 1.23 3.45
CA TYR A 35 16.18 0.49 4.70
C TYR A 35 17.63 0.54 5.17
N GLY A 36 17.87 1.25 6.27
CA GLY A 36 19.22 1.36 6.80
C GLY A 36 20.20 1.85 5.76
N ARG A 37 19.90 3.00 5.15
CA ARG A 37 20.76 3.58 4.12
C ARG A 37 22.16 3.86 4.67
N ASP A 38 23.16 3.46 3.90
CA ASP A 38 24.56 3.66 4.28
C ASP A 38 25.23 4.60 3.29
N LEU A 39 24.50 4.96 2.23
CA LEU A 39 24.98 5.86 1.18
C LEU A 39 25.71 5.10 0.08
N THR A 40 25.14 3.96 -0.31
CA THR A 40 25.70 3.14 -1.38
C THR A 40 24.59 2.72 -2.34
N GLY A 41 24.67 3.24 -3.56
CA GLY A 41 23.64 2.94 -4.56
C GLY A 41 23.37 1.46 -4.76
N VAL A 42 24.39 0.72 -5.17
CA VAL A 42 24.24 -0.71 -5.44
C VAL A 42 23.66 -1.50 -4.27
N GLN A 43 24.34 -1.51 -3.13
CA GLN A 43 23.87 -2.25 -1.97
C GLN A 43 22.48 -1.79 -1.53
N ASN A 44 22.26 -0.48 -1.50
CA ASN A 44 20.96 0.05 -1.10
C ASN A 44 19.88 -0.35 -2.09
N LEU A 45 20.25 -0.41 -3.38
CA LEU A 45 19.29 -0.80 -4.41
C LEU A 45 18.86 -2.24 -4.18
N ARG A 46 19.83 -3.14 -4.06
CA ARG A 46 19.55 -4.55 -3.82
C ARG A 46 18.61 -4.73 -2.64
N LYS A 47 18.83 -3.94 -1.59
CA LYS A 47 18.00 -3.99 -0.40
C LYS A 47 16.59 -3.51 -0.70
N LYS A 48 16.49 -2.40 -1.42
CA LYS A 48 15.20 -1.85 -1.78
C LYS A 48 14.44 -2.81 -2.68
N HIS A 49 15.16 -3.49 -3.55
CA HIS A 49 14.58 -4.45 -4.47
C HIS A 49 13.94 -5.61 -3.70
N LYS A 50 14.73 -6.24 -2.83
CA LYS A 50 14.24 -7.36 -2.03
C LYS A 50 13.00 -6.97 -1.23
N ARG A 51 13.03 -5.76 -0.66
CA ARG A 51 11.91 -5.27 0.13
C ARG A 51 10.69 -5.07 -0.76
N LEU A 52 10.91 -4.42 -1.91
CA LEU A 52 9.83 -4.18 -2.86
C LEU A 52 9.17 -5.48 -3.29
N GLU A 53 9.99 -6.48 -3.61
CA GLU A 53 9.49 -7.77 -4.04
C GLU A 53 8.57 -8.37 -2.99
N ALA A 54 9.03 -8.42 -1.74
CA ALA A 54 8.22 -8.97 -0.66
C ALA A 54 6.97 -8.13 -0.49
N GLU A 55 7.13 -6.82 -0.60
CA GLU A 55 6.02 -5.88 -0.46
C GLU A 55 4.92 -6.17 -1.48
N LEU A 56 5.30 -6.23 -2.76
CA LEU A 56 4.33 -6.48 -3.83
C LEU A 56 3.65 -7.83 -3.67
N ALA A 57 4.41 -8.83 -3.26
CA ALA A 57 3.88 -10.17 -3.09
C ALA A 57 2.71 -10.20 -2.10
N ALA A 58 2.90 -9.57 -0.95
CA ALA A 58 1.87 -9.54 0.09
C ALA A 58 0.78 -8.51 -0.19
N HIS A 59 1.15 -7.37 -0.78
CA HIS A 59 0.19 -6.32 -1.06
C HIS A 59 -0.85 -6.71 -2.09
N GLU A 60 -0.47 -7.54 -3.07
CA GLU A 60 -1.44 -7.93 -4.08
C GLU A 60 -2.63 -8.64 -3.44
N PRO A 61 -2.41 -9.81 -2.79
CA PRO A 61 -3.48 -10.54 -2.11
C PRO A 61 -4.10 -9.75 -0.96
N ALA A 62 -3.23 -9.10 -0.18
CA ALA A 62 -3.68 -8.33 0.98
C ALA A 62 -4.61 -7.18 0.59
N ILE A 63 -4.15 -6.31 -0.30
CA ILE A 63 -4.95 -5.17 -0.73
C ILE A 63 -6.17 -5.61 -1.53
N GLN A 64 -5.98 -6.54 -2.47
CA GLN A 64 -7.09 -7.05 -3.26
C GLN A 64 -8.19 -7.55 -2.35
N GLY A 65 -7.84 -8.41 -1.39
CA GLY A 65 -8.82 -8.93 -0.46
C GLY A 65 -9.68 -7.82 0.11
N VAL A 66 -9.04 -6.73 0.51
CA VAL A 66 -9.75 -5.59 1.06
C VAL A 66 -10.78 -5.09 0.05
N LEU A 67 -10.31 -4.73 -1.13
CA LEU A 67 -11.20 -4.26 -2.19
C LEU A 67 -12.38 -5.20 -2.37
N ASP A 68 -12.06 -6.49 -2.49
CA ASP A 68 -13.09 -7.52 -2.67
C ASP A 68 -14.13 -7.42 -1.56
N THR A 69 -13.68 -7.45 -0.31
CA THR A 69 -14.59 -7.37 0.83
C THR A 69 -15.43 -6.10 0.73
N GLY A 70 -14.77 -4.98 0.44
CA GLY A 70 -15.49 -3.72 0.31
C GLY A 70 -16.67 -3.83 -0.63
N LYS A 71 -16.46 -4.45 -1.79
CA LYS A 71 -17.53 -4.62 -2.76
C LYS A 71 -18.72 -5.31 -2.11
N LYS A 72 -18.42 -6.35 -1.31
CA LYS A 72 -19.47 -7.08 -0.61
C LYS A 72 -20.19 -6.15 0.36
N LEU A 73 -19.40 -5.44 1.17
CA LEU A 73 -19.93 -4.49 2.14
C LEU A 73 -21.00 -3.61 1.48
N SER A 74 -20.73 -3.20 0.24
CA SER A 74 -21.66 -2.36 -0.50
C SER A 74 -23.02 -3.05 -0.65
N ASP A 75 -23.01 -4.27 -1.16
CA ASP A 75 -24.24 -5.04 -1.35
C ASP A 75 -25.01 -5.19 -0.05
N ASP A 76 -24.28 -5.32 1.05
CA ASP A 76 -24.90 -5.49 2.37
C ASP A 76 -25.52 -4.18 2.87
N ASN A 77 -24.85 -3.06 2.59
CA ASN A 77 -25.32 -1.75 3.04
C ASN A 77 -26.37 -1.16 2.09
N THR A 78 -27.17 -0.24 2.62
CA THR A 78 -28.22 0.41 1.84
C THR A 78 -27.64 1.54 0.97
N ILE A 79 -27.13 2.58 1.63
CA ILE A 79 -26.54 3.73 0.94
C ILE A 79 -25.11 3.99 1.37
N GLY A 80 -24.89 4.05 2.69
CA GLY A 80 -23.56 4.29 3.25
C GLY A 80 -22.41 3.76 2.41
N LYS A 81 -22.64 2.65 1.71
CA LYS A 81 -21.61 2.04 0.87
C LYS A 81 -20.93 3.07 -0.04
N GLU A 82 -21.68 4.09 -0.46
CA GLU A 82 -21.13 5.13 -1.32
C GLU A 82 -19.83 5.68 -0.74
N GLU A 83 -19.86 6.04 0.54
CA GLU A 83 -18.68 6.56 1.22
C GLU A 83 -17.55 5.54 1.17
N ILE A 84 -17.87 4.31 1.50
CA ILE A 84 -16.89 3.22 1.49
C ILE A 84 -16.22 3.13 0.12
N GLN A 85 -17.03 3.18 -0.93
CA GLN A 85 -16.52 3.11 -2.29
C GLN A 85 -15.48 4.19 -2.54
N GLN A 86 -15.80 5.42 -2.16
CA GLN A 86 -14.88 6.54 -2.34
C GLN A 86 -13.59 6.27 -1.57
N ARG A 87 -13.73 5.80 -0.34
CA ARG A 87 -12.58 5.50 0.51
C ARG A 87 -11.68 4.45 -0.15
N LEU A 88 -12.28 3.34 -0.56
CA LEU A 88 -11.53 2.26 -1.20
C LEU A 88 -10.82 2.80 -2.45
N ALA A 89 -11.55 3.58 -3.24
CA ALA A 89 -10.99 4.16 -4.45
C ALA A 89 -9.85 5.10 -4.11
N GLN A 90 -9.98 5.77 -2.97
CA GLN A 90 -8.96 6.69 -2.50
C GLN A 90 -7.67 5.94 -2.22
N PHE A 91 -7.80 4.83 -1.50
CA PHE A 91 -6.65 4.00 -1.16
C PHE A 91 -5.81 3.73 -2.39
N VAL A 92 -6.46 3.27 -3.46
CA VAL A 92 -5.76 2.97 -4.70
C VAL A 92 -4.96 4.18 -5.16
N ASP A 93 -5.64 5.32 -5.32
CA ASP A 93 -4.97 6.54 -5.74
C ASP A 93 -3.74 6.78 -4.87
N HIS A 94 -3.93 6.70 -3.56
CA HIS A 94 -2.83 6.90 -2.62
C HIS A 94 -1.64 6.00 -2.98
N TRP A 95 -1.87 4.69 -3.01
CA TRP A 95 -0.81 3.75 -3.34
C TRP A 95 -0.15 4.11 -4.67
N LYS A 96 -0.96 4.52 -5.64
CA LYS A 96 -0.45 4.88 -6.95
C LYS A 96 0.60 5.98 -6.83
N GLU A 97 0.28 7.04 -6.10
CA GLU A 97 1.22 8.14 -5.91
C GLU A 97 2.46 7.66 -5.17
N LEU A 98 2.24 6.80 -4.18
CA LEU A 98 3.34 6.25 -3.39
C LEU A 98 4.33 5.51 -4.29
N LYS A 99 3.80 4.70 -5.20
CA LYS A 99 4.63 3.95 -6.13
C LYS A 99 5.51 4.91 -6.92
N GLN A 100 4.87 5.90 -7.54
CA GLN A 100 5.60 6.90 -8.33
C GLN A 100 6.72 7.52 -7.49
N LEU A 101 6.37 8.03 -6.30
CA LEU A 101 7.36 8.62 -5.42
C LEU A 101 8.54 7.69 -5.19
N ALA A 102 8.24 6.42 -4.89
CA ALA A 102 9.28 5.43 -4.65
C ALA A 102 10.21 5.32 -5.85
N ALA A 103 9.62 5.24 -7.04
CA ALA A 103 10.40 5.14 -8.28
C ALA A 103 11.37 6.31 -8.40
N ALA A 104 10.86 7.51 -8.11
CA ALA A 104 11.68 8.72 -8.18
C ALA A 104 12.91 8.58 -7.28
N ARG A 105 12.69 8.19 -6.03
CA ARG A 105 13.79 8.01 -5.08
C ARG A 105 14.89 7.16 -5.71
N GLY A 106 14.48 6.09 -6.38
CA GLY A 106 15.44 5.22 -7.05
C GLY A 106 16.15 5.97 -8.16
N GLN A 107 15.40 6.82 -8.85
CA GLN A 107 15.93 7.63 -9.93
C GLN A 107 17.01 8.56 -9.39
N HIS A 10 -17.54 -3.45 10.92
CA HIS A 10 -16.56 -2.82 11.82
C HIS A 10 -15.15 -3.29 11.50
N GLN A 11 -14.94 -4.60 11.44
CA GLN A 11 -13.64 -5.16 11.13
C GLN A 11 -13.14 -4.62 9.80
N PHE A 12 -14.00 -4.62 8.79
CA PHE A 12 -13.63 -4.12 7.48
C PHE A 12 -12.99 -2.76 7.60
N PHE A 13 -13.63 -1.86 8.35
CA PHE A 13 -13.10 -0.52 8.55
C PHE A 13 -11.68 -0.60 9.10
N ARG A 14 -11.51 -1.43 10.13
CA ARG A 14 -10.19 -1.62 10.73
C ARG A 14 -9.20 -2.09 9.69
N ASP A 15 -9.55 -3.13 8.93
CA ASP A 15 -8.69 -3.66 7.89
C ASP A 15 -8.24 -2.54 6.96
N MET A 16 -9.21 -1.75 6.48
CA MET A 16 -8.94 -0.63 5.59
C MET A 16 -7.91 0.32 6.21
N ASP A 17 -8.21 0.80 7.41
CA ASP A 17 -7.32 1.71 8.11
C ASP A 17 -5.95 1.06 8.29
N ASP A 18 -5.94 -0.22 8.62
CA ASP A 18 -4.72 -0.98 8.81
C ASP A 18 -3.84 -0.87 7.56
N GLU A 19 -4.45 -1.04 6.39
CA GLU A 19 -3.73 -0.93 5.13
C GLU A 19 -3.07 0.44 5.03
N GLU A 20 -3.90 1.48 5.06
CA GLU A 20 -3.39 2.85 5.01
C GLU A 20 -2.21 3.00 5.96
N SER A 21 -2.37 2.47 7.17
CA SER A 21 -1.32 2.53 8.18
C SER A 21 0.02 2.06 7.58
N TRP A 22 -0.01 0.92 6.87
CA TRP A 22 1.21 0.38 6.27
C TRP A 22 2.01 1.47 5.55
N ILE A 23 1.33 2.31 4.77
CA ILE A 23 2.02 3.38 4.04
C ILE A 23 2.83 4.23 5.00
N LYS A 24 2.18 4.73 6.04
CA LYS A 24 2.84 5.56 7.04
C LYS A 24 4.05 4.86 7.64
N GLU A 25 3.86 3.60 8.03
CA GLU A 25 4.92 2.80 8.61
C GLU A 25 6.05 2.60 7.61
N LYS A 26 5.69 2.42 6.34
CA LYS A 26 6.67 2.24 5.29
C LYS A 26 7.52 3.48 5.15
N LYS A 27 6.88 4.64 5.04
CA LYS A 27 7.60 5.91 4.93
C LYS A 27 8.72 5.96 5.96
N LEU A 28 8.36 5.63 7.21
CA LEU A 28 9.33 5.62 8.31
C LEU A 28 10.41 4.58 8.04
N LEU A 29 9.98 3.40 7.56
CA LEU A 29 10.90 2.30 7.28
C LEU A 29 11.96 2.74 6.27
N VAL A 30 11.56 3.56 5.30
CA VAL A 30 12.48 4.04 4.28
C VAL A 30 13.68 4.73 4.91
N SER A 31 13.43 5.50 5.97
CA SER A 31 14.49 6.22 6.66
C SER A 31 15.34 5.28 7.50
N SER A 32 14.76 4.14 7.91
CA SER A 32 15.47 3.16 8.73
C SER A 32 16.43 2.33 7.90
N GLU A 33 15.95 1.87 6.73
CA GLU A 33 16.74 1.03 5.82
C GLU A 33 16.82 -0.41 6.32
N ASP A 34 15.99 -0.75 7.30
CA ASP A 34 15.95 -2.10 7.87
C ASP A 34 17.24 -2.42 8.64
N TYR A 35 17.07 -2.90 9.87
CA TYR A 35 18.18 -3.25 10.75
C TYR A 35 19.27 -4.06 10.05
N GLY A 36 18.84 -5.00 9.20
CA GLY A 36 19.79 -5.87 8.48
C GLY A 36 21.20 -5.32 8.43
N ARG A 37 22.02 -5.74 9.41
CA ARG A 37 23.42 -5.31 9.52
C ARG A 37 23.68 -3.98 8.81
N ASP A 38 22.90 -2.97 9.18
CA ASP A 38 23.01 -1.62 8.61
C ASP A 38 24.46 -1.26 8.23
N LEU A 39 25.39 -1.49 9.16
CA LEU A 39 26.81 -1.17 8.95
C LEU A 39 27.22 -1.34 7.48
N THR A 40 26.77 -2.42 6.84
CA THR A 40 27.08 -2.66 5.43
C THR A 40 26.09 -1.92 4.54
N GLY A 41 26.13 -0.60 4.61
CA GLY A 41 25.22 0.24 3.82
C GLY A 41 24.94 -0.31 2.43
N VAL A 42 25.99 -0.70 1.71
CA VAL A 42 25.83 -1.21 0.35
C VAL A 42 24.86 -2.41 0.32
N GLN A 43 25.19 -3.47 1.04
CA GLN A 43 24.34 -4.65 1.08
C GLN A 43 23.00 -4.31 1.73
N ASN A 44 23.00 -3.27 2.55
CA ASN A 44 21.79 -2.83 3.23
C ASN A 44 20.80 -2.26 2.22
N LEU A 45 21.30 -1.45 1.30
CA LEU A 45 20.45 -0.87 0.27
C LEU A 45 19.83 -1.96 -0.58
N ARG A 46 20.68 -2.83 -1.13
CA ARG A 46 20.21 -3.93 -1.96
C ARG A 46 19.12 -4.73 -1.26
N LYS A 47 19.30 -4.97 0.05
CA LYS A 47 18.32 -5.72 0.82
C LYS A 47 17.01 -4.93 0.93
N LYS A 48 17.13 -3.64 1.20
CA LYS A 48 15.96 -2.78 1.32
C LYS A 48 15.17 -2.77 0.02
N HIS A 49 15.89 -2.70 -1.09
CA HIS A 49 15.26 -2.69 -2.42
C HIS A 49 14.43 -3.96 -2.62
N LYS A 50 15.09 -5.11 -2.46
CA LYS A 50 14.41 -6.40 -2.62
C LYS A 50 13.22 -6.50 -1.68
N ARG A 51 13.39 -5.97 -0.47
CA ARG A 51 12.33 -5.99 0.52
C ARG A 51 11.11 -5.22 0.01
N LEU A 52 11.35 -4.02 -0.50
CA LEU A 52 10.28 -3.20 -1.05
C LEU A 52 9.52 -3.94 -2.13
N GLU A 53 10.25 -4.45 -3.12
CA GLU A 53 9.65 -5.19 -4.22
C GLU A 53 8.80 -6.34 -3.70
N ALA A 54 9.36 -7.14 -2.78
CA ALA A 54 8.63 -8.26 -2.22
C ALA A 54 7.38 -7.77 -1.49
N GLU A 55 7.53 -6.68 -0.76
CA GLU A 55 6.43 -6.08 -0.02
C GLU A 55 5.30 -5.70 -0.97
N LEU A 56 5.63 -4.90 -1.98
CA LEU A 56 4.62 -4.46 -2.96
C LEU A 56 3.87 -5.64 -3.55
N ALA A 57 4.59 -6.71 -3.85
CA ALA A 57 3.99 -7.90 -4.41
C ALA A 57 3.01 -8.54 -3.43
N ALA A 58 3.47 -8.77 -2.21
CA ALA A 58 2.66 -9.38 -1.17
C ALA A 58 1.46 -8.50 -0.80
N HIS A 59 1.60 -7.19 -0.96
CA HIS A 59 0.53 -6.29 -0.62
C HIS A 59 -0.64 -6.45 -1.59
N GLU A 60 -0.36 -6.48 -2.89
CA GLU A 60 -1.42 -6.62 -3.88
C GLU A 60 -2.48 -7.59 -3.39
N PRO A 61 -2.12 -8.87 -3.15
CA PRO A 61 -3.07 -9.86 -2.66
C PRO A 61 -3.98 -9.31 -1.56
N ALA A 62 -3.37 -8.62 -0.59
CA ALA A 62 -4.11 -8.06 0.54
C ALA A 62 -4.81 -6.75 0.16
N ILE A 63 -4.29 -6.07 -0.85
CA ILE A 63 -4.85 -4.81 -1.30
C ILE A 63 -6.18 -5.08 -2.01
N GLN A 64 -6.16 -6.04 -2.92
CA GLN A 64 -7.36 -6.43 -3.64
C GLN A 64 -8.35 -6.99 -2.65
N GLY A 65 -7.87 -7.80 -1.71
CA GLY A 65 -8.72 -8.38 -0.68
C GLY A 65 -9.65 -7.33 -0.08
N VAL A 66 -9.10 -6.19 0.32
CA VAL A 66 -9.93 -5.14 0.91
C VAL A 66 -11.07 -4.76 -0.05
N LEU A 67 -10.71 -4.46 -1.29
CA LEU A 67 -11.70 -4.12 -2.30
C LEU A 67 -12.74 -5.23 -2.41
N ASP A 68 -12.26 -6.46 -2.58
CA ASP A 68 -13.13 -7.64 -2.68
C ASP A 68 -14.15 -7.64 -1.55
N THR A 69 -13.68 -7.50 -0.31
CA THR A 69 -14.57 -7.47 0.84
C THR A 69 -15.53 -6.30 0.72
N GLY A 70 -14.99 -5.11 0.42
CA GLY A 70 -15.82 -3.94 0.25
C GLY A 70 -16.97 -4.23 -0.70
N LYS A 71 -16.68 -5.00 -1.76
CA LYS A 71 -17.70 -5.37 -2.73
C LYS A 71 -18.77 -6.20 -2.04
N LYS A 72 -18.33 -7.15 -1.22
CA LYS A 72 -19.25 -7.99 -0.48
C LYS A 72 -20.14 -7.13 0.40
N LEU A 73 -19.52 -6.09 0.95
CA LEU A 73 -20.20 -5.11 1.79
C LEU A 73 -21.25 -4.37 0.97
N SER A 74 -20.88 -4.00 -0.25
CA SER A 74 -21.77 -3.27 -1.15
C SER A 74 -22.98 -4.09 -1.55
N ASP A 75 -22.79 -5.39 -1.77
CA ASP A 75 -23.87 -6.29 -2.19
C ASP A 75 -25.17 -5.96 -1.47
N ASP A 76 -25.17 -6.07 -0.14
CA ASP A 76 -26.35 -5.77 0.65
C ASP A 76 -26.49 -4.27 0.86
N ASN A 77 -25.37 -3.58 1.05
CA ASN A 77 -25.37 -2.14 1.25
C ASN A 77 -25.57 -1.42 -0.08
N THR A 78 -26.78 -1.57 -0.64
CA THR A 78 -27.12 -0.95 -1.91
C THR A 78 -26.95 0.56 -1.84
N ILE A 79 -27.87 1.24 -1.16
CA ILE A 79 -27.83 2.68 -1.01
C ILE A 79 -27.13 3.10 0.28
N GLY A 80 -26.03 3.82 0.14
CA GLY A 80 -25.28 4.28 1.30
C GLY A 80 -23.80 3.95 1.18
N LYS A 81 -23.51 2.82 0.52
CA LYS A 81 -22.14 2.37 0.32
C LYS A 81 -21.26 3.45 -0.33
N GLU A 82 -21.89 4.42 -1.00
CA GLU A 82 -21.16 5.50 -1.66
C GLU A 82 -19.99 5.97 -0.82
N GLU A 83 -20.23 6.16 0.48
CA GLU A 83 -19.18 6.61 1.39
C GLU A 83 -18.00 5.63 1.36
N ILE A 84 -18.29 4.35 1.57
CA ILE A 84 -17.26 3.32 1.56
C ILE A 84 -16.51 3.34 0.23
N GLN A 85 -17.26 3.43 -0.86
CA GLN A 85 -16.67 3.47 -2.20
C GLN A 85 -15.67 4.61 -2.29
N GLN A 86 -16.06 5.79 -1.82
CA GLN A 86 -15.18 6.94 -1.83
C GLN A 86 -13.91 6.65 -1.05
N ARG A 87 -14.09 6.13 0.16
CA ARG A 87 -12.96 5.78 1.02
C ARG A 87 -12.02 4.79 0.34
N LEU A 88 -12.60 3.70 -0.18
CA LEU A 88 -11.81 2.68 -0.85
C LEU A 88 -11.12 3.26 -2.08
N ALA A 89 -11.81 4.14 -2.79
CA ALA A 89 -11.27 4.78 -3.98
C ALA A 89 -10.06 5.63 -3.62
N GLN A 90 -10.09 6.19 -2.41
CA GLN A 90 -9.00 7.02 -1.91
C GLN A 90 -7.75 6.16 -1.73
N PHE A 91 -7.92 5.04 -1.03
CA PHE A 91 -6.81 4.13 -0.79
C PHE A 91 -6.18 3.71 -2.12
N VAL A 92 -7.04 3.27 -3.05
CA VAL A 92 -6.57 2.84 -4.36
C VAL A 92 -5.71 3.93 -4.99
N ASP A 93 -6.21 5.16 -5.02
CA ASP A 93 -5.45 6.28 -5.59
C ASP A 93 -4.08 6.34 -4.92
N HIS A 94 -4.07 6.39 -3.59
CA HIS A 94 -2.82 6.44 -2.83
C HIS A 94 -1.86 5.35 -3.32
N TRP A 95 -2.34 4.11 -3.30
CA TRP A 95 -1.55 2.97 -3.74
C TRP A 95 -1.01 3.22 -5.14
N LYS A 96 -1.90 3.64 -6.03
CA LYS A 96 -1.53 3.92 -7.42
C LYS A 96 -0.36 4.90 -7.48
N GLU A 97 -0.44 5.98 -6.71
CA GLU A 97 0.62 6.97 -6.69
C GLU A 97 1.95 6.33 -6.31
N LEU A 98 1.94 5.59 -5.21
CA LEU A 98 3.14 4.92 -4.73
C LEU A 98 3.71 4.00 -5.80
N LYS A 99 2.84 3.22 -6.42
CA LYS A 99 3.24 2.30 -7.48
C LYS A 99 3.87 3.08 -8.63
N GLN A 100 3.20 4.15 -9.04
CA GLN A 100 3.69 5.00 -10.12
C GLN A 100 5.11 5.49 -9.82
N LEU A 101 5.29 6.07 -8.64
CA LEU A 101 6.59 6.57 -8.24
C LEU A 101 7.64 5.47 -8.31
N ALA A 102 7.31 4.30 -7.75
CA ALA A 102 8.21 3.16 -7.75
C ALA A 102 8.62 2.78 -9.18
N ALA A 103 7.64 2.76 -10.08
CA ALA A 103 7.90 2.41 -11.47
C ALA A 103 8.85 3.42 -12.12
N ALA A 104 8.60 4.70 -11.87
CA ALA A 104 9.44 5.76 -12.44
C ALA A 104 10.87 5.61 -11.94
N ARG A 105 11.01 5.28 -10.66
CA ARG A 105 12.33 5.10 -10.06
C ARG A 105 13.13 4.05 -10.81
N GLY A 106 12.52 2.89 -11.03
CA GLY A 106 13.18 1.81 -11.74
C GLY A 106 13.48 2.15 -13.19
N GLN A 107 12.56 2.88 -13.81
CA GLN A 107 12.71 3.27 -15.21
C GLN A 107 14.00 4.06 -15.41
N HIS A 10 -17.30 -5.49 10.57
CA HIS A 10 -16.53 -4.85 11.64
C HIS A 10 -15.03 -5.01 11.43
N GLN A 11 -14.59 -6.24 11.19
CA GLN A 11 -13.17 -6.49 10.97
C GLN A 11 -12.70 -5.73 9.74
N PHE A 12 -13.57 -5.61 8.73
CA PHE A 12 -13.22 -4.90 7.52
C PHE A 12 -12.66 -3.52 7.85
N PHE A 13 -13.39 -2.77 8.68
CA PHE A 13 -12.94 -1.44 9.06
C PHE A 13 -11.52 -1.50 9.63
N ARG A 14 -11.30 -2.43 10.56
CA ARG A 14 -9.98 -2.61 11.18
C ARG A 14 -8.92 -2.87 10.10
N ASP A 15 -9.18 -3.87 9.26
CA ASP A 15 -8.26 -4.22 8.19
C ASP A 15 -7.97 -2.99 7.32
N MET A 16 -9.03 -2.26 6.98
CA MET A 16 -8.90 -1.06 6.16
C MET A 16 -7.91 -0.10 6.81
N ASP A 17 -8.13 0.21 8.08
CA ASP A 17 -7.26 1.10 8.82
C ASP A 17 -5.80 0.64 8.69
N ASP A 18 -5.54 -0.62 9.06
CA ASP A 18 -4.19 -1.17 8.95
C ASP A 18 -3.65 -0.95 7.55
N GLU A 19 -4.50 -1.18 6.56
CA GLU A 19 -4.12 -0.99 5.17
C GLU A 19 -3.73 0.46 4.93
N GLU A 20 -4.66 1.37 5.15
CA GLU A 20 -4.36 2.79 4.98
C GLU A 20 -3.06 3.12 5.72
N SER A 21 -2.86 2.47 6.86
CA SER A 21 -1.64 2.66 7.65
C SER A 21 -0.43 2.19 6.84
N TRP A 22 -0.59 1.11 6.07
CA TRP A 22 0.48 0.58 5.24
C TRP A 22 1.18 1.72 4.49
N ILE A 23 0.39 2.63 3.93
CA ILE A 23 0.92 3.77 3.19
C ILE A 23 1.87 4.57 4.06
N LYS A 24 1.40 4.94 5.25
CA LYS A 24 2.22 5.72 6.18
C LYS A 24 3.57 5.05 6.42
N GLU A 25 3.54 3.75 6.68
CA GLU A 25 4.76 2.99 6.93
C GLU A 25 5.67 3.03 5.71
N LYS A 26 5.08 2.80 4.54
CA LYS A 26 5.82 2.80 3.29
C LYS A 26 6.45 4.17 3.02
N LYS A 27 5.64 5.22 3.15
CA LYS A 27 6.11 6.58 2.93
C LYS A 27 7.25 6.93 3.88
N LEU A 28 7.14 6.46 5.13
CA LEU A 28 8.16 6.70 6.13
C LEU A 28 9.51 6.15 5.67
N LEU A 29 9.46 4.96 5.05
CA LEU A 29 10.66 4.31 4.56
C LEU A 29 11.32 5.15 3.47
N VAL A 30 10.52 5.58 2.50
CA VAL A 30 11.01 6.39 1.40
C VAL A 30 11.67 7.67 1.91
N SER A 31 11.08 8.24 2.96
CA SER A 31 11.60 9.48 3.55
C SER A 31 12.79 9.21 4.48
N SER A 32 12.88 7.97 4.98
CA SER A 32 13.97 7.60 5.88
C SER A 32 15.26 7.39 5.11
N GLU A 33 15.20 6.56 4.07
CA GLU A 33 16.37 6.25 3.25
C GLU A 33 17.49 5.69 4.13
N ASP A 34 17.11 5.00 5.21
CA ASP A 34 18.07 4.41 6.14
C ASP A 34 19.24 3.75 5.41
N TYR A 35 20.44 3.94 5.96
CA TYR A 35 21.67 3.37 5.40
C TYR A 35 22.09 4.09 4.12
N GLY A 36 21.20 4.92 3.58
CA GLY A 36 21.50 5.66 2.36
C GLY A 36 22.73 6.54 2.51
N ARG A 37 23.73 6.29 1.67
CA ARG A 37 24.97 7.06 1.70
C ARG A 37 25.74 6.89 0.40
N ASP A 38 26.23 7.99 -0.13
CA ASP A 38 26.99 7.98 -1.39
C ASP A 38 27.84 6.72 -1.57
N LEU A 39 28.72 6.46 -0.61
CA LEU A 39 29.62 5.30 -0.64
C LEU A 39 28.92 4.02 -1.11
N THR A 40 27.61 3.94 -0.95
CA THR A 40 26.85 2.76 -1.35
C THR A 40 25.40 3.13 -1.70
N GLY A 41 25.20 4.36 -2.16
CA GLY A 41 23.87 4.81 -2.52
C GLY A 41 23.17 3.89 -3.50
N VAL A 42 23.87 3.55 -4.58
CA VAL A 42 23.31 2.67 -5.61
C VAL A 42 22.86 1.33 -5.03
N GLN A 43 23.80 0.60 -4.44
CA GLN A 43 23.49 -0.70 -3.85
C GLN A 43 22.42 -0.56 -2.77
N ASN A 44 22.41 0.59 -2.09
CA ASN A 44 21.43 0.84 -1.05
C ASN A 44 20.04 0.93 -1.65
N LEU A 45 19.90 1.71 -2.71
CA LEU A 45 18.62 1.87 -3.39
C LEU A 45 18.13 0.51 -3.90
N ARG A 46 19.02 -0.20 -4.60
CA ARG A 46 18.69 -1.52 -5.13
C ARG A 46 18.12 -2.41 -4.03
N LYS A 47 18.77 -2.41 -2.87
CA LYS A 47 18.32 -3.21 -1.75
C LYS A 47 16.93 -2.77 -1.31
N LYS A 48 16.75 -1.46 -1.20
CA LYS A 48 15.45 -0.90 -0.80
C LYS A 48 14.36 -1.39 -1.76
N HIS A 49 14.64 -1.28 -3.06
CA HIS A 49 13.69 -1.71 -4.07
C HIS A 49 13.22 -3.14 -3.79
N LYS A 50 14.17 -4.05 -3.63
CA LYS A 50 13.85 -5.44 -3.35
C LYS A 50 12.89 -5.53 -2.16
N ARG A 51 13.18 -4.76 -1.11
CA ARG A 51 12.35 -4.75 0.08
C ARG A 51 10.93 -4.33 -0.28
N LEU A 52 10.81 -3.33 -1.15
CA LEU A 52 9.49 -2.85 -1.59
C LEU A 52 8.77 -3.96 -2.34
N GLU A 53 9.45 -4.55 -3.32
CA GLU A 53 8.87 -5.62 -4.11
C GLU A 53 8.26 -6.70 -3.20
N ALA A 54 9.00 -7.06 -2.15
CA ALA A 54 8.52 -8.06 -1.21
C ALA A 54 7.20 -7.62 -0.59
N GLU A 55 7.18 -6.41 -0.04
CA GLU A 55 5.96 -5.87 0.57
C GLU A 55 4.81 -5.90 -0.43
N LEU A 56 5.09 -5.42 -1.65
CA LEU A 56 4.09 -5.38 -2.71
C LEU A 56 3.46 -6.75 -2.92
N ALA A 57 4.30 -7.78 -2.96
CA ALA A 57 3.83 -9.14 -3.17
C ALA A 57 2.72 -9.50 -2.19
N ALA A 58 2.94 -9.20 -0.92
CA ALA A 58 1.95 -9.48 0.13
C ALA A 58 0.85 -8.44 0.14
N HIS A 59 1.17 -7.24 -0.36
CA HIS A 59 0.23 -6.14 -0.38
C HIS A 59 -0.80 -6.34 -1.49
N GLU A 60 -0.47 -7.15 -2.49
CA GLU A 60 -1.38 -7.41 -3.58
C GLU A 60 -2.61 -8.16 -3.06
N PRO A 61 -2.41 -9.38 -2.52
CA PRO A 61 -3.51 -10.18 -1.97
C PRO A 61 -4.32 -9.38 -0.94
N ALA A 62 -3.61 -8.63 -0.10
CA ALA A 62 -4.24 -7.82 0.94
C ALA A 62 -5.10 -6.72 0.33
N ILE A 63 -4.51 -5.96 -0.60
CA ILE A 63 -5.21 -4.88 -1.26
C ILE A 63 -6.49 -5.39 -1.91
N GLN A 64 -6.36 -6.43 -2.72
CA GLN A 64 -7.50 -7.03 -3.40
C GLN A 64 -8.56 -7.42 -2.38
N GLY A 65 -8.16 -8.16 -1.35
CA GLY A 65 -9.09 -8.57 -0.32
C GLY A 65 -9.94 -7.41 0.18
N VAL A 66 -9.28 -6.30 0.48
CA VAL A 66 -9.98 -5.11 0.97
C VAL A 66 -11.04 -4.68 -0.05
N LEU A 67 -10.60 -4.47 -1.28
CA LEU A 67 -11.50 -4.06 -2.35
C LEU A 67 -12.69 -5.01 -2.45
N ASP A 68 -12.40 -6.32 -2.50
CA ASP A 68 -13.46 -7.32 -2.60
C ASP A 68 -14.44 -7.18 -1.45
N THR A 69 -13.94 -7.07 -0.22
CA THR A 69 -14.81 -6.94 0.94
C THR A 69 -15.67 -5.69 0.81
N GLY A 70 -15.05 -4.54 0.52
CA GLY A 70 -15.81 -3.32 0.33
C GLY A 70 -16.91 -3.51 -0.69
N LYS A 71 -16.56 -4.16 -1.79
CA LYS A 71 -17.51 -4.44 -2.87
C LYS A 71 -18.63 -5.33 -2.35
N LYS A 72 -18.29 -6.22 -1.43
CA LYS A 72 -19.27 -7.13 -0.84
C LYS A 72 -20.38 -6.34 -0.16
N LEU A 73 -19.99 -5.41 0.71
CA LEU A 73 -20.96 -4.57 1.42
C LEU A 73 -21.86 -3.85 0.43
N SER A 74 -21.28 -3.44 -0.70
CA SER A 74 -22.02 -2.73 -1.73
C SER A 74 -23.12 -3.59 -2.33
N ASP A 75 -22.79 -4.85 -2.65
CA ASP A 75 -23.79 -5.75 -3.23
C ASP A 75 -24.94 -5.94 -2.24
N ASP A 76 -24.61 -5.95 -0.95
CA ASP A 76 -25.61 -6.09 0.09
C ASP A 76 -26.45 -4.81 0.20
N ASN A 77 -25.80 -3.69 -0.07
CA ASN A 77 -26.43 -2.36 -0.02
C ASN A 77 -26.53 -1.88 1.43
N THR A 78 -25.50 -2.17 2.21
CA THR A 78 -25.45 -1.78 3.61
C THR A 78 -25.17 -0.28 3.74
N ILE A 79 -25.80 0.36 4.73
CA ILE A 79 -25.62 1.78 4.96
C ILE A 79 -24.17 2.09 5.34
N GLY A 80 -23.47 2.81 4.47
CA GLY A 80 -22.08 3.15 4.71
C GLY A 80 -21.20 2.77 3.54
N LYS A 81 -21.68 1.84 2.72
CA LYS A 81 -20.94 1.38 1.55
C LYS A 81 -20.40 2.54 0.72
N GLU A 82 -21.25 3.54 0.48
CA GLU A 82 -20.85 4.70 -0.30
C GLU A 82 -19.59 5.35 0.29
N GLU A 83 -19.67 5.73 1.56
CA GLU A 83 -18.54 6.35 2.24
C GLU A 83 -17.30 5.47 2.12
N ILE A 84 -17.48 4.17 2.38
CA ILE A 84 -16.39 3.22 2.30
C ILE A 84 -15.75 3.23 0.92
N GLN A 85 -16.58 3.15 -0.12
CA GLN A 85 -16.09 3.16 -1.49
C GLN A 85 -15.23 4.39 -1.75
N GLN A 86 -15.70 5.54 -1.27
CA GLN A 86 -14.96 6.80 -1.43
C GLN A 86 -13.58 6.66 -0.80
N ARG A 87 -13.55 6.19 0.45
CA ARG A 87 -12.30 6.00 1.18
C ARG A 87 -11.38 5.04 0.41
N LEU A 88 -11.92 3.90 0.02
CA LEU A 88 -11.16 2.90 -0.71
C LEU A 88 -10.54 3.52 -1.97
N ALA A 89 -11.34 4.32 -2.69
CA ALA A 89 -10.86 4.97 -3.90
C ALA A 89 -9.61 5.79 -3.60
N GLN A 90 -9.63 6.51 -2.49
CA GLN A 90 -8.49 7.32 -2.08
C GLN A 90 -7.28 6.43 -1.87
N PHE A 91 -7.48 5.34 -1.13
CA PHE A 91 -6.40 4.40 -0.84
C PHE A 91 -5.73 3.95 -2.13
N VAL A 92 -6.53 3.52 -3.10
CA VAL A 92 -6.01 3.07 -4.38
C VAL A 92 -5.15 4.17 -5.00
N ASP A 93 -5.72 5.37 -5.12
CA ASP A 93 -4.99 6.50 -5.68
C ASP A 93 -3.62 6.64 -5.03
N HIS A 94 -3.62 6.69 -3.70
CA HIS A 94 -2.37 6.79 -2.97
C HIS A 94 -1.44 5.66 -3.38
N TRP A 95 -1.91 4.43 -3.22
CA TRP A 95 -1.13 3.26 -3.57
C TRP A 95 -0.44 3.43 -4.91
N LYS A 96 -1.16 3.95 -5.90
CA LYS A 96 -0.59 4.17 -7.22
C LYS A 96 0.71 4.97 -7.13
N GLU A 97 0.64 6.12 -6.48
CA GLU A 97 1.81 6.98 -6.34
C GLU A 97 2.97 6.23 -5.67
N LEU A 98 2.65 5.47 -4.62
CA LEU A 98 3.66 4.72 -3.89
C LEU A 98 4.30 3.67 -4.80
N LYS A 99 3.49 2.94 -5.55
CA LYS A 99 3.97 1.92 -6.45
C LYS A 99 4.93 2.56 -7.47
N GLN A 100 4.52 3.70 -8.02
CA GLN A 100 5.34 4.42 -8.98
C GLN A 100 6.69 4.76 -8.35
N LEU A 101 6.66 5.43 -7.20
CA LEU A 101 7.88 5.80 -6.50
C LEU A 101 8.82 4.60 -6.39
N ALA A 102 8.28 3.47 -5.94
CA ALA A 102 9.07 2.25 -5.81
C ALA A 102 9.84 1.97 -7.10
N ALA A 103 9.12 1.95 -8.22
CA ALA A 103 9.74 1.70 -9.51
C ALA A 103 10.90 2.66 -9.75
N ALA A 104 10.66 3.95 -9.50
CA ALA A 104 11.68 4.97 -9.68
C ALA A 104 12.95 4.58 -8.92
N ARG A 105 12.77 4.17 -7.67
CA ARG A 105 13.90 3.75 -6.84
C ARG A 105 14.73 2.70 -7.56
N GLY A 106 14.06 1.67 -8.06
CA GLY A 106 14.75 0.61 -8.79
C GLY A 106 15.59 1.16 -9.94
N GLN A 107 15.05 2.13 -10.65
CA GLN A 107 15.75 2.75 -11.78
C GLN A 107 16.87 3.66 -11.27
N HIS A 10 -17.20 -4.33 10.94
CA HIS A 10 -16.32 -3.65 11.90
C HIS A 10 -14.87 -4.08 11.67
N GLN A 11 -14.62 -5.38 11.63
CA GLN A 11 -13.27 -5.88 11.40
C GLN A 11 -12.76 -5.37 10.06
N PHE A 12 -13.62 -5.42 9.04
CA PHE A 12 -13.22 -4.95 7.71
C PHE A 12 -12.58 -3.57 7.83
N PHE A 13 -13.31 -2.64 8.45
CA PHE A 13 -12.78 -1.29 8.63
C PHE A 13 -11.39 -1.36 9.27
N ARG A 14 -11.25 -2.19 10.30
CA ARG A 14 -9.97 -2.37 10.98
C ARG A 14 -8.91 -2.77 9.95
N ASP A 15 -9.20 -3.83 9.20
CA ASP A 15 -8.27 -4.30 8.17
C ASP A 15 -7.89 -3.14 7.25
N MET A 16 -8.91 -2.42 6.79
CA MET A 16 -8.69 -1.26 5.92
C MET A 16 -7.66 -0.32 6.53
N ASP A 17 -7.93 0.13 7.76
CA ASP A 17 -7.02 1.02 8.46
C ASP A 17 -5.62 0.42 8.51
N ASP A 18 -5.54 -0.86 8.87
CA ASP A 18 -4.26 -1.56 8.94
C ASP A 18 -3.51 -1.36 7.63
N GLU A 19 -4.21 -1.56 6.52
CA GLU A 19 -3.62 -1.37 5.19
C GLU A 19 -3.19 0.08 5.05
N GLU A 20 -4.15 0.98 5.21
CA GLU A 20 -3.89 2.42 5.15
C GLU A 20 -2.59 2.75 5.90
N SER A 21 -2.38 2.06 7.03
CA SER A 21 -1.19 2.26 7.84
C SER A 21 0.06 1.90 7.03
N TRP A 22 0.00 0.76 6.34
CA TRP A 22 1.11 0.30 5.51
C TRP A 22 1.61 1.45 4.63
N ILE A 23 0.67 2.15 3.99
CA ILE A 23 1.00 3.28 3.14
C ILE A 23 2.02 4.18 3.84
N LYS A 24 1.63 4.71 4.99
CA LYS A 24 2.50 5.58 5.77
C LYS A 24 3.86 4.92 6.00
N GLU A 25 3.84 3.63 6.32
CA GLU A 25 5.08 2.89 6.57
C GLU A 25 6.00 2.94 5.36
N LYS A 26 5.46 2.63 4.18
CA LYS A 26 6.24 2.65 2.96
C LYS A 26 6.71 4.07 2.65
N LYS A 27 5.80 5.03 2.76
CA LYS A 27 6.15 6.43 2.52
C LYS A 27 7.34 6.83 3.38
N LEU A 28 7.32 6.38 4.64
CA LEU A 28 8.40 6.67 5.57
C LEU A 28 9.69 5.97 5.12
N LEU A 29 9.53 4.75 4.62
CA LEU A 29 10.67 3.97 4.14
C LEU A 29 11.41 4.74 3.05
N VAL A 30 10.65 5.30 2.11
CA VAL A 30 11.23 6.08 1.02
C VAL A 30 12.17 7.13 1.59
N SER A 31 11.67 7.89 2.55
CA SER A 31 12.46 8.94 3.18
C SER A 31 13.72 8.34 3.81
N SER A 32 13.58 7.14 4.36
CA SER A 32 14.70 6.46 4.99
C SER A 32 15.80 6.17 3.97
N GLU A 33 15.41 5.60 2.83
CA GLU A 33 16.37 5.29 1.77
C GLU A 33 17.11 6.56 1.33
N ASP A 34 16.36 7.64 1.16
CA ASP A 34 16.94 8.91 0.75
C ASP A 34 18.08 9.32 1.69
N TYR A 35 17.76 9.45 2.98
CA TYR A 35 18.76 9.83 3.98
C TYR A 35 19.90 8.82 4.03
N GLY A 36 19.54 7.54 3.93
CA GLY A 36 20.54 6.48 3.97
C GLY A 36 21.51 6.55 2.82
N ARG A 37 22.81 6.55 3.14
CA ARG A 37 23.85 6.61 2.13
C ARG A 37 24.91 5.56 2.39
N ASP A 38 24.58 4.32 2.03
CA ASP A 38 25.52 3.22 2.19
C ASP A 38 26.78 3.50 1.38
N LEU A 39 26.61 4.30 0.32
CA LEU A 39 27.69 4.69 -0.58
C LEU A 39 27.85 3.65 -1.68
N THR A 40 26.73 3.02 -2.03
CA THR A 40 26.73 2.01 -3.08
C THR A 40 25.39 2.03 -3.83
N GLY A 41 25.39 2.64 -5.02
CA GLY A 41 24.18 2.72 -5.80
C GLY A 41 23.56 1.35 -6.05
N VAL A 42 24.36 0.42 -6.54
CA VAL A 42 23.89 -0.93 -6.84
C VAL A 42 23.23 -1.60 -5.63
N GLN A 43 23.94 -1.71 -4.52
CA GLN A 43 23.40 -2.34 -3.32
C GLN A 43 22.17 -1.57 -2.84
N ASN A 44 22.28 -0.25 -2.82
CA ASN A 44 21.17 0.59 -2.37
C ASN A 44 19.94 0.37 -3.26
N LEU A 45 20.18 0.19 -4.56
CA LEU A 45 19.10 -0.06 -5.51
C LEU A 45 18.43 -1.39 -5.19
N ARG A 46 19.25 -2.45 -5.16
CA ARG A 46 18.75 -3.79 -4.85
C ARG A 46 17.95 -3.76 -3.55
N LYS A 47 18.36 -2.88 -2.65
CA LYS A 47 17.70 -2.72 -1.37
C LYS A 47 16.26 -2.26 -1.56
N LYS A 48 16.10 -1.15 -2.29
CA LYS A 48 14.78 -0.60 -2.56
C LYS A 48 13.94 -1.64 -3.30
N HIS A 49 14.57 -2.37 -4.20
CA HIS A 49 13.90 -3.41 -4.97
C HIS A 49 13.30 -4.46 -4.04
N LYS A 50 14.15 -5.04 -3.19
CA LYS A 50 13.70 -6.06 -2.24
C LYS A 50 12.56 -5.53 -1.38
N ARG A 51 12.67 -4.26 -1.00
CA ARG A 51 11.65 -3.63 -0.18
C ARG A 51 10.31 -3.65 -0.92
N LEU A 52 10.34 -3.18 -2.17
CA LEU A 52 9.14 -3.15 -3.00
C LEU A 52 8.59 -4.56 -3.20
N GLU A 53 9.49 -5.49 -3.47
CA GLU A 53 9.11 -6.89 -3.67
C GLU A 53 8.35 -7.41 -2.46
N ALA A 54 8.87 -7.14 -1.27
CA ALA A 54 8.21 -7.57 -0.04
C ALA A 54 6.85 -6.90 0.08
N GLU A 55 6.83 -5.60 -0.20
CA GLU A 55 5.59 -4.82 -0.15
C GLU A 55 4.51 -5.46 -1.03
N LEU A 56 4.85 -5.66 -2.31
CA LEU A 56 3.93 -6.25 -3.27
C LEU A 56 3.49 -7.65 -2.89
N ALA A 57 4.44 -8.45 -2.41
CA ALA A 57 4.16 -9.82 -2.01
C ALA A 57 2.94 -9.90 -1.10
N ALA A 58 2.98 -9.11 -0.02
CA ALA A 58 1.89 -9.09 0.95
C ALA A 58 0.71 -8.25 0.48
N HIS A 59 0.99 -7.20 -0.31
CA HIS A 59 -0.04 -6.31 -0.78
C HIS A 59 -0.99 -6.98 -1.77
N GLU A 60 -0.53 -8.00 -2.48
CA GLU A 60 -1.42 -8.66 -3.42
C GLU A 60 -2.58 -9.28 -2.64
N PRO A 61 -2.31 -10.25 -1.75
CA PRO A 61 -3.36 -10.88 -0.95
C PRO A 61 -4.06 -9.89 -0.01
N ALA A 62 -3.28 -8.95 0.53
CA ALA A 62 -3.82 -7.96 1.47
C ALA A 62 -4.67 -6.90 0.78
N ILE A 63 -4.10 -6.25 -0.22
CA ILE A 63 -4.80 -5.20 -0.95
C ILE A 63 -6.02 -5.76 -1.67
N GLN A 64 -5.86 -6.88 -2.37
CA GLN A 64 -6.98 -7.50 -3.07
C GLN A 64 -8.09 -7.84 -2.07
N GLY A 65 -7.71 -8.50 -0.98
CA GLY A 65 -8.67 -8.86 0.03
C GLY A 65 -9.57 -7.71 0.44
N VAL A 66 -8.99 -6.57 0.78
CA VAL A 66 -9.78 -5.41 1.18
C VAL A 66 -10.69 -4.99 0.04
N LEU A 67 -10.12 -4.88 -1.16
CA LEU A 67 -10.87 -4.49 -2.34
C LEU A 67 -12.09 -5.40 -2.55
N ASP A 68 -11.85 -6.71 -2.51
CA ASP A 68 -12.94 -7.68 -2.69
C ASP A 68 -14.04 -7.46 -1.66
N THR A 69 -13.64 -7.30 -0.39
CA THR A 69 -14.61 -7.09 0.68
C THR A 69 -15.41 -5.81 0.41
N GLY A 70 -14.70 -4.71 0.13
CA GLY A 70 -15.38 -3.46 -0.15
C GLY A 70 -16.38 -3.60 -1.29
N LYS A 71 -15.95 -4.30 -2.35
CA LYS A 71 -16.82 -4.53 -3.50
C LYS A 71 -18.15 -5.11 -3.06
N LYS A 72 -18.08 -6.11 -2.18
CA LYS A 72 -19.30 -6.74 -1.67
C LYS A 72 -20.20 -5.70 -1.03
N LEU A 73 -19.68 -4.99 -0.04
CA LEU A 73 -20.44 -3.94 0.64
C LEU A 73 -21.17 -3.05 -0.37
N SER A 74 -20.51 -2.77 -1.49
CA SER A 74 -21.06 -1.92 -2.54
C SER A 74 -22.35 -2.47 -3.16
N ASP A 75 -22.47 -3.79 -3.24
CA ASP A 75 -23.66 -4.40 -3.86
C ASP A 75 -24.97 -3.86 -3.27
N ASP A 76 -24.91 -3.34 -2.04
CA ASP A 76 -26.08 -2.76 -1.36
C ASP A 76 -26.02 -3.03 0.15
N ASN A 77 -25.53 -4.22 0.51
CA ASN A 77 -25.43 -4.61 1.91
C ASN A 77 -24.61 -3.61 2.72
N THR A 78 -24.91 -3.52 4.01
CA THR A 78 -24.21 -2.61 4.92
C THR A 78 -24.44 -1.15 4.53
N ILE A 79 -25.22 -0.45 5.36
CA ILE A 79 -25.51 0.97 5.12
C ILE A 79 -24.22 1.78 5.16
N GLY A 80 -24.15 2.83 4.35
CA GLY A 80 -22.97 3.67 4.31
C GLY A 80 -21.98 3.21 3.27
N LYS A 81 -22.30 2.10 2.60
CA LYS A 81 -21.45 1.54 1.57
C LYS A 81 -20.86 2.62 0.66
N GLU A 82 -21.69 3.56 0.25
CA GLU A 82 -21.26 4.66 -0.61
C GLU A 82 -20.04 5.37 -0.01
N GLU A 83 -20.20 5.88 1.21
CA GLU A 83 -19.11 6.57 1.89
C GLU A 83 -17.87 5.69 1.91
N ILE A 84 -18.07 4.43 2.28
CA ILE A 84 -16.97 3.46 2.33
C ILE A 84 -16.29 3.37 0.96
N GLN A 85 -17.11 3.25 -0.08
CA GLN A 85 -16.62 3.16 -1.44
C GLN A 85 -15.67 4.32 -1.75
N GLN A 86 -16.06 5.52 -1.33
CA GLN A 86 -15.22 6.70 -1.53
C GLN A 86 -13.88 6.51 -0.85
N ARG A 87 -13.92 6.17 0.43
CA ARG A 87 -12.71 5.95 1.22
C ARG A 87 -11.83 4.89 0.57
N LEU A 88 -12.45 3.78 0.18
CA LEU A 88 -11.74 2.68 -0.46
C LEU A 88 -11.06 3.18 -1.73
N ALA A 89 -11.80 3.93 -2.53
CA ALA A 89 -11.27 4.49 -3.77
C ALA A 89 -10.07 5.38 -3.48
N GLN A 90 -10.12 6.04 -2.32
CA GLN A 90 -9.03 6.92 -1.90
C GLN A 90 -7.77 6.11 -1.65
N PHE A 91 -7.92 5.00 -0.91
CA PHE A 91 -6.79 4.14 -0.61
C PHE A 91 -6.09 3.73 -1.89
N VAL A 92 -6.88 3.29 -2.87
CA VAL A 92 -6.32 2.88 -4.16
C VAL A 92 -5.47 4.00 -4.73
N ASP A 93 -6.05 5.20 -4.82
CA ASP A 93 -5.33 6.36 -5.33
C ASP A 93 -4.01 6.49 -4.59
N HIS A 94 -4.07 6.46 -3.27
CA HIS A 94 -2.88 6.56 -2.43
C HIS A 94 -1.84 5.55 -2.89
N TRP A 95 -2.21 4.27 -2.88
CA TRP A 95 -1.30 3.21 -3.29
C TRP A 95 -0.72 3.50 -4.67
N LYS A 96 -1.57 3.95 -5.58
CA LYS A 96 -1.14 4.27 -6.93
C LYS A 96 0.04 5.24 -6.90
N GLU A 97 -0.12 6.33 -6.16
CA GLU A 97 0.94 7.33 -6.05
C GLU A 97 2.21 6.69 -5.49
N LEU A 98 2.05 5.92 -4.42
CA LEU A 98 3.19 5.25 -3.78
C LEU A 98 3.93 4.37 -4.78
N LYS A 99 3.16 3.59 -5.55
CA LYS A 99 3.76 2.70 -6.55
C LYS A 99 4.63 3.50 -7.51
N GLN A 100 4.08 4.57 -8.05
CA GLN A 100 4.85 5.42 -8.98
C GLN A 100 6.09 5.97 -8.28
N LEU A 101 5.90 6.55 -7.10
CA LEU A 101 7.00 7.09 -6.32
C LEU A 101 8.11 6.06 -6.16
N ALA A 102 7.73 4.83 -5.81
CA ALA A 102 8.68 3.75 -5.64
C ALA A 102 9.57 3.60 -6.87
N ALA A 103 8.94 3.49 -8.04
CA ALA A 103 9.67 3.35 -9.30
C ALA A 103 10.71 4.45 -9.45
N ALA A 104 10.28 5.70 -9.22
CA ALA A 104 11.17 6.84 -9.32
C ALA A 104 12.36 6.70 -8.38
N ARG A 105 12.08 6.31 -7.14
CA ARG A 105 13.12 6.14 -6.13
C ARG A 105 14.16 5.15 -6.63
N GLY A 106 13.70 4.07 -7.26
CA GLY A 106 14.60 3.05 -7.78
C GLY A 106 15.55 3.63 -8.81
N GLN A 107 15.03 4.48 -9.69
CA GLN A 107 15.84 5.10 -10.73
C GLN A 107 17.08 5.76 -10.12
N HIS A 10 -17.34 -3.61 10.30
CA HIS A 10 -16.50 -3.00 11.33
C HIS A 10 -15.04 -3.42 11.18
N GLN A 11 -14.78 -4.73 11.16
CA GLN A 11 -13.42 -5.23 11.03
C GLN A 11 -12.84 -4.83 9.68
N PHE A 12 -13.67 -4.86 8.65
CA PHE A 12 -13.24 -4.49 7.30
C PHE A 12 -12.65 -3.09 7.31
N PHE A 13 -13.34 -2.16 7.97
CA PHE A 13 -12.86 -0.79 8.05
C PHE A 13 -11.46 -0.76 8.64
N ARG A 14 -11.31 -1.40 9.79
CA ARG A 14 -10.00 -1.47 10.45
C ARG A 14 -8.97 -2.06 9.50
N ASP A 15 -9.32 -3.19 8.88
CA ASP A 15 -8.44 -3.85 7.93
C ASP A 15 -7.94 -2.85 6.89
N MET A 16 -8.86 -2.15 6.23
CA MET A 16 -8.49 -1.16 5.22
C MET A 16 -7.51 -0.15 5.80
N ASP A 17 -7.89 0.44 6.93
CA ASP A 17 -7.03 1.42 7.59
C ASP A 17 -5.64 0.84 7.84
N ASP A 18 -5.59 -0.39 8.33
CA ASP A 18 -4.32 -1.05 8.61
C ASP A 18 -3.41 -1.02 7.39
N GLU A 19 -3.97 -1.35 6.22
CA GLU A 19 -3.18 -1.32 4.99
C GLU A 19 -2.80 0.12 4.67
N GLU A 20 -3.81 0.98 4.54
CA GLU A 20 -3.58 2.39 4.26
C GLU A 20 -2.50 2.93 5.22
N SER A 21 -2.52 2.43 6.45
CA SER A 21 -1.56 2.84 7.46
C SER A 21 -0.17 2.38 7.06
N TRP A 22 -0.06 1.12 6.64
CA TRP A 22 1.22 0.57 6.19
C TRP A 22 1.84 1.48 5.13
N ILE A 23 1.01 1.96 4.21
CA ILE A 23 1.48 2.86 3.16
C ILE A 23 2.32 3.99 3.75
N LYS A 24 1.71 4.73 4.67
CA LYS A 24 2.38 5.85 5.34
C LYS A 24 3.75 5.43 5.86
N GLU A 25 3.79 4.34 6.63
CA GLU A 25 5.03 3.86 7.20
C GLU A 25 6.07 3.61 6.12
N LYS A 26 5.68 2.95 5.03
CA LYS A 26 6.61 2.68 3.95
C LYS A 26 7.10 3.97 3.32
N LYS A 27 6.17 4.88 3.01
CA LYS A 27 6.56 6.16 2.42
C LYS A 27 7.68 6.81 3.25
N LEU A 28 7.56 6.70 4.57
CA LEU A 28 8.57 7.25 5.46
C LEU A 28 9.87 6.46 5.34
N LEU A 29 9.73 5.16 5.17
CA LEU A 29 10.89 4.27 5.03
C LEU A 29 11.69 4.62 3.79
N VAL A 30 10.99 4.84 2.68
CA VAL A 30 11.65 5.18 1.41
C VAL A 30 12.45 6.46 1.54
N SER A 31 11.85 7.47 2.18
CA SER A 31 12.52 8.75 2.38
C SER A 31 13.87 8.56 3.05
N SER A 32 13.94 7.55 3.93
CA SER A 32 15.18 7.25 4.65
C SER A 32 16.12 6.43 3.76
N GLU A 33 15.58 5.38 3.16
CA GLU A 33 16.37 4.51 2.28
C GLU A 33 17.15 5.33 1.27
N ASP A 34 16.48 6.29 0.64
CA ASP A 34 17.11 7.15 -0.35
C ASP A 34 18.19 8.00 0.30
N TYR A 35 19.44 7.76 -0.12
CA TYR A 35 20.58 8.51 0.41
C TYR A 35 20.66 8.37 1.93
N GLY A 36 20.44 7.15 2.41
CA GLY A 36 20.48 6.89 3.85
C GLY A 36 21.89 6.75 4.38
N ARG A 37 22.12 5.75 5.22
CA ARG A 37 23.43 5.51 5.82
C ARG A 37 23.52 4.09 6.37
N ASP A 38 22.85 3.86 7.51
CA ASP A 38 22.84 2.55 8.16
C ASP A 38 24.24 1.92 8.23
N LEU A 39 25.28 2.74 8.09
CA LEU A 39 26.66 2.25 8.14
C LEU A 39 26.87 1.10 7.15
N THR A 40 25.94 0.99 6.19
CA THR A 40 25.98 -0.05 5.17
C THR A 40 24.96 0.30 4.09
N GLY A 41 25.07 1.51 3.54
CA GLY A 41 24.13 1.98 2.54
C GLY A 41 23.87 1.01 1.40
N VAL A 42 24.90 0.68 0.63
CA VAL A 42 24.74 -0.20 -0.52
C VAL A 42 24.06 -1.53 -0.20
N GLN A 43 24.66 -2.33 0.66
CA GLN A 43 24.09 -3.63 1.02
C GLN A 43 22.74 -3.50 1.69
N ASN A 44 22.60 -2.49 2.53
CA ASN A 44 21.34 -2.26 3.23
C ASN A 44 20.26 -1.80 2.25
N LEU A 45 20.68 -1.07 1.22
CA LEU A 45 19.76 -0.58 0.21
C LEU A 45 19.16 -1.75 -0.56
N ARG A 46 20.02 -2.57 -1.17
CA ARG A 46 19.56 -3.72 -1.93
C ARG A 46 18.71 -4.65 -1.07
N LYS A 47 19.12 -4.83 0.18
CA LYS A 47 18.38 -5.70 1.10
C LYS A 47 16.99 -5.10 1.37
N LYS A 48 16.96 -3.81 1.67
CA LYS A 48 15.70 -3.12 1.93
C LYS A 48 14.82 -3.17 0.68
N HIS A 49 15.43 -2.96 -0.48
CA HIS A 49 14.70 -2.99 -1.74
C HIS A 49 14.05 -4.34 -1.94
N LYS A 50 14.84 -5.42 -1.80
CA LYS A 50 14.32 -6.77 -1.95
C LYS A 50 13.09 -6.96 -1.08
N ARG A 51 13.14 -6.44 0.14
CA ARG A 51 12.02 -6.55 1.06
C ARG A 51 10.85 -5.73 0.55
N LEU A 52 11.14 -4.54 0.03
CA LEU A 52 10.11 -3.66 -0.51
C LEU A 52 9.37 -4.36 -1.65
N GLU A 53 10.12 -4.93 -2.58
CA GLU A 53 9.52 -5.64 -3.71
C GLU A 53 8.59 -6.73 -3.22
N ALA A 54 9.08 -7.57 -2.32
CA ALA A 54 8.27 -8.65 -1.76
C ALA A 54 7.04 -8.08 -1.07
N GLU A 55 7.25 -7.00 -0.33
CA GLU A 55 6.17 -6.32 0.38
C GLU A 55 5.06 -5.93 -0.59
N LEU A 56 5.43 -5.16 -1.62
CA LEU A 56 4.46 -4.70 -2.61
C LEU A 56 3.68 -5.85 -3.23
N ALA A 57 4.38 -6.95 -3.48
CA ALA A 57 3.76 -8.13 -4.07
C ALA A 57 2.69 -8.71 -3.14
N ALA A 58 3.07 -8.91 -1.89
CA ALA A 58 2.16 -9.48 -0.89
C ALA A 58 1.00 -8.54 -0.55
N HIS A 59 1.22 -7.24 -0.64
CA HIS A 59 0.18 -6.29 -0.33
C HIS A 59 -0.94 -6.34 -1.36
N GLU A 60 -0.58 -6.31 -2.65
CA GLU A 60 -1.58 -6.35 -3.71
C GLU A 60 -2.71 -7.31 -3.35
N PRO A 61 -2.43 -8.62 -3.16
CA PRO A 61 -3.45 -9.58 -2.79
C PRO A 61 -4.46 -8.99 -1.81
N ALA A 62 -3.95 -8.35 -0.77
CA ALA A 62 -4.80 -7.74 0.27
C ALA A 62 -5.35 -6.39 -0.17
N ILE A 63 -4.61 -5.68 -1.02
CA ILE A 63 -5.02 -4.38 -1.51
C ILE A 63 -6.29 -4.53 -2.34
N GLN A 64 -6.27 -5.52 -3.21
CA GLN A 64 -7.44 -5.83 -4.03
C GLN A 64 -8.48 -6.50 -3.15
N GLY A 65 -7.99 -7.40 -2.28
CA GLY A 65 -8.86 -8.10 -1.36
C GLY A 65 -9.77 -7.13 -0.62
N VAL A 66 -9.22 -5.99 -0.20
CA VAL A 66 -10.01 -4.98 0.50
C VAL A 66 -11.16 -4.53 -0.38
N LEU A 67 -10.82 -4.03 -1.57
CA LEU A 67 -11.84 -3.60 -2.52
C LEU A 67 -12.88 -4.69 -2.72
N ASP A 68 -12.42 -5.91 -2.98
CA ASP A 68 -13.30 -7.04 -3.18
C ASP A 68 -14.27 -7.19 -2.02
N THR A 69 -13.74 -7.21 -0.79
CA THR A 69 -14.57 -7.34 0.39
C THR A 69 -15.61 -6.21 0.41
N GLY A 70 -15.13 -4.98 0.24
CA GLY A 70 -16.04 -3.85 0.22
C GLY A 70 -17.19 -4.08 -0.73
N LYS A 71 -16.86 -4.57 -1.93
CA LYS A 71 -17.87 -4.86 -2.93
C LYS A 71 -18.88 -5.87 -2.38
N LYS A 72 -18.37 -6.84 -1.62
CA LYS A 72 -19.23 -7.86 -1.01
C LYS A 72 -20.25 -7.19 -0.11
N LEU A 73 -19.77 -6.30 0.76
CA LEU A 73 -20.64 -5.56 1.66
C LEU A 73 -21.77 -4.91 0.88
N SER A 74 -21.42 -4.32 -0.26
CA SER A 74 -22.38 -3.64 -1.12
C SER A 74 -23.55 -4.54 -1.52
N ASP A 75 -23.24 -5.75 -1.98
CA ASP A 75 -24.28 -6.67 -2.45
C ASP A 75 -25.25 -7.08 -1.32
N ASP A 76 -24.72 -7.31 -0.12
CA ASP A 76 -25.57 -7.72 1.00
C ASP A 76 -26.29 -6.54 1.64
N ASN A 77 -25.69 -5.35 1.55
CA ASN A 77 -26.29 -4.15 2.13
C ASN A 77 -25.63 -2.88 1.59
N THR A 78 -26.39 -1.79 1.58
CA THR A 78 -25.88 -0.51 1.09
C THR A 78 -26.12 0.61 2.12
N ILE A 79 -26.03 0.26 3.39
CA ILE A 79 -26.21 1.24 4.47
C ILE A 79 -24.87 1.84 4.88
N GLY A 80 -24.22 2.49 3.92
CA GLY A 80 -22.92 3.11 4.17
C GLY A 80 -21.93 2.82 3.07
N LYS A 81 -22.31 1.94 2.14
CA LYS A 81 -21.46 1.57 1.02
C LYS A 81 -20.87 2.81 0.36
N GLU A 82 -21.74 3.69 -0.12
CA GLU A 82 -21.31 4.92 -0.79
C GLU A 82 -20.13 5.56 -0.06
N GLU A 83 -20.31 5.88 1.21
CA GLU A 83 -19.25 6.49 2.01
C GLU A 83 -17.98 5.64 1.96
N ILE A 84 -18.15 4.34 2.16
CA ILE A 84 -17.02 3.42 2.12
C ILE A 84 -16.28 3.52 0.80
N GLN A 85 -17.04 3.56 -0.29
CA GLN A 85 -16.47 3.67 -1.63
C GLN A 85 -15.53 4.86 -1.72
N GLN A 86 -16.00 6.02 -1.27
CA GLN A 86 -15.19 7.23 -1.29
C GLN A 86 -13.88 6.99 -0.55
N ARG A 87 -13.98 6.48 0.67
CA ARG A 87 -12.81 6.20 1.49
C ARG A 87 -11.87 5.22 0.77
N LEU A 88 -12.44 4.12 0.28
CA LEU A 88 -11.68 3.10 -0.44
C LEU A 88 -10.92 3.72 -1.61
N ALA A 89 -11.57 4.67 -2.27
CA ALA A 89 -10.95 5.34 -3.41
C ALA A 89 -9.64 6.01 -3.00
N GLN A 90 -9.61 6.53 -1.77
CA GLN A 90 -8.41 7.18 -1.25
C GLN A 90 -7.30 6.16 -1.07
N PHE A 91 -7.66 5.01 -0.48
CA PHE A 91 -6.70 3.94 -0.24
C PHE A 91 -6.03 3.52 -1.55
N VAL A 92 -6.84 3.26 -2.57
CA VAL A 92 -6.30 2.88 -3.87
C VAL A 92 -5.34 3.95 -4.38
N ASP A 93 -5.79 5.20 -4.37
CA ASP A 93 -4.95 6.31 -4.82
C ASP A 93 -3.60 6.28 -4.10
N HIS A 94 -3.65 6.16 -2.77
CA HIS A 94 -2.43 6.10 -1.97
C HIS A 94 -1.51 5.02 -2.51
N TRP A 95 -2.05 3.80 -2.61
CA TRP A 95 -1.29 2.66 -3.12
C TRP A 95 -0.66 3.02 -4.46
N LYS A 96 -1.47 3.58 -5.34
CA LYS A 96 -1.02 3.99 -6.66
C LYS A 96 0.22 4.87 -6.57
N GLU A 97 0.14 5.94 -5.77
CA GLU A 97 1.26 6.85 -5.62
C GLU A 97 2.50 6.09 -5.13
N LEU A 98 2.30 5.21 -4.17
CA LEU A 98 3.38 4.41 -3.61
C LEU A 98 4.04 3.58 -4.71
N LYS A 99 3.20 2.90 -5.49
CA LYS A 99 3.68 2.06 -6.58
C LYS A 99 4.50 2.91 -7.56
N GLN A 100 3.96 4.05 -7.95
CA GLN A 100 4.64 4.97 -8.86
C GLN A 100 5.99 5.38 -8.28
N LEU A 101 5.96 5.85 -7.03
CA LEU A 101 7.19 6.27 -6.36
C LEU A 101 8.21 5.15 -6.38
N ALA A 102 7.77 3.94 -6.04
CA ALA A 102 8.63 2.77 -6.03
C ALA A 102 9.35 2.64 -7.37
N ALA A 103 8.59 2.69 -8.47
CA ALA A 103 9.15 2.58 -9.80
C ALA A 103 10.28 3.59 -9.99
N ALA A 104 9.99 4.85 -9.66
CA ALA A 104 10.99 5.91 -9.78
C ALA A 104 12.23 5.57 -8.96
N ARG A 105 12.00 5.05 -7.76
CA ARG A 105 13.09 4.65 -6.87
C ARG A 105 13.99 3.63 -7.55
N GLY A 106 13.37 2.70 -8.27
CA GLY A 106 14.12 1.67 -8.97
C GLY A 106 15.16 2.26 -9.89
N GLN A 107 14.80 3.36 -10.56
CA GLN A 107 15.72 4.04 -11.46
C GLN A 107 16.94 4.55 -10.70
N HIS A 10 -18.00 -3.91 10.34
CA HIS A 10 -17.09 -3.83 11.49
C HIS A 10 -15.67 -4.23 11.10
N GLN A 11 -15.53 -5.45 10.58
CA GLN A 11 -14.21 -5.93 10.17
C GLN A 11 -13.64 -5.00 9.12
N PHE A 12 -14.46 -4.63 8.15
CA PHE A 12 -14.04 -3.74 7.07
C PHE A 12 -13.34 -2.50 7.66
N PHE A 13 -13.91 -1.96 8.72
CA PHE A 13 -13.32 -0.78 9.36
C PHE A 13 -11.87 -1.05 9.70
N ARG A 14 -11.62 -2.18 10.38
CA ARG A 14 -10.26 -2.55 10.74
C ARG A 14 -9.43 -2.73 9.48
N ASP A 15 -9.97 -3.46 8.51
CA ASP A 15 -9.29 -3.70 7.25
C ASP A 15 -8.75 -2.39 6.66
N MET A 16 -9.61 -1.37 6.61
CA MET A 16 -9.20 -0.07 6.06
C MET A 16 -8.03 0.49 6.88
N ASP A 17 -8.21 0.55 8.20
CA ASP A 17 -7.14 1.05 9.06
C ASP A 17 -5.85 0.28 8.80
N ASP A 18 -5.96 -1.04 8.68
CA ASP A 18 -4.81 -1.89 8.43
C ASP A 18 -4.10 -1.48 7.15
N GLU A 19 -4.86 -1.25 6.08
CA GLU A 19 -4.26 -0.84 4.82
C GLU A 19 -3.62 0.54 4.97
N GLU A 20 -4.39 1.51 5.47
CA GLU A 20 -3.86 2.84 5.70
C GLU A 20 -2.54 2.74 6.45
N SER A 21 -2.51 1.87 7.46
CA SER A 21 -1.31 1.65 8.24
C SER A 21 -0.17 1.17 7.33
N TRP A 22 -0.46 0.15 6.53
CA TRP A 22 0.55 -0.39 5.61
C TRP A 22 1.17 0.74 4.79
N ILE A 23 0.32 1.64 4.27
CA ILE A 23 0.78 2.77 3.49
C ILE A 23 1.91 3.50 4.23
N LYS A 24 1.61 3.96 5.44
CA LYS A 24 2.60 4.66 6.26
C LYS A 24 3.90 3.88 6.33
N GLU A 25 3.79 2.59 6.66
CA GLU A 25 4.94 1.71 6.77
C GLU A 25 5.77 1.73 5.49
N LYS A 26 5.12 1.56 4.34
CA LYS A 26 5.81 1.57 3.06
C LYS A 26 6.45 2.93 2.82
N LYS A 27 5.70 4.00 3.08
CA LYS A 27 6.20 5.36 2.91
C LYS A 27 7.56 5.48 3.60
N LEU A 28 7.66 4.90 4.81
CA LEU A 28 8.90 4.93 5.55
C LEU A 28 10.03 4.32 4.73
N LEU A 29 9.74 3.20 4.08
CA LEU A 29 10.73 2.52 3.24
C LEU A 29 11.28 3.48 2.19
N VAL A 30 10.39 4.25 1.58
CA VAL A 30 10.80 5.23 0.57
C VAL A 30 11.88 6.14 1.14
N SER A 31 11.71 6.52 2.40
CA SER A 31 12.66 7.39 3.09
C SER A 31 13.98 6.66 3.35
N SER A 32 13.92 5.34 3.46
CA SER A 32 15.11 4.52 3.71
C SER A 32 15.87 4.27 2.41
N GLU A 33 15.13 4.12 1.31
CA GLU A 33 15.72 3.87 -0.01
C GLU A 33 16.33 5.14 -0.63
N ASP A 34 16.78 6.05 0.22
CA ASP A 34 17.38 7.30 -0.25
C ASP A 34 18.85 7.08 -0.60
N TYR A 35 19.10 6.61 -1.82
CA TYR A 35 20.45 6.35 -2.30
C TYR A 35 20.44 5.91 -3.76
N GLY A 36 19.25 5.51 -4.24
CA GLY A 36 19.08 5.07 -5.62
C GLY A 36 20.35 4.57 -6.29
N ARG A 37 21.02 5.46 -7.03
CA ARG A 37 22.26 5.15 -7.74
C ARG A 37 23.07 4.05 -7.06
N ASP A 38 23.14 4.07 -5.72
CA ASP A 38 23.88 3.06 -4.97
C ASP A 38 25.26 2.77 -5.57
N LEU A 39 25.82 3.77 -6.25
CA LEU A 39 27.13 3.64 -6.90
C LEU A 39 27.24 2.36 -7.74
N THR A 40 26.10 1.84 -8.17
CA THR A 40 26.04 0.64 -9.00
C THR A 40 24.63 0.41 -9.52
N GLY A 41 24.31 1.05 -10.65
CA GLY A 41 22.98 0.93 -11.22
C GLY A 41 22.54 -0.51 -11.42
N VAL A 42 23.29 -1.27 -12.22
CA VAL A 42 22.94 -2.66 -12.51
C VAL A 42 22.59 -3.46 -11.26
N GLN A 43 23.53 -3.56 -10.32
CA GLN A 43 23.29 -4.30 -9.08
C GLN A 43 22.18 -3.66 -8.28
N ASN A 44 22.11 -2.33 -8.31
CA ASN A 44 21.08 -1.59 -7.59
C ASN A 44 19.71 -1.91 -8.15
N LEU A 45 19.66 -2.17 -9.45
CA LEU A 45 18.40 -2.48 -10.12
C LEU A 45 17.86 -3.81 -9.59
N ARG A 46 18.62 -4.88 -9.77
CA ARG A 46 18.22 -6.20 -9.29
C ARG A 46 18.00 -6.16 -7.78
N LYS A 47 18.80 -5.35 -7.10
CA LYS A 47 18.69 -5.20 -5.65
C LYS A 47 17.35 -4.58 -5.28
N LYS A 48 17.01 -3.47 -5.93
CA LYS A 48 15.75 -2.79 -5.68
C LYS A 48 14.60 -3.75 -5.97
N HIS A 49 14.72 -4.45 -7.10
CA HIS A 49 13.70 -5.41 -7.51
C HIS A 49 13.37 -6.38 -6.37
N LYS A 50 14.39 -7.03 -5.82
CA LYS A 50 14.19 -7.97 -4.73
C LYS A 50 13.32 -7.36 -3.64
N ARG A 51 13.63 -6.13 -3.26
CA ARG A 51 12.86 -5.43 -2.24
C ARG A 51 11.47 -5.12 -2.74
N LEU A 52 11.36 -4.84 -4.03
CA LEU A 52 10.08 -4.52 -4.65
C LEU A 52 9.16 -5.73 -4.61
N GLU A 53 9.71 -6.91 -4.89
CA GLU A 53 8.93 -8.14 -4.86
C GLU A 53 8.28 -8.31 -3.50
N ALA A 54 9.08 -8.21 -2.45
CA ALA A 54 8.57 -8.33 -1.09
C ALA A 54 7.48 -7.30 -0.86
N GLU A 55 7.78 -6.05 -1.21
CA GLU A 55 6.83 -4.96 -1.08
C GLU A 55 5.50 -5.32 -1.74
N LEU A 56 5.57 -5.71 -3.01
CA LEU A 56 4.39 -6.09 -3.78
C LEU A 56 3.55 -7.12 -3.02
N ALA A 57 4.21 -8.11 -2.46
CA ALA A 57 3.52 -9.17 -1.71
C ALA A 57 2.56 -8.58 -0.68
N ALA A 58 3.07 -7.69 0.17
CA ALA A 58 2.25 -7.06 1.21
C ALA A 58 0.95 -6.47 0.67
N HIS A 59 1.00 -5.93 -0.55
CA HIS A 59 -0.18 -5.33 -1.15
C HIS A 59 -1.28 -6.35 -1.36
N GLU A 60 -0.92 -7.61 -1.59
CA GLU A 60 -1.94 -8.62 -1.81
C GLU A 60 -2.83 -8.77 -0.57
N PRO A 61 -2.30 -9.22 0.58
CA PRO A 61 -3.09 -9.37 1.79
C PRO A 61 -3.73 -8.06 2.26
N ALA A 62 -2.99 -6.97 2.17
CA ALA A 62 -3.47 -5.67 2.64
C ALA A 62 -4.48 -5.03 1.66
N ILE A 63 -4.10 -4.95 0.39
CA ILE A 63 -4.96 -4.32 -0.60
C ILE A 63 -6.11 -5.23 -1.02
N GLN A 64 -5.88 -6.53 -1.17
CA GLN A 64 -6.94 -7.45 -1.55
C GLN A 64 -7.99 -7.52 -0.45
N GLY A 65 -7.53 -7.72 0.78
CA GLY A 65 -8.44 -7.78 1.91
C GLY A 65 -9.50 -6.70 1.85
N VAL A 66 -9.06 -5.46 1.64
CA VAL A 66 -9.99 -4.34 1.56
C VAL A 66 -10.96 -4.48 0.39
N LEU A 67 -10.44 -4.60 -0.82
CA LEU A 67 -11.28 -4.73 -2.00
C LEU A 67 -12.27 -5.89 -1.84
N ASP A 68 -11.80 -7.02 -1.32
CA ASP A 68 -12.64 -8.19 -1.11
C ASP A 68 -13.83 -7.84 -0.22
N THR A 69 -13.56 -7.22 0.93
CA THR A 69 -14.62 -6.84 1.85
C THR A 69 -15.56 -5.84 1.18
N GLY A 70 -14.98 -4.81 0.56
CA GLY A 70 -15.80 -3.82 -0.13
C GLY A 70 -16.74 -4.47 -1.11
N LYS A 71 -16.23 -5.45 -1.86
CA LYS A 71 -17.04 -6.17 -2.84
C LYS A 71 -18.19 -6.89 -2.14
N LYS A 72 -17.90 -7.43 -0.95
CA LYS A 72 -18.92 -8.13 -0.16
C LYS A 72 -20.06 -7.18 0.19
N LEU A 73 -19.71 -5.96 0.60
CA LEU A 73 -20.72 -4.96 0.96
C LEU A 73 -21.66 -4.73 -0.22
N SER A 74 -21.08 -4.67 -1.42
CA SER A 74 -21.86 -4.46 -2.63
C SER A 74 -22.85 -5.59 -2.86
N ASP A 75 -22.37 -6.83 -2.74
CA ASP A 75 -23.23 -8.00 -2.93
C ASP A 75 -24.48 -7.89 -2.06
N ASP A 76 -24.30 -7.42 -0.84
CA ASP A 76 -25.41 -7.26 0.10
C ASP A 76 -26.21 -6.01 -0.26
N ASN A 77 -25.51 -5.00 -0.79
CA ASN A 77 -26.12 -3.73 -1.18
C ASN A 77 -26.40 -2.85 0.02
N THR A 78 -25.34 -2.53 0.76
CA THR A 78 -25.46 -1.67 1.95
C THR A 78 -25.75 -0.23 1.54
N ILE A 79 -26.73 0.39 2.20
CA ILE A 79 -27.09 1.76 1.90
C ILE A 79 -25.96 2.70 2.29
N GLY A 80 -25.13 3.06 1.31
CA GLY A 80 -24.00 3.94 1.55
C GLY A 80 -22.74 3.43 0.89
N LYS A 81 -22.74 2.17 0.50
CA LYS A 81 -21.58 1.55 -0.15
C LYS A 81 -20.97 2.48 -1.20
N GLU A 82 -21.81 3.17 -1.96
CA GLU A 82 -21.34 4.10 -2.98
C GLU A 82 -20.35 5.10 -2.39
N GLU A 83 -20.77 5.76 -1.31
CA GLU A 83 -19.90 6.73 -0.64
C GLU A 83 -18.61 6.05 -0.21
N ILE A 84 -18.74 4.86 0.38
CA ILE A 84 -17.60 4.10 0.83
C ILE A 84 -16.59 3.92 -0.30
N GLN A 85 -17.09 3.56 -1.48
CA GLN A 85 -16.24 3.37 -2.65
C GLN A 85 -15.36 4.60 -2.85
N GLN A 86 -15.97 5.78 -2.82
CA GLN A 86 -15.24 7.04 -2.98
C GLN A 86 -14.12 7.12 -1.95
N ARG A 87 -14.47 6.86 -0.69
CA ARG A 87 -13.51 6.90 0.41
C ARG A 87 -12.32 5.98 0.09
N LEU A 88 -12.63 4.74 -0.26
CA LEU A 88 -11.59 3.77 -0.59
C LEU A 88 -10.77 4.27 -1.78
N ALA A 89 -11.43 4.95 -2.71
CA ALA A 89 -10.77 5.50 -3.89
C ALA A 89 -9.64 6.44 -3.49
N GLN A 90 -9.79 7.09 -2.35
CA GLN A 90 -8.76 8.00 -1.86
C GLN A 90 -7.52 7.23 -1.46
N PHE A 91 -7.71 6.17 -0.67
CA PHE A 91 -6.59 5.34 -0.24
C PHE A 91 -5.81 4.88 -1.47
N VAL A 92 -6.54 4.39 -2.47
CA VAL A 92 -5.93 3.93 -3.70
C VAL A 92 -5.04 5.02 -4.30
N ASP A 93 -5.63 6.21 -4.51
CA ASP A 93 -4.87 7.33 -5.06
C ASP A 93 -3.56 7.48 -4.29
N HIS A 94 -3.66 7.48 -2.97
CA HIS A 94 -2.48 7.59 -2.12
C HIS A 94 -1.46 6.54 -2.53
N TRP A 95 -1.87 5.28 -2.46
CA TRP A 95 -0.99 4.16 -2.86
C TRP A 95 -0.33 4.48 -4.20
N LYS A 96 -1.14 4.95 -5.14
CA LYS A 96 -0.66 5.32 -6.47
C LYS A 96 0.58 6.20 -6.36
N GLU A 97 0.46 7.27 -5.57
CA GLU A 97 1.57 8.20 -5.38
C GLU A 97 2.83 7.47 -4.94
N LEU A 98 2.67 6.61 -3.92
CA LEU A 98 3.79 5.84 -3.39
C LEU A 98 4.46 5.04 -4.51
N LYS A 99 3.63 4.39 -5.33
CA LYS A 99 4.13 3.58 -6.45
C LYS A 99 5.00 4.45 -7.35
N GLN A 100 4.45 5.60 -7.76
CA GLN A 100 5.18 6.52 -8.62
C GLN A 100 6.53 6.88 -7.99
N LEU A 101 6.49 7.31 -6.73
CA LEU A 101 7.71 7.67 -6.01
C LEU A 101 8.74 6.55 -6.10
N ALA A 102 8.28 5.31 -5.82
CA ALA A 102 9.15 4.15 -5.87
C ALA A 102 9.89 4.07 -7.21
N ALA A 103 9.14 4.22 -8.29
CA ALA A 103 9.72 4.18 -9.63
C ALA A 103 10.71 5.32 -9.83
N ALA A 104 10.35 6.51 -9.35
CA ALA A 104 11.21 7.68 -9.47
C ALA A 104 12.53 7.46 -8.76
N ARG A 105 12.48 6.77 -7.62
CA ARG A 105 13.68 6.50 -6.83
C ARG A 105 14.68 5.68 -7.64
N GLY A 106 14.21 4.63 -8.30
CA GLY A 106 15.08 3.79 -9.09
C GLY A 106 15.71 4.52 -10.26
N GLN A 107 14.94 5.43 -10.86
CA GLN A 107 15.42 6.20 -12.00
C GLN A 107 16.34 7.33 -11.55
N HIS A 10 -18.64 -2.36 10.72
CA HIS A 10 -17.85 -2.28 11.94
C HIS A 10 -16.44 -2.84 11.74
N GLN A 11 -16.35 -4.10 11.36
CA GLN A 11 -15.04 -4.73 11.14
C GLN A 11 -14.31 -3.99 10.03
N PHE A 12 -14.98 -3.77 8.90
CA PHE A 12 -14.38 -3.07 7.79
C PHE A 12 -13.77 -1.76 8.29
N PHE A 13 -14.39 -1.15 9.30
CA PHE A 13 -13.85 0.08 9.88
C PHE A 13 -12.40 -0.16 10.26
N ARG A 14 -12.15 -1.28 10.93
CA ARG A 14 -10.79 -1.66 11.30
C ARG A 14 -9.97 -1.79 10.03
N ASP A 15 -10.53 -2.52 9.06
CA ASP A 15 -9.86 -2.69 7.77
C ASP A 15 -9.46 -1.33 7.20
N MET A 16 -10.35 -0.36 7.31
CA MET A 16 -10.09 1.00 6.84
C MET A 16 -8.79 1.51 7.43
N ASP A 17 -8.73 1.50 8.76
CA ASP A 17 -7.52 1.92 9.45
C ASP A 17 -6.34 1.10 8.91
N ASP A 18 -6.54 -0.21 8.81
CA ASP A 18 -5.50 -1.09 8.29
C ASP A 18 -5.00 -0.55 6.95
N GLU A 19 -5.93 -0.08 6.12
CA GLU A 19 -5.56 0.49 4.82
C GLU A 19 -4.54 1.60 5.02
N GLU A 20 -5.00 2.66 5.65
CA GLU A 20 -4.15 3.80 5.97
C GLU A 20 -2.86 3.33 6.63
N SER A 21 -2.99 2.28 7.44
CA SER A 21 -1.84 1.73 8.14
C SER A 21 -0.79 1.27 7.13
N TRP A 22 -1.25 0.75 5.98
CA TRP A 22 -0.32 0.32 4.95
C TRP A 22 0.62 1.46 4.61
N ILE A 23 0.05 2.58 4.17
CA ILE A 23 0.86 3.74 3.81
C ILE A 23 2.01 3.91 4.79
N LYS A 24 1.69 3.96 6.08
CA LYS A 24 2.71 4.12 7.12
C LYS A 24 3.77 3.03 6.99
N GLU A 25 3.32 1.78 6.92
CA GLU A 25 4.22 0.63 6.81
C GLU A 25 5.11 0.74 5.57
N LYS A 26 4.53 1.16 4.46
CA LYS A 26 5.27 1.32 3.22
C LYS A 26 6.26 2.46 3.35
N LYS A 27 5.80 3.59 3.90
CA LYS A 27 6.67 4.75 4.11
C LYS A 27 7.93 4.30 4.81
N LEU A 28 7.78 3.41 5.79
CA LEU A 28 8.92 2.88 6.53
C LEU A 28 9.93 2.28 5.57
N LEU A 29 9.44 1.46 4.65
CA LEU A 29 10.30 0.84 3.65
C LEU A 29 11.09 1.90 2.89
N VAL A 30 10.39 2.94 2.46
CA VAL A 30 11.01 4.03 1.73
C VAL A 30 12.10 4.69 2.59
N SER A 31 11.84 4.75 3.89
CA SER A 31 12.79 5.35 4.83
C SER A 31 14.11 4.57 4.81
N SER A 32 14.02 3.26 4.60
CA SER A 32 15.20 2.41 4.53
C SER A 32 15.83 2.51 3.16
N GLU A 33 14.98 2.58 2.13
CA GLU A 33 15.40 2.69 0.75
C GLU A 33 16.29 1.51 0.34
N ASP A 34 16.17 0.40 1.05
CA ASP A 34 16.94 -0.80 0.74
C ASP A 34 18.44 -0.55 0.74
N TYR A 35 18.88 0.57 1.33
CA TYR A 35 20.29 0.90 1.37
C TYR A 35 21.10 -0.27 1.93
N GLY A 36 22.34 -0.40 1.48
CA GLY A 36 23.20 -1.48 1.95
C GLY A 36 24.08 -2.04 0.86
N ARG A 37 25.31 -1.53 0.79
CA ARG A 37 26.28 -1.97 -0.22
C ARG A 37 25.73 -1.81 -1.63
N ASP A 38 25.93 -0.64 -2.21
CA ASP A 38 25.47 -0.34 -3.56
C ASP A 38 26.62 -0.43 -4.56
N LEU A 39 27.84 -0.29 -4.04
CA LEU A 39 29.06 -0.36 -4.87
C LEU A 39 28.97 -1.49 -5.90
N THR A 40 28.54 -2.66 -5.44
CA THR A 40 28.40 -3.81 -6.32
C THR A 40 27.15 -3.66 -7.18
N GLY A 41 27.18 -2.70 -8.11
CA GLY A 41 26.05 -2.45 -8.97
C GLY A 41 25.31 -3.69 -9.40
N VAL A 42 26.06 -4.75 -9.73
CA VAL A 42 25.44 -6.00 -10.16
C VAL A 42 24.47 -6.55 -9.11
N GLN A 43 24.97 -6.84 -7.92
CA GLN A 43 24.14 -7.36 -6.85
C GLN A 43 23.14 -6.30 -6.42
N ASN A 44 23.51 -5.05 -6.62
CA ASN A 44 22.65 -3.92 -6.25
C ASN A 44 21.40 -3.91 -7.12
N LEU A 45 21.58 -4.13 -8.42
CA LEU A 45 20.46 -4.15 -9.36
C LEU A 45 19.51 -5.28 -8.99
N ARG A 46 20.05 -6.49 -8.89
CA ARG A 46 19.24 -7.65 -8.54
C ARG A 46 18.54 -7.41 -7.21
N LYS A 47 19.26 -6.82 -6.25
CA LYS A 47 18.70 -6.51 -4.95
C LYS A 47 17.49 -5.60 -5.08
N LYS A 48 17.65 -4.54 -5.88
CA LYS A 48 16.57 -3.59 -6.12
C LYS A 48 15.34 -4.32 -6.67
N HIS A 49 15.55 -5.07 -7.75
CA HIS A 49 14.47 -5.82 -8.37
C HIS A 49 13.75 -6.67 -7.32
N LYS A 50 14.53 -7.39 -6.51
CA LYS A 50 13.99 -8.22 -5.46
C LYS A 50 13.05 -7.43 -4.56
N ARG A 51 13.50 -6.23 -4.18
CA ARG A 51 12.69 -5.36 -3.33
C ARG A 51 11.37 -5.03 -4.02
N LEU A 52 11.45 -4.78 -5.32
CA LEU A 52 10.27 -4.45 -6.12
C LEU A 52 9.27 -5.60 -6.05
N GLU A 53 9.71 -6.79 -6.42
CA GLU A 53 8.85 -7.97 -6.40
C GLU A 53 8.26 -8.17 -5.00
N ALA A 54 9.10 -8.05 -3.98
CA ALA A 54 8.65 -8.20 -2.60
C ALA A 54 7.54 -7.20 -2.31
N GLU A 55 7.77 -5.94 -2.68
CA GLU A 55 6.81 -4.87 -2.47
C GLU A 55 5.45 -5.26 -3.05
N LEU A 56 5.43 -5.59 -4.34
CA LEU A 56 4.21 -5.97 -5.02
C LEU A 56 3.56 -7.18 -4.36
N ALA A 57 4.40 -8.12 -3.92
CA ALA A 57 3.91 -9.33 -3.28
C ALA A 57 3.16 -9.01 -2.00
N ALA A 58 3.66 -8.01 -1.26
CA ALA A 58 3.04 -7.61 0.00
C ALA A 58 1.83 -6.69 -0.24
N HIS A 59 1.83 -5.99 -1.37
CA HIS A 59 0.73 -5.09 -1.70
C HIS A 59 -0.52 -5.85 -2.08
N GLU A 60 -0.35 -6.92 -2.84
CA GLU A 60 -1.48 -7.71 -3.30
C GLU A 60 -2.36 -8.17 -2.12
N PRO A 61 -1.82 -8.95 -1.17
CA PRO A 61 -2.59 -9.43 -0.03
C PRO A 61 -3.20 -8.29 0.80
N ALA A 62 -2.37 -7.33 1.17
CA ALA A 62 -2.80 -6.19 1.99
C ALA A 62 -3.96 -5.45 1.34
N ILE A 63 -3.80 -5.08 0.08
CA ILE A 63 -4.81 -4.35 -0.65
C ILE A 63 -6.05 -5.21 -0.90
N GLN A 64 -5.84 -6.35 -1.56
CA GLN A 64 -6.94 -7.26 -1.85
C GLN A 64 -7.81 -7.49 -0.63
N GLY A 65 -7.17 -7.80 0.49
CA GLY A 65 -7.91 -8.02 1.73
C GLY A 65 -8.97 -6.96 1.96
N VAL A 66 -8.56 -5.70 1.96
CA VAL A 66 -9.50 -4.60 2.17
C VAL A 66 -10.59 -4.61 1.10
N LEU A 67 -10.18 -4.69 -0.16
CA LEU A 67 -11.11 -4.72 -1.27
C LEU A 67 -12.17 -5.79 -1.07
N ASP A 68 -11.72 -7.02 -0.81
CA ASP A 68 -12.63 -8.13 -0.58
C ASP A 68 -13.66 -7.78 0.48
N THR A 69 -13.20 -7.26 1.61
CA THR A 69 -14.09 -6.88 2.70
C THR A 69 -15.12 -5.85 2.22
N GLY A 70 -14.64 -4.79 1.59
CA GLY A 70 -15.54 -3.76 1.08
C GLY A 70 -16.55 -4.33 0.11
N LYS A 71 -16.12 -5.29 -0.71
CA LYS A 71 -16.99 -5.93 -1.67
C LYS A 71 -18.09 -6.69 -0.93
N LYS A 72 -17.73 -7.27 0.21
CA LYS A 72 -18.70 -8.01 1.01
C LYS A 72 -19.85 -7.11 1.43
N LEU A 73 -19.51 -5.91 1.92
CA LEU A 73 -20.51 -4.95 2.33
C LEU A 73 -21.36 -4.55 1.12
N SER A 74 -20.68 -4.36 0.00
CA SER A 74 -21.32 -3.97 -1.26
C SER A 74 -22.35 -5.00 -1.72
N ASP A 75 -21.95 -6.27 -1.72
CA ASP A 75 -22.81 -7.37 -2.16
C ASP A 75 -24.22 -7.28 -1.56
N ASP A 76 -24.29 -7.32 -0.23
CA ASP A 76 -25.57 -7.27 0.46
C ASP A 76 -26.16 -5.87 0.46
N ASN A 77 -25.31 -4.87 0.56
CA ASN A 77 -25.77 -3.47 0.57
C ASN A 77 -26.61 -3.14 -0.66
N THR A 78 -26.07 -3.43 -1.84
CA THR A 78 -26.76 -3.15 -3.10
C THR A 78 -26.77 -1.66 -3.40
N ILE A 79 -27.46 -0.89 -2.56
CA ILE A 79 -27.54 0.56 -2.72
C ILE A 79 -26.58 1.25 -1.75
N GLY A 80 -25.43 1.66 -2.28
CA GLY A 80 -24.43 2.33 -1.45
C GLY A 80 -23.03 1.90 -1.81
N LYS A 81 -22.92 0.70 -2.38
CA LYS A 81 -21.64 0.15 -2.80
C LYS A 81 -20.82 1.18 -3.57
N GLU A 82 -21.51 1.97 -4.40
CA GLU A 82 -20.86 3.00 -5.19
C GLU A 82 -19.98 3.89 -4.30
N GLU A 83 -20.55 4.39 -3.21
CA GLU A 83 -19.81 5.23 -2.28
C GLU A 83 -18.55 4.51 -1.81
N ILE A 84 -18.72 3.25 -1.37
CA ILE A 84 -17.59 2.46 -0.90
C ILE A 84 -16.50 2.41 -1.97
N GLN A 85 -16.89 2.10 -3.19
CA GLN A 85 -15.95 2.05 -4.31
C GLN A 85 -15.15 3.33 -4.39
N GLN A 86 -15.83 4.46 -4.35
CA GLN A 86 -15.18 5.77 -4.39
C GLN A 86 -14.17 5.88 -3.26
N ARG A 87 -14.61 5.54 -2.05
CA ARG A 87 -13.76 5.60 -0.86
C ARG A 87 -12.49 4.76 -1.07
N LEU A 88 -12.68 3.51 -1.47
CA LEU A 88 -11.55 2.61 -1.71
C LEU A 88 -10.62 3.20 -2.76
N ALA A 89 -11.22 3.83 -3.77
CA ALA A 89 -10.46 4.45 -4.85
C ALA A 89 -9.54 5.55 -4.30
N GLN A 90 -9.97 6.17 -3.21
CA GLN A 90 -9.19 7.23 -2.58
C GLN A 90 -7.90 6.66 -2.00
N PHE A 91 -8.01 5.51 -1.35
CA PHE A 91 -6.85 4.85 -0.75
C PHE A 91 -5.84 4.52 -1.85
N VAL A 92 -6.33 3.94 -2.93
CA VAL A 92 -5.47 3.58 -4.05
C VAL A 92 -4.68 4.81 -4.50
N ASP A 93 -5.39 5.90 -4.76
CA ASP A 93 -4.75 7.15 -5.18
C ASP A 93 -3.56 7.45 -4.29
N HIS A 94 -3.79 7.50 -2.98
CA HIS A 94 -2.72 7.77 -2.02
C HIS A 94 -1.59 6.75 -2.21
N TRP A 95 -1.94 5.47 -2.12
CA TRP A 95 -0.98 4.39 -2.31
C TRP A 95 -0.13 4.66 -3.54
N LYS A 96 -0.78 5.10 -4.61
CA LYS A 96 -0.10 5.42 -5.86
C LYS A 96 1.07 6.37 -5.61
N GLU A 97 0.74 7.54 -5.07
CA GLU A 97 1.76 8.55 -4.77
C GLU A 97 2.92 7.92 -3.98
N LEU A 98 2.59 7.14 -2.97
CA LEU A 98 3.60 6.48 -2.15
C LEU A 98 4.48 5.57 -3.01
N LYS A 99 3.84 4.77 -3.87
CA LYS A 99 4.56 3.87 -4.75
C LYS A 99 5.53 4.64 -5.63
N GLN A 100 5.03 5.73 -6.21
CA GLN A 100 5.86 6.58 -7.07
C GLN A 100 7.08 7.08 -6.31
N LEU A 101 6.85 7.68 -5.14
CA LEU A 101 7.94 8.19 -4.32
C LEU A 101 8.96 7.10 -4.05
N ALA A 102 8.48 5.91 -3.69
CA ALA A 102 9.37 4.79 -3.41
C ALA A 102 10.25 4.47 -4.61
N ALA A 103 9.63 4.39 -5.79
CA ALA A 103 10.36 4.10 -7.02
C ALA A 103 11.47 5.13 -7.23
N ALA A 104 11.11 6.41 -7.09
CA ALA A 104 12.07 7.49 -7.27
C ALA A 104 13.26 7.32 -6.35
N ARG A 105 12.99 7.06 -5.07
CA ARG A 105 14.06 6.86 -4.10
C ARG A 105 14.95 5.70 -4.54
N GLY A 106 14.32 4.62 -4.99
CA GLY A 106 15.06 3.45 -5.45
C GLY A 106 16.14 3.78 -6.46
N GLN A 107 15.94 4.86 -7.21
CA GLN A 107 16.90 5.29 -8.23
C GLN A 107 18.31 5.50 -7.65
N HIS A 10 -18.67 -3.66 10.14
CA HIS A 10 -17.81 -3.35 11.27
C HIS A 10 -16.37 -3.78 10.99
N GLN A 11 -16.21 -5.01 10.53
CA GLN A 11 -14.88 -5.53 10.23
C GLN A 11 -14.19 -4.68 9.18
N PHE A 12 -14.94 -4.29 8.15
CA PHE A 12 -14.36 -3.48 7.09
C PHE A 12 -13.71 -2.22 7.65
N PHE A 13 -14.39 -1.55 8.57
CA PHE A 13 -13.83 -0.35 9.17
C PHE A 13 -12.41 -0.60 9.63
N ARG A 14 -12.23 -1.67 10.42
CA ARG A 14 -10.90 -2.03 10.90
C ARG A 14 -9.97 -2.30 9.73
N ASP A 15 -10.39 -3.18 8.82
CA ASP A 15 -9.58 -3.51 7.66
C ASP A 15 -9.13 -2.24 6.94
N MET A 16 -10.04 -1.30 6.77
CA MET A 16 -9.74 -0.04 6.10
C MET A 16 -8.55 0.65 6.76
N ASP A 17 -8.69 0.95 8.05
CA ASP A 17 -7.61 1.61 8.78
C ASP A 17 -6.34 0.80 8.69
N ASP A 18 -6.44 -0.51 8.91
CA ASP A 18 -5.27 -1.38 8.84
C ASP A 18 -4.58 -1.24 7.49
N GLU A 19 -5.37 -1.16 6.43
CA GLU A 19 -4.82 -0.99 5.09
C GLU A 19 -4.12 0.37 4.99
N GLU A 20 -4.90 1.43 5.16
CA GLU A 20 -4.35 2.78 5.13
C GLU A 20 -3.08 2.84 5.99
N SER A 21 -3.10 2.12 7.10
CA SER A 21 -1.96 2.04 8.01
C SER A 21 -0.72 1.56 7.24
N TRP A 22 -0.88 0.43 6.54
CA TRP A 22 0.23 -0.11 5.76
C TRP A 22 0.84 0.98 4.89
N ILE A 23 -0.01 1.75 4.21
CA ILE A 23 0.47 2.84 3.36
C ILE A 23 1.55 3.65 4.08
N LYS A 24 1.21 4.18 5.25
CA LYS A 24 2.15 4.97 6.04
C LYS A 24 3.41 4.16 6.36
N GLU A 25 3.21 2.90 6.71
CA GLU A 25 4.32 2.02 7.06
C GLU A 25 5.30 1.89 5.89
N LYS A 26 4.77 1.76 4.67
CA LYS A 26 5.62 1.64 3.49
C LYS A 26 6.44 2.90 3.30
N LYS A 27 5.77 4.06 3.29
CA LYS A 27 6.47 5.33 3.12
C LYS A 27 7.62 5.47 4.12
N LEU A 28 7.37 5.08 5.36
CA LEU A 28 8.39 5.16 6.40
C LEU A 28 9.46 4.08 6.18
N LEU A 29 9.01 2.94 5.66
CA LEU A 29 9.93 1.83 5.40
C LEU A 29 10.91 2.20 4.31
N VAL A 30 10.46 2.96 3.31
CA VAL A 30 11.32 3.37 2.21
C VAL A 30 12.51 4.17 2.73
N SER A 31 12.22 5.18 3.54
CA SER A 31 13.27 6.02 4.11
C SER A 31 14.37 5.19 4.76
N SER A 32 13.99 4.08 5.38
CA SER A 32 14.96 3.21 6.05
C SER A 32 15.67 2.27 5.07
N GLU A 33 14.89 1.53 4.29
CA GLU A 33 15.43 0.57 3.33
C GLU A 33 16.44 1.23 2.40
N ASP A 34 16.18 2.48 2.02
CA ASP A 34 17.06 3.21 1.11
C ASP A 34 18.35 3.66 1.82
N TYR A 35 19.47 3.33 1.20
CA TYR A 35 20.80 3.70 1.72
C TYR A 35 21.88 3.23 0.74
N GLY A 36 23.15 3.55 1.03
CA GLY A 36 24.23 3.18 0.14
C GLY A 36 25.41 2.56 0.86
N ARG A 37 26.30 1.93 0.10
CA ARG A 37 27.50 1.30 0.66
C ARG A 37 28.61 1.24 -0.38
N ASP A 38 29.37 2.34 -0.48
CA ASP A 38 30.48 2.47 -1.44
C ASP A 38 30.98 1.12 -1.96
N LEU A 39 31.71 0.39 -1.10
CA LEU A 39 32.27 -0.91 -1.45
C LEU A 39 31.41 -1.68 -2.45
N THR A 40 30.10 -1.71 -2.21
CA THR A 40 29.17 -2.42 -3.08
C THR A 40 27.88 -1.60 -3.24
N GLY A 41 28.03 -0.36 -3.68
CA GLY A 41 26.88 0.52 -3.86
C GLY A 41 25.82 -0.04 -4.78
N VAL A 42 26.17 -0.29 -6.04
CA VAL A 42 25.22 -0.80 -7.02
C VAL A 42 24.50 -2.06 -6.52
N GLN A 43 25.27 -3.09 -6.20
CA GLN A 43 24.69 -4.35 -5.72
C GLN A 43 23.83 -4.11 -4.48
N ASN A 44 24.33 -3.27 -3.57
CA ASN A 44 23.60 -2.96 -2.35
C ASN A 44 22.24 -2.34 -2.68
N LEU A 45 22.25 -1.38 -3.60
CA LEU A 45 21.03 -0.70 -4.02
C LEU A 45 20.05 -1.69 -4.62
N ARG A 46 20.54 -2.50 -5.58
CA ARG A 46 19.71 -3.50 -6.23
C ARG A 46 19.10 -4.43 -5.18
N LYS A 47 19.87 -4.70 -4.12
CA LYS A 47 19.42 -5.55 -3.04
C LYS A 47 18.18 -4.96 -2.39
N LYS A 48 18.23 -3.66 -2.11
CA LYS A 48 17.09 -2.97 -1.50
C LYS A 48 15.88 -3.13 -2.41
N HIS A 49 16.06 -2.81 -3.68
CA HIS A 49 14.99 -2.94 -4.67
C HIS A 49 14.39 -4.34 -4.62
N LYS A 50 15.25 -5.35 -4.63
CA LYS A 50 14.80 -6.75 -4.57
C LYS A 50 13.77 -6.93 -3.47
N ARG A 51 14.06 -6.39 -2.29
CA ARG A 51 13.14 -6.49 -1.16
C ARG A 51 11.84 -5.76 -1.49
N LEU A 52 11.97 -4.61 -2.13
CA LEU A 52 10.82 -3.81 -2.52
C LEU A 52 9.90 -4.62 -3.43
N GLU A 53 10.49 -5.24 -4.46
CA GLU A 53 9.73 -6.06 -5.39
C GLU A 53 8.86 -7.07 -4.64
N ALA A 54 9.48 -7.80 -3.72
CA ALA A 54 8.77 -8.78 -2.92
C ALA A 54 7.56 -8.13 -2.26
N GLU A 55 7.80 -7.01 -1.57
CA GLU A 55 6.74 -6.28 -0.91
C GLU A 55 5.63 -5.97 -1.92
N LEU A 56 6.04 -5.40 -3.05
CA LEU A 56 5.11 -5.05 -4.14
C LEU A 56 4.05 -6.14 -4.33
N ALA A 57 4.49 -7.40 -4.34
CA ALA A 57 3.58 -8.53 -4.51
C ALA A 57 2.64 -8.66 -3.31
N ALA A 58 3.19 -8.48 -2.11
CA ALA A 58 2.41 -8.57 -0.88
C ALA A 58 1.20 -7.64 -0.88
N HIS A 59 1.24 -6.60 -1.72
CA HIS A 59 0.14 -5.64 -1.80
C HIS A 59 -1.14 -6.31 -2.26
N GLU A 60 -1.02 -7.34 -3.08
CA GLU A 60 -2.20 -8.01 -3.59
C GLU A 60 -2.98 -8.68 -2.46
N PRO A 61 -2.39 -9.67 -1.75
CA PRO A 61 -3.09 -10.33 -0.65
C PRO A 61 -3.58 -9.35 0.42
N ALA A 62 -2.74 -8.37 0.73
CA ALA A 62 -3.06 -7.38 1.76
C ALA A 62 -4.18 -6.43 1.35
N ILE A 63 -4.04 -5.81 0.19
CA ILE A 63 -5.03 -4.84 -0.29
C ILE A 63 -6.28 -5.53 -0.83
N GLN A 64 -6.11 -6.64 -1.55
CA GLN A 64 -7.26 -7.38 -2.09
C GLN A 64 -8.22 -7.76 -0.98
N GLY A 65 -7.69 -8.29 0.12
CA GLY A 65 -8.53 -8.66 1.24
C GLY A 65 -9.52 -7.56 1.58
N VAL A 66 -9.00 -6.35 1.72
CA VAL A 66 -9.83 -5.20 2.01
C VAL A 66 -10.93 -5.06 0.96
N LEU A 67 -10.51 -5.05 -0.30
CA LEU A 67 -11.46 -4.95 -1.41
C LEU A 67 -12.56 -6.00 -1.27
N ASP A 68 -12.16 -7.25 -1.10
CA ASP A 68 -13.12 -8.34 -0.95
C ASP A 68 -14.11 -8.03 0.17
N THR A 69 -13.59 -7.62 1.33
CA THR A 69 -14.44 -7.28 2.46
C THR A 69 -15.43 -6.19 2.05
N GLY A 70 -14.93 -5.15 1.40
CA GLY A 70 -15.79 -4.07 0.96
C GLY A 70 -16.91 -4.56 0.07
N LYS A 71 -16.60 -5.51 -0.80
CA LYS A 71 -17.62 -6.08 -1.69
C LYS A 71 -18.77 -6.64 -0.86
N LYS A 72 -18.42 -7.29 0.25
CA LYS A 72 -19.42 -7.87 1.14
C LYS A 72 -20.40 -6.80 1.60
N LEU A 73 -19.88 -5.65 1.99
CA LEU A 73 -20.72 -4.55 2.45
C LEU A 73 -21.82 -4.27 1.42
N SER A 74 -21.41 -4.11 0.17
CA SER A 74 -22.35 -3.85 -0.92
C SER A 74 -23.37 -4.99 -1.02
N ASP A 75 -22.88 -6.22 -0.86
CA ASP A 75 -23.73 -7.40 -0.92
C ASP A 75 -24.86 -7.34 0.10
N ASP A 76 -24.57 -6.78 1.28
CA ASP A 76 -25.56 -6.68 2.34
C ASP A 76 -26.45 -5.45 2.16
N ASN A 77 -25.88 -4.38 1.61
CA ASN A 77 -26.62 -3.15 1.38
C ASN A 77 -26.14 -2.45 0.11
N THR A 78 -27.06 -2.23 -0.83
CA THR A 78 -26.75 -1.57 -2.08
C THR A 78 -26.41 -0.10 -1.84
N ILE A 79 -27.30 0.61 -1.15
CA ILE A 79 -27.09 2.01 -0.83
C ILE A 79 -25.93 2.18 0.15
N GLY A 80 -24.78 2.56 -0.38
CA GLY A 80 -23.61 2.75 0.46
C GLY A 80 -22.33 2.40 -0.28
N LYS A 81 -22.39 1.34 -1.09
CA LYS A 81 -21.24 0.91 -1.87
C LYS A 81 -20.61 2.10 -2.60
N GLU A 82 -21.45 2.96 -3.15
CA GLU A 82 -20.98 4.14 -3.87
C GLU A 82 -19.97 4.93 -3.03
N GLU A 83 -20.38 5.31 -1.81
CA GLU A 83 -19.49 6.05 -0.92
C GLU A 83 -18.20 5.26 -0.69
N ILE A 84 -18.36 3.97 -0.41
CA ILE A 84 -17.21 3.10 -0.18
C ILE A 84 -16.23 3.20 -1.35
N GLN A 85 -16.74 3.09 -2.57
CA GLN A 85 -15.92 3.19 -3.76
C GLN A 85 -15.10 4.47 -3.74
N GLN A 86 -15.74 5.59 -3.43
CA GLN A 86 -15.06 6.87 -3.36
C GLN A 86 -13.89 6.80 -2.39
N ARG A 87 -14.16 6.27 -1.18
CA ARG A 87 -13.13 6.13 -0.16
C ARG A 87 -11.97 5.28 -0.68
N LEU A 88 -12.30 4.11 -1.22
CA LEU A 88 -11.30 3.21 -1.76
C LEU A 88 -10.44 3.93 -2.78
N ALA A 89 -11.10 4.74 -3.62
CA ALA A 89 -10.40 5.51 -4.65
C ALA A 89 -9.32 6.38 -4.02
N GLN A 90 -9.61 6.91 -2.84
CA GLN A 90 -8.66 7.75 -2.13
C GLN A 90 -7.43 6.94 -1.74
N PHE A 91 -7.66 5.74 -1.21
CA PHE A 91 -6.57 4.86 -0.81
C PHE A 91 -5.66 4.54 -1.99
N VAL A 92 -6.27 4.19 -3.11
CA VAL A 92 -5.50 3.86 -4.31
C VAL A 92 -4.62 5.04 -4.72
N ASP A 93 -5.19 6.25 -4.70
CA ASP A 93 -4.43 7.45 -5.04
C ASP A 93 -3.15 7.49 -4.22
N HIS A 94 -3.29 7.34 -2.91
CA HIS A 94 -2.14 7.34 -2.02
C HIS A 94 -1.08 6.37 -2.51
N TRP A 95 -1.45 5.11 -2.66
CA TRP A 95 -0.53 4.09 -3.13
C TRP A 95 0.16 4.55 -4.41
N LYS A 96 -0.61 5.10 -5.35
CA LYS A 96 -0.05 5.58 -6.61
C LYS A 96 1.16 6.48 -6.35
N GLU A 97 0.99 7.46 -5.47
CA GLU A 97 2.08 8.38 -5.13
C GLU A 97 3.33 7.58 -4.74
N LEU A 98 3.15 6.62 -3.85
CA LEU A 98 4.25 5.78 -3.38
C LEU A 98 4.92 5.10 -4.57
N LYS A 99 4.11 4.51 -5.45
CA LYS A 99 4.63 3.83 -6.62
C LYS A 99 5.51 4.78 -7.43
N GLN A 100 5.01 5.98 -7.66
CA GLN A 100 5.75 6.99 -8.40
C GLN A 100 7.12 7.20 -7.76
N LEU A 101 7.13 7.51 -6.47
CA LEU A 101 8.37 7.71 -5.73
C LEU A 101 9.32 6.54 -5.99
N ALA A 102 8.81 5.32 -5.83
CA ALA A 102 9.62 4.13 -6.06
C ALA A 102 10.24 4.17 -7.45
N ALA A 103 9.42 4.50 -8.45
CA ALA A 103 9.91 4.60 -9.82
C ALA A 103 11.12 5.52 -9.88
N ALA A 104 11.01 6.67 -9.23
CA ALA A 104 12.11 7.64 -9.18
C ALA A 104 13.35 7.00 -8.57
N ARG A 105 13.15 6.22 -7.52
CA ARG A 105 14.25 5.53 -6.84
C ARG A 105 15.09 4.78 -7.86
N GLY A 106 14.42 4.16 -8.83
CA GLY A 106 15.11 3.42 -9.87
C GLY A 106 15.92 4.33 -10.79
N GLN A 107 15.38 5.52 -11.03
CA GLN A 107 16.05 6.50 -11.89
C GLN A 107 17.20 7.17 -11.16
N HIS A 10 -18.75 -1.72 9.36
CA HIS A 10 -17.96 -0.55 9.75
C HIS A 10 -16.58 -0.97 10.20
N GLN A 11 -16.48 -2.16 10.81
CA GLN A 11 -15.18 -2.67 11.24
C GLN A 11 -14.27 -2.76 10.02
N PHE A 12 -14.75 -3.39 8.96
CA PHE A 12 -13.97 -3.50 7.74
C PHE A 12 -13.39 -2.14 7.38
N PHE A 13 -14.23 -1.10 7.41
CA PHE A 13 -13.79 0.25 7.13
C PHE A 13 -12.56 0.57 7.99
N ARG A 14 -12.67 0.33 9.30
CA ARG A 14 -11.56 0.57 10.21
C ARG A 14 -10.36 -0.26 9.77
N ASP A 15 -10.56 -1.55 9.56
CA ASP A 15 -9.48 -2.42 9.11
C ASP A 15 -8.75 -1.78 7.95
N MET A 16 -9.50 -1.31 6.95
CA MET A 16 -8.92 -0.65 5.79
C MET A 16 -8.06 0.55 6.22
N ASP A 17 -8.66 1.43 7.03
CA ASP A 17 -7.94 2.59 7.54
C ASP A 17 -6.62 2.14 8.18
N ASP A 18 -6.69 1.07 8.97
CA ASP A 18 -5.51 0.52 9.62
C ASP A 18 -4.44 0.26 8.56
N GLU A 19 -4.83 -0.42 7.47
CA GLU A 19 -3.91 -0.69 6.39
C GLU A 19 -3.38 0.62 5.83
N GLU A 20 -4.31 1.52 5.49
CA GLU A 20 -3.95 2.83 4.97
C GLU A 20 -2.78 3.39 5.78
N SER A 21 -2.89 3.34 7.10
CA SER A 21 -1.83 3.81 7.97
C SER A 21 -0.57 2.99 7.72
N TRP A 22 -0.72 1.66 7.74
CA TRP A 22 0.39 0.75 7.49
C TRP A 22 1.12 1.15 6.20
N ILE A 23 0.35 1.57 5.21
CA ILE A 23 0.92 2.00 3.93
C ILE A 23 1.87 3.17 4.15
N LYS A 24 1.37 4.25 4.76
CA LYS A 24 2.19 5.41 5.05
C LYS A 24 3.45 4.98 5.80
N GLU A 25 3.25 4.10 6.78
CA GLU A 25 4.34 3.59 7.59
C GLU A 25 5.27 2.71 6.76
N LYS A 26 4.69 1.96 5.82
CA LYS A 26 5.48 1.09 4.95
C LYS A 26 6.35 1.92 4.01
N LYS A 27 5.76 3.00 3.47
CA LYS A 27 6.49 3.89 2.58
C LYS A 27 7.75 4.42 3.25
N LEU A 28 7.62 4.84 4.50
CA LEU A 28 8.75 5.37 5.26
C LEU A 28 9.85 4.32 5.36
N LEU A 29 9.46 3.08 5.64
CA LEU A 29 10.42 2.00 5.77
C LEU A 29 11.19 1.80 4.48
N VAL A 30 10.48 1.79 3.36
CA VAL A 30 11.10 1.62 2.05
C VAL A 30 12.17 2.69 1.82
N SER A 31 11.83 3.93 2.17
CA SER A 31 12.76 5.05 2.00
C SER A 31 14.07 4.79 2.72
N SER A 32 13.99 4.10 3.86
CA SER A 32 15.17 3.80 4.66
C SER A 32 15.97 2.66 4.03
N GLU A 33 15.30 1.56 3.73
CA GLU A 33 15.95 0.39 3.14
C GLU A 33 16.69 0.77 1.85
N ASP A 34 16.06 1.58 1.02
CA ASP A 34 16.66 2.01 -0.25
C ASP A 34 17.71 3.10 -0.02
N TYR A 35 18.82 2.70 0.61
CA TYR A 35 19.92 3.61 0.90
C TYR A 35 21.18 2.82 1.25
N GLY A 36 21.14 2.11 2.37
CA GLY A 36 22.28 1.32 2.80
C GLY A 36 23.49 2.15 3.18
N ARG A 37 24.68 1.61 2.95
CA ARG A 37 25.92 2.31 3.26
C ARG A 37 26.43 3.08 2.05
N ASP A 38 26.87 4.32 2.28
CA ASP A 38 27.38 5.18 1.22
C ASP A 38 28.18 4.40 0.17
N LEU A 39 29.28 3.78 0.61
CA LEU A 39 30.15 3.01 -0.28
C LEU A 39 29.49 1.72 -0.76
N THR A 40 28.17 1.65 -0.66
CA THR A 40 27.42 0.47 -1.09
C THR A 40 26.00 0.87 -1.48
N GLY A 41 25.78 2.18 -1.62
CA GLY A 41 24.46 2.67 -2.00
C GLY A 41 23.90 2.01 -3.23
N VAL A 42 24.67 2.05 -4.32
CA VAL A 42 24.24 1.46 -5.59
C VAL A 42 23.86 -0.01 -5.42
N GLN A 43 24.81 -0.82 -4.98
CA GLN A 43 24.58 -2.25 -4.77
C GLN A 43 23.43 -2.49 -3.80
N ASN A 44 23.29 -1.59 -2.83
CA ASN A 44 22.23 -1.71 -1.83
C ASN A 44 20.88 -1.43 -2.47
N LEU A 45 20.85 -0.44 -3.35
CA LEU A 45 19.62 -0.07 -4.04
C LEU A 45 19.15 -1.24 -4.90
N ARG A 46 20.06 -1.76 -5.72
CA ARG A 46 19.74 -2.89 -6.60
C ARG A 46 19.17 -4.05 -5.79
N LYS A 47 19.81 -4.39 -4.68
CA LYS A 47 19.35 -5.48 -3.83
C LYS A 47 17.99 -5.15 -3.26
N LYS A 48 17.84 -3.93 -2.74
CA LYS A 48 16.57 -3.50 -2.17
C LYS A 48 15.47 -3.64 -3.22
N HIS A 49 15.75 -3.18 -4.43
CA HIS A 49 14.79 -3.25 -5.53
C HIS A 49 14.21 -4.65 -5.61
N LYS A 50 15.09 -5.64 -5.70
CA LYS A 50 14.66 -7.03 -5.78
C LYS A 50 13.70 -7.34 -4.63
N ARG A 51 14.07 -6.91 -3.42
CA ARG A 51 13.24 -7.13 -2.25
C ARG A 51 11.98 -6.26 -2.33
N LEU A 52 12.08 -5.16 -3.07
CA LEU A 52 10.96 -4.25 -3.25
C LEU A 52 9.82 -4.97 -3.97
N GLU A 53 10.16 -5.67 -5.05
CA GLU A 53 9.16 -6.41 -5.80
C GLU A 53 8.41 -7.33 -4.86
N ALA A 54 9.14 -8.06 -4.03
CA ALA A 54 8.54 -8.96 -3.07
C ALA A 54 7.57 -8.20 -2.17
N GLU A 55 8.05 -7.08 -1.63
CA GLU A 55 7.22 -6.24 -0.77
C GLU A 55 5.91 -5.90 -1.46
N LEU A 56 6.01 -5.30 -2.65
CA LEU A 56 4.83 -4.92 -3.43
C LEU A 56 3.92 -6.13 -3.67
N ALA A 57 4.53 -7.28 -3.89
CA ALA A 57 3.79 -8.51 -4.14
C ALA A 57 2.81 -8.81 -3.02
N ALA A 58 3.22 -8.52 -1.79
CA ALA A 58 2.38 -8.78 -0.62
C ALA A 58 1.35 -7.66 -0.40
N HIS A 59 1.73 -6.43 -0.75
CA HIS A 59 0.85 -5.28 -0.57
C HIS A 59 -0.27 -5.28 -1.60
N GLU A 60 -0.05 -5.95 -2.73
CA GLU A 60 -1.05 -6.00 -3.78
C GLU A 60 -2.26 -6.81 -3.32
N PRO A 61 -2.08 -8.11 -3.01
CA PRO A 61 -3.17 -8.96 -2.54
C PRO A 61 -3.82 -8.41 -1.28
N ALA A 62 -3.01 -7.79 -0.43
CA ALA A 62 -3.50 -7.23 0.83
C ALA A 62 -4.54 -6.14 0.57
N ILE A 63 -4.15 -5.11 -0.18
CA ILE A 63 -5.06 -4.01 -0.48
C ILE A 63 -6.21 -4.47 -1.37
N GLN A 64 -5.89 -5.22 -2.41
CA GLN A 64 -6.90 -5.73 -3.33
C GLN A 64 -7.93 -6.58 -2.57
N GLY A 65 -7.44 -7.55 -1.82
CA GLY A 65 -8.32 -8.41 -1.05
C GLY A 65 -9.32 -7.60 -0.25
N VAL A 66 -8.85 -6.57 0.44
CA VAL A 66 -9.72 -5.73 1.24
C VAL A 66 -10.74 -5.04 0.33
N LEU A 67 -10.26 -4.47 -0.78
CA LEU A 67 -11.15 -3.81 -1.74
C LEU A 67 -12.29 -4.74 -2.11
N ASP A 68 -11.94 -5.95 -2.55
CA ASP A 68 -12.93 -6.94 -2.92
C ASP A 68 -13.90 -7.19 -1.77
N THR A 69 -13.35 -7.42 -0.58
CA THR A 69 -14.17 -7.65 0.61
C THR A 69 -15.20 -6.54 0.76
N GLY A 70 -14.75 -5.29 0.66
CA GLY A 70 -15.67 -4.17 0.78
C GLY A 70 -16.85 -4.33 -0.15
N LYS A 71 -16.55 -4.60 -1.42
CA LYS A 71 -17.59 -4.79 -2.42
C LYS A 71 -18.52 -5.92 -1.99
N LYS A 72 -17.94 -6.92 -1.32
CA LYS A 72 -18.69 -8.07 -0.83
C LYS A 72 -19.77 -7.61 0.14
N LEU A 73 -19.38 -6.81 1.13
CA LEU A 73 -20.32 -6.30 2.11
C LEU A 73 -21.54 -5.68 1.43
N SER A 74 -21.29 -4.96 0.35
CA SER A 74 -22.35 -4.32 -0.42
C SER A 74 -23.38 -5.33 -0.93
N ASP A 75 -22.91 -6.41 -1.54
CA ASP A 75 -23.81 -7.43 -2.07
C ASP A 75 -24.61 -8.10 -0.96
N ASP A 76 -23.95 -8.33 0.18
CA ASP A 76 -24.62 -8.96 1.32
C ASP A 76 -25.80 -8.12 1.78
N ASN A 77 -25.56 -6.82 1.93
CA ASN A 77 -26.59 -5.88 2.35
C ASN A 77 -26.22 -4.46 1.91
N THR A 78 -26.62 -4.11 0.70
CA THR A 78 -26.33 -2.79 0.15
C THR A 78 -26.83 -1.68 1.06
N ILE A 79 -26.01 -0.65 1.24
CA ILE A 79 -26.35 0.49 2.09
C ILE A 79 -25.83 1.77 1.44
N GLY A 80 -24.52 1.87 1.31
CA GLY A 80 -23.91 3.04 0.71
C GLY A 80 -22.74 2.66 -0.18
N LYS A 81 -23.00 1.81 -1.17
CA LYS A 81 -21.95 1.34 -2.09
C LYS A 81 -21.03 2.48 -2.52
N GLU A 82 -21.61 3.63 -2.87
CA GLU A 82 -20.82 4.78 -3.29
C GLU A 82 -19.86 5.21 -2.18
N GLU A 83 -20.39 5.35 -0.96
CA GLU A 83 -19.59 5.73 0.19
C GLU A 83 -18.39 4.80 0.33
N ILE A 84 -18.66 3.50 0.27
CA ILE A 84 -17.60 2.51 0.38
C ILE A 84 -16.53 2.75 -0.68
N GLN A 85 -16.98 2.85 -1.93
CA GLN A 85 -16.08 3.09 -3.06
C GLN A 85 -15.20 4.31 -2.78
N GLN A 86 -15.79 5.35 -2.21
CA GLN A 86 -15.04 6.58 -1.90
C GLN A 86 -13.93 6.28 -0.89
N ARG A 87 -14.28 5.60 0.20
CA ARG A 87 -13.31 5.25 1.23
C ARG A 87 -12.21 4.36 0.68
N LEU A 88 -12.61 3.33 -0.08
CA LEU A 88 -11.65 2.40 -0.66
C LEU A 88 -10.79 3.11 -1.71
N ALA A 89 -11.41 4.03 -2.44
CA ALA A 89 -10.71 4.79 -3.47
C ALA A 89 -9.51 5.50 -2.87
N GLN A 90 -9.66 6.04 -1.66
CA GLN A 90 -8.56 6.73 -1.00
C GLN A 90 -7.37 5.79 -0.83
N PHE A 91 -7.65 4.60 -0.32
CA PHE A 91 -6.61 3.59 -0.10
C PHE A 91 -5.79 3.36 -1.36
N VAL A 92 -6.47 3.09 -2.48
CA VAL A 92 -5.77 2.85 -3.73
C VAL A 92 -4.93 4.06 -4.11
N ASP A 93 -5.51 5.26 -4.00
CA ASP A 93 -4.78 6.49 -4.33
C ASP A 93 -3.45 6.54 -3.58
N HIS A 94 -3.49 6.32 -2.27
CA HIS A 94 -2.28 6.34 -1.47
C HIS A 94 -1.30 5.28 -1.98
N TRP A 95 -1.81 4.06 -2.13
CA TRP A 95 -0.99 2.96 -2.62
C TRP A 95 -0.32 3.34 -3.93
N LYS A 96 -1.08 3.97 -4.81
CA LYS A 96 -0.57 4.43 -6.10
C LYS A 96 0.62 5.36 -5.87
N GLU A 97 0.37 6.42 -5.10
CA GLU A 97 1.42 7.38 -4.79
C GLU A 97 2.68 6.66 -4.32
N LEU A 98 2.50 5.70 -3.42
CA LEU A 98 3.61 4.90 -2.90
C LEU A 98 4.37 4.24 -4.03
N LYS A 99 3.65 3.47 -4.85
CA LYS A 99 4.26 2.79 -5.98
C LYS A 99 5.04 3.79 -6.83
N GLN A 100 4.42 4.94 -7.10
CA GLN A 100 5.06 6.00 -7.87
C GLN A 100 6.37 6.41 -7.22
N LEU A 101 6.29 6.74 -5.92
CA LEU A 101 7.47 7.14 -5.16
C LEU A 101 8.59 6.13 -5.35
N ALA A 102 8.23 4.84 -5.29
CA ALA A 102 9.20 3.77 -5.47
C ALA A 102 9.96 3.95 -6.78
N ALA A 103 9.21 4.04 -7.88
CA ALA A 103 9.81 4.22 -9.19
C ALA A 103 10.83 5.37 -9.18
N ALA A 104 10.40 6.51 -8.63
CA ALA A 104 11.26 7.69 -8.54
C ALA A 104 12.50 7.39 -7.70
N ARG A 105 12.30 6.69 -6.59
CA ARG A 105 13.40 6.33 -5.71
C ARG A 105 14.45 5.53 -6.46
N GLY A 106 13.98 4.66 -7.36
CA GLY A 106 14.89 3.85 -8.14
C GLY A 106 15.93 4.67 -8.87
N GLN A 107 15.48 5.74 -9.52
CA GLN A 107 16.38 6.63 -10.26
C GLN A 107 17.20 7.48 -9.30
N HIS A 10 -18.62 -3.40 10.73
CA HIS A 10 -17.74 -3.36 11.89
C HIS A 10 -16.33 -3.83 11.53
N GLN A 11 -16.23 -5.04 11.00
CA GLN A 11 -14.93 -5.58 10.60
C GLN A 11 -14.31 -4.69 9.55
N PHE A 12 -15.05 -4.40 8.49
CA PHE A 12 -14.54 -3.55 7.42
C PHE A 12 -13.93 -2.28 8.01
N PHE A 13 -14.54 -1.76 9.08
CA PHE A 13 -14.02 -0.57 9.71
C PHE A 13 -12.53 -0.74 9.96
N ARG A 14 -12.18 -1.90 10.51
CA ARG A 14 -10.78 -2.22 10.75
C ARG A 14 -10.03 -2.24 9.43
N ASP A 15 -10.56 -2.97 8.46
CA ASP A 15 -9.93 -3.05 7.14
C ASP A 15 -9.62 -1.64 6.61
N MET A 16 -10.63 -0.78 6.63
CA MET A 16 -10.48 0.60 6.17
C MET A 16 -9.28 1.25 6.85
N ASP A 17 -9.27 1.24 8.17
CA ASP A 17 -8.18 1.82 8.91
C ASP A 17 -6.87 1.20 8.47
N ASP A 18 -6.82 -0.12 8.44
CA ASP A 18 -5.62 -0.84 7.99
C ASP A 18 -5.12 -0.29 6.67
N GLU A 19 -6.05 -0.05 5.75
CA GLU A 19 -5.73 0.48 4.42
C GLU A 19 -4.81 1.71 4.52
N GLU A 20 -5.31 2.76 5.16
CA GLU A 20 -4.51 3.97 5.36
C GLU A 20 -3.33 3.66 6.25
N SER A 21 -3.58 2.83 7.26
CA SER A 21 -2.54 2.43 8.19
C SER A 21 -1.40 1.77 7.45
N TRP A 22 -1.69 1.15 6.29
CA TRP A 22 -0.65 0.50 5.52
C TRP A 22 0.42 1.52 5.17
N ILE A 23 0.02 2.59 4.49
CA ILE A 23 0.98 3.62 4.09
C ILE A 23 1.90 3.96 5.25
N LYS A 24 1.31 4.34 6.37
CA LYS A 24 2.07 4.72 7.56
C LYS A 24 3.03 3.60 8.00
N GLU A 25 2.51 2.40 8.17
CA GLU A 25 3.30 1.27 8.60
C GLU A 25 4.34 0.86 7.56
N LYS A 26 4.05 1.14 6.28
CA LYS A 26 4.97 0.81 5.21
C LYS A 26 6.10 1.83 5.18
N LYS A 27 5.76 3.12 5.34
CA LYS A 27 6.76 4.18 5.38
C LYS A 27 7.81 3.87 6.44
N LEU A 28 7.33 3.38 7.59
CA LEU A 28 8.22 3.03 8.70
C LEU A 28 9.19 1.93 8.26
N LEU A 29 8.64 0.90 7.61
CA LEU A 29 9.45 -0.21 7.14
C LEU A 29 10.56 0.30 6.23
N VAL A 30 10.20 1.19 5.32
CA VAL A 30 11.16 1.78 4.39
C VAL A 30 12.25 2.53 5.15
N SER A 31 11.83 3.29 6.17
CA SER A 31 12.78 4.06 6.98
C SER A 31 13.88 3.15 7.52
N SER A 32 13.50 1.92 7.85
CA SER A 32 14.44 0.93 8.37
C SER A 32 15.27 0.34 7.24
N GLU A 33 14.58 -0.29 6.28
CA GLU A 33 15.23 -0.90 5.11
C GLU A 33 15.96 -2.19 5.50
N ASP A 34 17.01 -2.05 6.30
CA ASP A 34 17.79 -3.20 6.74
C ASP A 34 18.34 -2.95 8.14
N TYR A 35 19.43 -2.18 8.22
CA TYR A 35 20.06 -1.85 9.50
C TYR A 35 20.23 -0.34 9.63
N GLY A 36 19.35 0.41 8.97
CA GLY A 36 19.38 1.86 9.01
C GLY A 36 20.73 2.44 8.63
N ARG A 37 21.57 1.64 7.97
CA ARG A 37 22.90 2.11 7.57
C ARG A 37 23.61 1.05 6.73
N ASP A 38 23.68 -0.17 7.26
CA ASP A 38 24.34 -1.28 6.58
C ASP A 38 25.82 -0.98 6.27
N LEU A 39 26.30 0.17 6.73
CA LEU A 39 27.68 0.59 6.48
C LEU A 39 28.03 0.50 5.00
N THR A 40 27.01 0.66 4.15
CA THR A 40 27.20 0.61 2.71
C THR A 40 25.94 1.06 1.98
N GLY A 41 25.93 2.32 1.54
CA GLY A 41 24.78 2.86 0.84
C GLY A 41 24.42 2.08 -0.41
N VAL A 42 25.42 1.80 -1.24
CA VAL A 42 25.20 1.07 -2.49
C VAL A 42 24.57 -0.30 -2.24
N GLN A 43 25.25 -1.17 -1.49
CA GLN A 43 24.73 -2.49 -1.20
C GLN A 43 23.36 -2.41 -0.56
N ASN A 44 23.20 -1.46 0.36
CA ASN A 44 21.92 -1.25 1.04
C ASN A 44 20.82 -0.93 0.04
N LEU A 45 21.11 0.00 -0.87
CA LEU A 45 20.14 0.39 -1.89
C LEU A 45 19.75 -0.82 -2.73
N ARG A 46 20.76 -1.55 -3.20
CA ARG A 46 20.52 -2.75 -4.00
C ARG A 46 19.55 -3.68 -3.28
N LYS A 47 19.71 -3.79 -1.97
CA LYS A 47 18.84 -4.63 -1.15
C LYS A 47 17.42 -4.06 -1.16
N LYS A 48 17.31 -2.73 -1.06
CA LYS A 48 16.01 -2.07 -1.06
C LYS A 48 15.26 -2.42 -2.33
N HIS A 49 15.95 -2.33 -3.47
CA HIS A 49 15.36 -2.64 -4.77
C HIS A 49 14.73 -4.03 -4.75
N LYS A 50 15.53 -5.03 -4.41
CA LYS A 50 15.05 -6.41 -4.35
C LYS A 50 13.89 -6.53 -3.37
N ARG A 51 13.98 -5.77 -2.28
CA ARG A 51 12.93 -5.78 -1.26
C ARG A 51 11.67 -5.13 -1.80
N LEU A 52 11.85 -4.15 -2.69
CA LEU A 52 10.73 -3.44 -3.29
C LEU A 52 9.86 -4.42 -4.06
N GLU A 53 10.49 -5.21 -4.93
CA GLU A 53 9.76 -6.20 -5.71
C GLU A 53 8.88 -7.05 -4.80
N ALA A 54 9.50 -7.65 -3.79
CA ALA A 54 8.77 -8.47 -2.82
C ALA A 54 7.62 -7.68 -2.22
N GLU A 55 7.92 -6.47 -1.78
CA GLU A 55 6.91 -5.59 -1.18
C GLU A 55 5.71 -5.45 -2.11
N LEU A 56 5.98 -5.13 -3.38
CA LEU A 56 4.91 -4.97 -4.37
C LEU A 56 4.01 -6.19 -4.42
N ALA A 57 4.64 -7.37 -4.35
CA ALA A 57 3.90 -8.62 -4.38
C ALA A 57 2.91 -8.71 -3.23
N ALA A 58 3.37 -8.30 -2.04
CA ALA A 58 2.55 -8.33 -0.83
C ALA A 58 1.60 -7.12 -0.78
N HIS A 59 1.95 -6.08 -1.53
CA HIS A 59 1.17 -4.86 -1.56
C HIS A 59 -0.20 -5.08 -2.20
N GLU A 60 -0.23 -5.84 -3.28
CA GLU A 60 -1.48 -6.10 -3.98
C GLU A 60 -2.49 -6.84 -3.09
N PRO A 61 -2.15 -8.05 -2.62
CA PRO A 61 -3.05 -8.83 -1.76
C PRO A 61 -3.53 -8.04 -0.55
N ALA A 62 -2.61 -7.31 0.08
CA ALA A 62 -2.92 -6.52 1.26
C ALA A 62 -4.06 -5.54 1.00
N ILE A 63 -3.85 -4.63 0.05
CA ILE A 63 -4.85 -3.63 -0.30
C ILE A 63 -6.10 -4.29 -0.87
N GLN A 64 -5.93 -5.29 -1.72
CA GLN A 64 -7.05 -6.00 -2.32
C GLN A 64 -7.97 -6.56 -1.24
N GLY A 65 -7.37 -7.16 -0.21
CA GLY A 65 -8.15 -7.72 0.88
C GLY A 65 -9.22 -6.76 1.36
N VAL A 66 -8.83 -5.51 1.59
CA VAL A 66 -9.79 -4.49 2.06
C VAL A 66 -10.87 -4.28 0.99
N LEU A 67 -10.45 -4.05 -0.24
CA LEU A 67 -11.39 -3.84 -1.33
C LEU A 67 -12.43 -4.94 -1.35
N ASP A 68 -11.98 -6.18 -1.40
CA ASP A 68 -12.88 -7.33 -1.40
C ASP A 68 -13.88 -7.22 -0.27
N THR A 69 -13.39 -7.06 0.96
CA THR A 69 -14.26 -6.93 2.12
C THR A 69 -15.30 -5.86 1.90
N GLY A 70 -14.85 -4.69 1.42
CA GLY A 70 -15.77 -3.61 1.14
C GLY A 70 -16.94 -4.06 0.29
N LYS A 71 -16.63 -4.81 -0.76
CA LYS A 71 -17.66 -5.32 -1.65
C LYS A 71 -18.61 -6.25 -0.88
N LYS A 72 -18.05 -7.03 0.05
CA LYS A 72 -18.84 -7.95 0.86
C LYS A 72 -20.00 -7.21 1.52
N LEU A 73 -19.71 -6.05 2.12
CA LEU A 73 -20.75 -5.27 2.78
C LEU A 73 -21.94 -5.07 1.84
N SER A 74 -21.64 -4.62 0.63
CA SER A 74 -22.68 -4.39 -0.38
C SER A 74 -23.41 -5.68 -0.74
N ASP A 75 -22.66 -6.76 -0.90
CA ASP A 75 -23.23 -8.06 -1.27
C ASP A 75 -24.04 -8.67 -0.13
N ASP A 76 -23.76 -8.26 1.10
CA ASP A 76 -24.46 -8.80 2.27
C ASP A 76 -25.80 -8.11 2.49
N ASN A 77 -25.78 -6.78 2.56
CA ASN A 77 -27.00 -5.98 2.76
C ASN A 77 -26.67 -4.50 2.82
N THR A 78 -25.49 -4.16 3.33
CA THR A 78 -25.06 -2.77 3.43
C THR A 78 -24.64 -2.24 2.05
N ILE A 79 -25.61 -2.09 1.16
CA ILE A 79 -25.35 -1.60 -0.19
C ILE A 79 -24.80 -0.17 -0.16
N GLY A 80 -23.48 -0.06 -0.12
CA GLY A 80 -22.83 1.24 -0.10
C GLY A 80 -21.61 1.29 -0.99
N LYS A 81 -21.64 0.50 -2.07
CA LYS A 81 -20.54 0.42 -3.02
C LYS A 81 -19.92 1.79 -3.30
N GLU A 82 -20.72 2.72 -3.80
CA GLU A 82 -20.24 4.05 -4.12
C GLU A 82 -19.42 4.64 -2.98
N GLU A 83 -19.99 4.62 -1.77
CA GLU A 83 -19.30 5.15 -0.60
C GLU A 83 -17.92 4.51 -0.45
N ILE A 84 -17.87 3.18 -0.51
CA ILE A 84 -16.61 2.47 -0.38
C ILE A 84 -15.64 2.92 -1.46
N GLN A 85 -16.14 3.03 -2.69
CA GLN A 85 -15.33 3.48 -3.81
C GLN A 85 -14.59 4.77 -3.48
N GLN A 86 -15.32 5.73 -2.91
CA GLN A 86 -14.74 7.02 -2.55
C GLN A 86 -13.51 6.82 -1.65
N ARG A 87 -13.69 6.10 -0.54
CA ARG A 87 -12.60 5.86 0.39
C ARG A 87 -11.48 5.07 -0.26
N LEU A 88 -11.85 4.03 -1.01
CA LEU A 88 -10.86 3.20 -1.69
C LEU A 88 -10.10 4.00 -2.75
N ALA A 89 -10.77 5.01 -3.31
CA ALA A 89 -10.16 5.85 -4.32
C ALA A 89 -8.96 6.60 -3.75
N GLN A 90 -9.05 6.93 -2.46
CA GLN A 90 -7.96 7.63 -1.79
C GLN A 90 -6.75 6.73 -1.66
N PHE A 91 -6.97 5.50 -1.21
CA PHE A 91 -5.89 4.52 -1.04
C PHE A 91 -5.20 4.29 -2.37
N VAL A 92 -6.00 4.03 -3.41
CA VAL A 92 -5.45 3.80 -4.74
C VAL A 92 -4.67 5.03 -5.20
N ASP A 93 -5.27 6.21 -5.01
CA ASP A 93 -4.63 7.46 -5.39
C ASP A 93 -3.20 7.52 -4.84
N HIS A 94 -3.06 7.29 -3.55
CA HIS A 94 -1.74 7.31 -2.93
C HIS A 94 -0.89 6.17 -3.49
N TRP A 95 -1.50 5.00 -3.53
CA TRP A 95 -0.86 3.79 -4.02
C TRP A 95 -0.29 3.98 -5.43
N LYS A 96 -1.00 4.74 -6.27
CA LYS A 96 -0.54 4.95 -7.64
C LYS A 96 0.76 5.75 -7.66
N GLU A 97 0.82 6.84 -6.89
CA GLU A 97 2.03 7.63 -6.84
C GLU A 97 3.18 6.80 -6.28
N LEU A 98 2.85 5.92 -5.33
CA LEU A 98 3.84 5.05 -4.71
C LEU A 98 4.44 4.12 -5.77
N LYS A 99 3.59 3.37 -6.46
CA LYS A 99 4.05 2.46 -7.49
C LYS A 99 4.93 3.21 -8.49
N GLN A 100 4.44 4.37 -8.93
CA GLN A 100 5.20 5.20 -9.86
C GLN A 100 6.59 5.50 -9.30
N LEU A 101 6.65 6.07 -8.10
CA LEU A 101 7.92 6.39 -7.46
C LEU A 101 8.84 5.17 -7.46
N ALA A 102 8.30 4.02 -7.08
CA ALA A 102 9.06 2.78 -7.05
C ALA A 102 9.70 2.51 -8.40
N ALA A 103 8.89 2.56 -9.46
CA ALA A 103 9.37 2.32 -10.81
C ALA A 103 10.54 3.24 -11.13
N ALA A 104 10.39 4.52 -10.81
CA ALA A 104 11.44 5.51 -11.06
C ALA A 104 12.73 5.11 -10.34
N ARG A 105 12.60 4.71 -9.08
CA ARG A 105 13.75 4.30 -8.28
C ARG A 105 14.49 3.16 -8.98
N GLY A 106 13.74 2.18 -9.48
CA GLY A 106 14.34 1.05 -10.17
C GLY A 106 14.96 1.43 -11.49
N GLN A 107 14.39 2.44 -12.15
CA GLN A 107 14.89 2.90 -13.43
C GLN A 107 16.33 3.37 -13.31
N HIS A 10 -18.29 -3.73 10.99
CA HIS A 10 -17.53 -2.68 11.65
C HIS A 10 -16.03 -2.98 11.57
N GLN A 11 -15.68 -4.21 11.92
CA GLN A 11 -14.28 -4.63 11.89
C GLN A 11 -13.66 -4.30 10.54
N PHE A 12 -14.33 -4.67 9.45
CA PHE A 12 -13.78 -4.38 8.12
C PHE A 12 -13.42 -2.91 8.02
N PHE A 13 -14.36 -2.05 8.39
CA PHE A 13 -14.12 -0.60 8.36
C PHE A 13 -12.78 -0.29 9.00
N ARG A 14 -12.57 -0.84 10.19
CA ARG A 14 -11.32 -0.64 10.91
C ARG A 14 -10.15 -1.18 10.10
N ASP A 15 -10.28 -2.43 9.65
CA ASP A 15 -9.22 -3.06 8.85
C ASP A 15 -8.83 -2.14 7.69
N MET A 16 -9.83 -1.58 7.02
CA MET A 16 -9.61 -0.68 5.90
C MET A 16 -8.68 0.47 6.30
N ASP A 17 -9.12 1.25 7.30
CA ASP A 17 -8.35 2.37 7.79
C ASP A 17 -6.97 1.90 8.23
N ASP A 18 -6.93 0.76 8.90
CA ASP A 18 -5.68 0.18 9.39
C ASP A 18 -4.73 -0.07 8.23
N GLU A 19 -5.27 -0.59 7.12
CA GLU A 19 -4.47 -0.86 5.94
C GLU A 19 -3.90 0.46 5.41
N GLU A 20 -4.80 1.41 5.13
CA GLU A 20 -4.38 2.72 4.64
C GLU A 20 -3.22 3.24 5.48
N SER A 21 -3.36 3.15 6.80
CA SER A 21 -2.32 3.58 7.70
C SER A 21 -1.03 2.80 7.44
N TRP A 22 -1.15 1.47 7.35
CA TRP A 22 0.00 0.61 7.09
C TRP A 22 0.72 1.03 5.82
N ILE A 23 -0.04 1.44 4.80
CA ILE A 23 0.54 1.88 3.55
C ILE A 23 1.36 3.14 3.76
N LYS A 24 0.74 4.16 4.34
CA LYS A 24 1.45 5.41 4.63
C LYS A 24 2.73 5.11 5.41
N GLU A 25 2.61 4.22 6.38
CA GLU A 25 3.75 3.82 7.20
C GLU A 25 4.78 3.09 6.35
N LYS A 26 4.30 2.17 5.51
CA LYS A 26 5.17 1.42 4.63
C LYS A 26 5.93 2.36 3.70
N LYS A 27 5.22 3.32 3.11
CA LYS A 27 5.83 4.30 2.23
C LYS A 27 6.97 5.01 2.96
N LEU A 28 6.70 5.43 4.20
CA LEU A 28 7.70 6.11 5.00
C LEU A 28 8.96 5.26 5.09
N LEU A 29 8.77 3.96 5.32
CA LEU A 29 9.88 3.02 5.41
C LEU A 29 10.69 3.03 4.12
N VAL A 30 9.99 2.97 2.98
CA VAL A 30 10.67 2.98 1.69
C VAL A 30 11.62 4.17 1.60
N SER A 31 11.16 5.31 2.09
CA SER A 31 11.96 6.53 2.09
C SER A 31 13.08 6.44 3.12
N SER A 32 12.84 5.65 4.17
CA SER A 32 13.80 5.46 5.24
C SER A 32 14.95 4.56 4.80
N GLU A 33 14.61 3.51 4.04
CA GLU A 33 15.59 2.56 3.55
C GLU A 33 16.37 3.16 2.38
N ASP A 34 17.46 3.84 2.69
CA ASP A 34 18.31 4.48 1.67
C ASP A 34 19.60 3.69 1.48
N TYR A 35 20.18 3.80 0.28
CA TYR A 35 21.42 3.11 -0.06
C TYR A 35 21.58 1.81 0.72
N GLY A 36 22.37 1.84 1.79
CA GLY A 36 22.60 0.66 2.61
C GLY A 36 23.88 0.74 3.39
N ARG A 37 25.00 0.55 2.69
CA ARG A 37 26.32 0.61 3.32
C ARG A 37 27.20 1.67 2.65
N ASP A 38 28.08 2.28 3.45
CA ASP A 38 28.99 3.31 2.94
C ASP A 38 30.27 2.69 2.38
N LEU A 39 30.15 1.49 1.83
CA LEU A 39 31.28 0.77 1.25
C LEU A 39 30.84 0.01 0.00
N THR A 40 29.53 -0.21 -0.11
CA THR A 40 28.96 -0.91 -1.26
C THR A 40 27.55 -0.42 -1.54
N GLY A 41 27.28 0.84 -1.19
CA GLY A 41 25.97 1.43 -1.40
C GLY A 41 25.32 1.02 -2.71
N VAL A 42 26.05 1.20 -3.82
CA VAL A 42 25.53 0.85 -5.14
C VAL A 42 24.91 -0.55 -5.15
N GLN A 43 25.72 -1.55 -4.84
CA GLN A 43 25.24 -2.94 -4.83
C GLN A 43 24.15 -3.12 -3.78
N ASN A 44 24.21 -2.30 -2.73
CA ASN A 44 23.23 -2.36 -1.66
C ASN A 44 21.87 -1.89 -2.17
N LEU A 45 21.90 -0.88 -3.02
CA LEU A 45 20.67 -0.34 -3.61
C LEU A 45 20.03 -1.38 -4.51
N ARG A 46 20.82 -1.90 -5.45
CA ARG A 46 20.35 -2.92 -6.37
C ARG A 46 19.67 -4.06 -5.62
N LYS A 47 20.29 -4.49 -4.53
CA LYS A 47 19.74 -5.57 -3.72
C LYS A 47 18.40 -5.17 -3.12
N LYS A 48 18.37 -4.00 -2.48
CA LYS A 48 17.13 -3.51 -1.89
C LYS A 48 16.04 -3.45 -2.95
N HIS A 49 16.39 -2.97 -4.14
CA HIS A 49 15.45 -2.89 -5.25
C HIS A 49 14.69 -4.20 -5.40
N LYS A 50 15.44 -5.29 -5.55
CA LYS A 50 14.83 -6.61 -5.68
C LYS A 50 13.86 -6.87 -4.53
N ARG A 51 14.30 -6.52 -3.32
CA ARG A 51 13.48 -6.69 -2.13
C ARG A 51 12.22 -5.84 -2.24
N LEU A 52 12.36 -4.68 -2.87
CA LEU A 52 11.25 -3.76 -3.05
C LEU A 52 10.17 -4.42 -3.90
N GLU A 53 10.56 -4.94 -5.06
CA GLU A 53 9.63 -5.61 -5.95
C GLU A 53 8.85 -6.68 -5.18
N ALA A 54 9.57 -7.48 -4.40
CA ALA A 54 8.94 -8.54 -3.61
C ALA A 54 7.87 -7.95 -2.70
N GLU A 55 8.24 -6.95 -1.92
CA GLU A 55 7.30 -6.28 -1.01
C GLU A 55 6.10 -5.77 -1.80
N LEU A 56 6.39 -5.08 -2.90
CA LEU A 56 5.36 -4.52 -3.76
C LEU A 56 4.31 -5.57 -4.11
N ALA A 57 4.78 -6.76 -4.45
CA ALA A 57 3.90 -7.86 -4.82
C ALA A 57 3.08 -8.34 -3.62
N ALA A 58 3.73 -8.45 -2.46
CA ALA A 58 3.06 -8.91 -1.25
C ALA A 58 1.98 -7.94 -0.79
N HIS A 59 2.13 -6.67 -1.13
CA HIS A 59 1.16 -5.65 -0.75
C HIS A 59 -0.15 -5.81 -1.51
N GLU A 60 -0.07 -6.17 -2.79
CA GLU A 60 -1.26 -6.35 -3.61
C GLU A 60 -2.28 -7.23 -2.88
N PRO A 61 -1.92 -8.50 -2.60
CA PRO A 61 -2.81 -9.45 -1.91
C PRO A 61 -3.42 -8.86 -0.63
N ALA A 62 -2.56 -8.23 0.17
CA ALA A 62 -3.00 -7.63 1.43
C ALA A 62 -4.15 -6.65 1.21
N ILE A 63 -4.02 -5.83 0.17
CA ILE A 63 -5.05 -4.84 -0.15
C ILE A 63 -6.21 -5.46 -0.90
N GLN A 64 -5.91 -6.47 -1.70
CA GLN A 64 -6.96 -7.16 -2.47
C GLN A 64 -8.06 -7.61 -1.53
N GLY A 65 -7.68 -8.32 -0.47
CA GLY A 65 -8.66 -8.78 0.49
C GLY A 65 -9.57 -7.66 0.93
N VAL A 66 -8.99 -6.55 1.34
CA VAL A 66 -9.75 -5.38 1.77
C VAL A 66 -10.75 -4.98 0.68
N LEU A 67 -10.24 -4.74 -0.52
CA LEU A 67 -11.08 -4.35 -1.65
C LEU A 67 -12.23 -5.33 -1.84
N ASP A 68 -11.90 -6.61 -1.91
CA ASP A 68 -12.91 -7.65 -2.11
C ASP A 68 -13.97 -7.60 -1.01
N THR A 69 -13.52 -7.47 0.24
CA THR A 69 -14.44 -7.41 1.37
C THR A 69 -15.33 -6.18 1.24
N GLY A 70 -14.71 -5.03 1.01
CA GLY A 70 -15.47 -3.80 0.86
C GLY A 70 -16.55 -3.91 -0.19
N LYS A 71 -16.21 -4.53 -1.32
CA LYS A 71 -17.15 -4.71 -2.40
C LYS A 71 -18.34 -5.53 -1.92
N LYS A 72 -18.05 -6.58 -1.15
CA LYS A 72 -19.07 -7.45 -0.61
C LYS A 72 -20.07 -6.68 0.24
N LEU A 73 -19.54 -5.86 1.16
CA LEU A 73 -20.38 -5.07 2.03
C LEU A 73 -21.30 -4.14 1.23
N SER A 74 -20.75 -3.56 0.17
CA SER A 74 -21.51 -2.64 -0.68
C SER A 74 -22.63 -3.36 -1.41
N ASP A 75 -22.31 -4.51 -1.99
CA ASP A 75 -23.29 -5.28 -2.75
C ASP A 75 -24.61 -5.44 -1.99
N ASP A 76 -24.52 -5.72 -0.70
CA ASP A 76 -25.72 -5.91 0.13
C ASP A 76 -26.21 -4.59 0.73
N ASN A 77 -25.27 -3.78 1.21
CA ASN A 77 -25.62 -2.50 1.83
C ASN A 77 -26.01 -1.45 0.79
N THR A 78 -27.11 -0.76 1.05
CA THR A 78 -27.58 0.30 0.16
C THR A 78 -26.99 1.64 0.61
N ILE A 79 -27.51 2.17 1.71
CA ILE A 79 -27.04 3.44 2.26
C ILE A 79 -25.64 3.26 2.85
N GLY A 80 -24.63 3.71 2.11
CA GLY A 80 -23.26 3.59 2.57
C GLY A 80 -22.34 3.08 1.48
N LYS A 81 -22.90 2.31 0.55
CA LYS A 81 -22.14 1.75 -0.56
C LYS A 81 -21.25 2.82 -1.19
N GLU A 82 -21.83 3.99 -1.45
CA GLU A 82 -21.10 5.10 -2.04
C GLU A 82 -19.85 5.44 -1.21
N GLU A 83 -20.05 5.66 0.08
CA GLU A 83 -18.94 5.98 0.98
C GLU A 83 -17.85 4.92 0.86
N ILE A 84 -18.25 3.65 0.88
CA ILE A 84 -17.30 2.55 0.77
C ILE A 84 -16.47 2.69 -0.51
N GLN A 85 -17.14 2.83 -1.64
CA GLN A 85 -16.46 2.96 -2.93
C GLN A 85 -15.48 4.13 -2.91
N GLN A 86 -15.90 5.25 -2.31
CA GLN A 86 -15.04 6.42 -2.21
C GLN A 86 -13.78 6.11 -1.42
N ARG A 87 -13.97 5.47 -0.26
CA ARG A 87 -12.84 5.11 0.60
C ARG A 87 -11.90 4.17 -0.13
N LEU A 88 -12.47 3.12 -0.74
CA LEU A 88 -11.68 2.15 -1.48
C LEU A 88 -10.89 2.86 -2.57
N ALA A 89 -11.56 3.74 -3.31
CA ALA A 89 -10.92 4.48 -4.39
C ALA A 89 -9.79 5.36 -3.86
N GLN A 90 -9.96 5.85 -2.64
CA GLN A 90 -8.94 6.69 -2.02
C GLN A 90 -7.72 5.85 -1.67
N PHE A 91 -7.95 4.62 -1.20
CA PHE A 91 -6.84 3.74 -0.86
C PHE A 91 -5.97 3.52 -2.08
N VAL A 92 -6.60 3.16 -3.20
CA VAL A 92 -5.86 2.92 -4.43
C VAL A 92 -4.91 4.07 -4.71
N ASP A 93 -5.42 5.30 -4.63
CA ASP A 93 -4.60 6.48 -4.86
C ASP A 93 -3.38 6.42 -3.95
N HIS A 94 -3.60 6.30 -2.65
CA HIS A 94 -2.52 6.22 -1.69
C HIS A 94 -1.51 5.16 -2.11
N TRP A 95 -2.00 3.93 -2.29
CA TRP A 95 -1.15 2.82 -2.71
C TRP A 95 -0.35 3.20 -3.95
N LYS A 96 -1.03 3.79 -4.92
CA LYS A 96 -0.39 4.21 -6.16
C LYS A 96 0.79 5.13 -5.83
N GLU A 97 0.53 6.13 -4.99
CA GLU A 97 1.56 7.07 -4.57
C GLU A 97 2.79 6.31 -4.07
N LEU A 98 2.57 5.35 -3.16
CA LEU A 98 3.66 4.56 -2.63
C LEU A 98 4.45 3.90 -3.74
N LYS A 99 3.72 3.25 -4.66
CA LYS A 99 4.35 2.58 -5.78
C LYS A 99 5.28 3.54 -6.53
N GLN A 100 4.76 4.72 -6.88
CA GLN A 100 5.56 5.73 -7.57
C GLN A 100 6.84 6.03 -6.79
N LEU A 101 6.68 6.39 -5.52
CA LEU A 101 7.83 6.70 -4.67
C LEU A 101 8.86 5.56 -4.70
N ALA A 102 8.37 4.33 -4.61
CA ALA A 102 9.25 3.16 -4.65
C ALA A 102 10.10 3.18 -5.91
N ALA A 103 9.44 3.36 -7.06
CA ALA A 103 10.15 3.42 -8.34
C ALA A 103 11.24 4.48 -8.31
N ALA A 104 10.88 5.66 -7.81
CA ALA A 104 11.83 6.76 -7.72
C ALA A 104 13.08 6.32 -6.96
N ARG A 105 12.86 5.74 -5.78
CA ARG A 105 13.97 5.26 -4.96
C ARG A 105 14.97 4.48 -5.81
N GLY A 106 14.45 3.56 -6.62
CA GLY A 106 15.30 2.77 -7.49
C GLY A 106 16.19 3.65 -8.35
N GLN A 107 15.58 4.64 -9.00
CA GLN A 107 16.33 5.57 -9.84
C GLN A 107 17.29 6.40 -8.99
N HIS A 10 -17.57 -5.03 11.30
CA HIS A 10 -16.59 -4.84 12.36
C HIS A 10 -15.18 -5.10 11.87
N GLN A 11 -14.99 -6.20 11.12
CA GLN A 11 -13.68 -6.53 10.59
C GLN A 11 -13.24 -5.49 9.57
N PHE A 12 -14.13 -5.14 8.65
CA PHE A 12 -13.79 -4.15 7.65
C PHE A 12 -13.29 -2.87 8.32
N PHE A 13 -13.94 -2.49 9.42
CA PHE A 13 -13.52 -1.30 10.15
C PHE A 13 -12.02 -1.33 10.36
N ARG A 14 -11.53 -2.44 10.91
CA ARG A 14 -10.10 -2.61 11.13
C ARG A 14 -9.37 -2.54 9.80
N ASP A 15 -9.82 -3.34 8.83
CA ASP A 15 -9.21 -3.33 7.49
C ASP A 15 -9.05 -1.89 6.99
N MET A 16 -10.08 -1.08 7.18
CA MET A 16 -10.05 0.31 6.75
C MET A 16 -8.83 1.00 7.32
N ASP A 17 -8.73 1.02 8.65
CA ASP A 17 -7.59 1.63 9.32
C ASP A 17 -6.31 1.01 8.78
N ASP A 18 -6.30 -0.31 8.67
CA ASP A 18 -5.14 -1.03 8.15
C ASP A 18 -4.63 -0.36 6.88
N GLU A 19 -5.56 0.04 6.01
CA GLU A 19 -5.22 0.71 4.77
C GLU A 19 -4.31 1.90 5.03
N GLU A 20 -4.87 2.91 5.65
CA GLU A 20 -4.11 4.12 5.99
C GLU A 20 -2.85 3.72 6.73
N SER A 21 -2.97 2.70 7.57
CA SER A 21 -1.84 2.20 8.33
C SER A 21 -0.78 1.67 7.38
N TRP A 22 -1.20 1.08 6.25
CA TRP A 22 -0.26 0.57 5.28
C TRP A 22 0.70 1.68 4.88
N ILE A 23 0.14 2.76 4.34
CA ILE A 23 0.95 3.89 3.91
C ILE A 23 2.08 4.15 4.90
N LYS A 24 1.73 4.33 6.17
CA LYS A 24 2.73 4.57 7.21
C LYS A 24 3.76 3.44 7.25
N GLU A 25 3.27 2.22 7.32
CA GLU A 25 4.11 1.04 7.39
C GLU A 25 5.06 0.95 6.19
N LYS A 26 4.56 1.27 5.01
CA LYS A 26 5.35 1.24 3.80
C LYS A 26 6.40 2.35 3.84
N LYS A 27 5.96 3.57 4.19
CA LYS A 27 6.87 4.70 4.29
C LYS A 27 8.00 4.39 5.26
N LEU A 28 7.66 3.66 6.33
CA LEU A 28 8.64 3.28 7.34
C LEU A 28 9.68 2.36 6.72
N LEU A 29 9.21 1.39 5.94
CA LEU A 29 10.11 0.44 5.28
C LEU A 29 11.17 1.18 4.50
N VAL A 30 10.73 2.17 3.71
CA VAL A 30 11.64 2.97 2.90
C VAL A 30 12.69 3.65 3.78
N SER A 31 12.23 4.29 4.85
CA SER A 31 13.13 4.99 5.77
C SER A 31 14.10 4.03 6.45
N SER A 32 13.71 2.77 6.57
CA SER A 32 14.57 1.76 7.20
C SER A 32 15.68 1.33 6.25
N GLU A 33 15.30 0.91 5.05
CA GLU A 33 16.26 0.47 4.05
C GLU A 33 16.32 1.46 2.89
N ASP A 34 17.27 2.40 2.96
CA ASP A 34 17.44 3.39 1.91
C ASP A 34 18.84 4.00 1.94
N TYR A 35 19.73 3.45 1.12
CA TYR A 35 21.11 3.92 1.04
C TYR A 35 21.76 3.98 2.44
N GLY A 36 22.07 2.81 2.99
CA GLY A 36 22.68 2.74 4.30
C GLY A 36 24.02 3.46 4.36
N ARG A 37 24.98 2.98 3.56
CA ARG A 37 26.32 3.58 3.52
C ARG A 37 26.79 3.73 2.07
N ASP A 38 27.36 4.89 1.77
CA ASP A 38 27.87 5.18 0.42
C ASP A 38 28.55 3.98 -0.22
N LEU A 39 29.47 3.35 0.53
CA LEU A 39 30.21 2.19 0.04
C LEU A 39 29.29 0.99 -0.19
N THR A 40 27.98 1.22 -0.13
CA THR A 40 27.01 0.15 -0.33
C THR A 40 25.90 0.60 -1.27
N GLY A 41 26.13 1.68 -2.02
CA GLY A 41 25.12 2.18 -2.93
C GLY A 41 24.55 1.12 -3.86
N VAL A 42 25.41 0.52 -4.68
CA VAL A 42 24.98 -0.50 -5.63
C VAL A 42 24.29 -1.68 -4.92
N GLN A 43 24.96 -2.27 -3.94
CA GLN A 43 24.40 -3.39 -3.19
C GLN A 43 23.06 -2.99 -2.57
N ASN A 44 22.98 -1.75 -2.10
CA ASN A 44 21.76 -1.23 -1.49
C ASN A 44 20.65 -1.14 -2.53
N LEU A 45 21.01 -0.67 -3.71
CA LEU A 45 20.04 -0.55 -4.80
C LEU A 45 19.42 -1.92 -5.08
N ARG A 46 20.28 -2.92 -5.29
CA ARG A 46 19.81 -4.28 -5.52
C ARG A 46 18.92 -4.70 -4.36
N LYS A 47 19.33 -4.32 -3.16
CA LYS A 47 18.58 -4.62 -1.95
C LYS A 47 17.17 -4.07 -2.07
N LYS A 48 17.08 -2.81 -2.51
CA LYS A 48 15.80 -2.14 -2.68
C LYS A 48 14.93 -2.95 -3.63
N HIS A 49 15.49 -3.30 -4.79
CA HIS A 49 14.76 -4.09 -5.78
C HIS A 49 14.16 -5.32 -5.11
N LYS A 50 15.00 -6.05 -4.37
CA LYS A 50 14.54 -7.24 -3.66
C LYS A 50 13.39 -6.88 -2.74
N ARG A 51 13.51 -5.73 -2.09
CA ARG A 51 12.47 -5.24 -1.19
C ARG A 51 11.22 -4.92 -1.98
N LEU A 52 11.41 -4.46 -3.22
CA LEU A 52 10.29 -4.12 -4.09
C LEU A 52 9.41 -5.33 -4.35
N GLU A 53 10.05 -6.43 -4.76
CA GLU A 53 9.33 -7.67 -5.02
C GLU A 53 8.49 -8.04 -3.80
N ALA A 54 9.14 -8.07 -2.63
CA ALA A 54 8.45 -8.39 -1.39
C ALA A 54 7.31 -7.41 -1.16
N GLU A 55 7.59 -6.13 -1.38
CA GLU A 55 6.60 -5.07 -1.22
C GLU A 55 5.34 -5.41 -2.02
N LEU A 56 5.54 -5.67 -3.31
CA LEU A 56 4.43 -5.99 -4.20
C LEU A 56 3.68 -7.23 -3.74
N ALA A 57 4.41 -8.18 -3.19
CA ALA A 57 3.80 -9.41 -2.70
C ALA A 57 2.84 -9.12 -1.57
N ALA A 58 3.24 -8.22 -0.67
CA ALA A 58 2.42 -7.84 0.48
C ALA A 58 1.35 -6.82 0.08
N HIS A 59 1.61 -6.10 -1.01
CA HIS A 59 0.68 -5.08 -1.49
C HIS A 59 -0.58 -5.71 -2.07
N GLU A 60 -0.40 -6.77 -2.85
CA GLU A 60 -1.53 -7.42 -3.49
C GLU A 60 -2.57 -7.88 -2.47
N PRO A 61 -2.22 -8.76 -1.51
CA PRO A 61 -3.19 -9.22 -0.50
C PRO A 61 -3.76 -8.09 0.33
N ALA A 62 -2.89 -7.22 0.84
CA ALA A 62 -3.31 -6.10 1.67
C ALA A 62 -4.36 -5.23 0.96
N ILE A 63 -4.02 -4.78 -0.23
CA ILE A 63 -4.90 -3.93 -1.02
C ILE A 63 -6.15 -4.69 -1.46
N GLN A 64 -5.96 -5.78 -2.19
CA GLN A 64 -7.09 -6.58 -2.67
C GLN A 64 -8.05 -6.88 -1.53
N GLY A 65 -7.50 -7.31 -0.39
CA GLY A 65 -8.32 -7.62 0.76
C GLY A 65 -9.37 -6.55 1.00
N VAL A 66 -8.93 -5.29 1.13
CA VAL A 66 -9.87 -4.20 1.36
C VAL A 66 -10.91 -4.13 0.25
N LEU A 67 -10.44 -4.12 -0.99
CA LEU A 67 -11.34 -4.06 -2.15
C LEU A 67 -12.41 -5.14 -2.06
N ASP A 68 -11.98 -6.38 -1.85
CA ASP A 68 -12.91 -7.51 -1.74
C ASP A 68 -13.95 -7.22 -0.68
N THR A 69 -13.49 -6.81 0.50
CA THR A 69 -14.40 -6.51 1.60
C THR A 69 -15.40 -5.43 1.19
N GLY A 70 -14.90 -4.32 0.66
CA GLY A 70 -15.76 -3.24 0.22
C GLY A 70 -16.86 -3.76 -0.70
N LYS A 71 -16.50 -4.65 -1.61
CA LYS A 71 -17.46 -5.23 -2.53
C LYS A 71 -18.49 -6.04 -1.74
N LYS A 72 -18.01 -6.79 -0.75
CA LYS A 72 -18.86 -7.61 0.10
C LYS A 72 -19.80 -6.74 0.91
N LEU A 73 -19.33 -5.55 1.28
CA LEU A 73 -20.13 -4.60 2.05
C LEU A 73 -21.37 -4.21 1.26
N SER A 74 -21.18 -3.96 -0.03
CA SER A 74 -22.26 -3.58 -0.91
C SER A 74 -23.14 -4.78 -1.25
N ASP A 75 -22.51 -5.95 -1.31
CA ASP A 75 -23.20 -7.20 -1.62
C ASP A 75 -24.16 -7.60 -0.51
N ASP A 76 -23.74 -7.39 0.74
CA ASP A 76 -24.56 -7.75 1.89
C ASP A 76 -25.40 -6.56 2.36
N ASN A 77 -24.76 -5.40 2.46
CA ASN A 77 -25.43 -4.18 2.92
C ASN A 77 -25.59 -3.18 1.78
N THR A 78 -26.31 -2.10 2.05
CA THR A 78 -26.54 -1.06 1.05
C THR A 78 -26.06 0.31 1.54
N ILE A 79 -25.48 0.34 2.73
CA ILE A 79 -24.97 1.59 3.31
C ILE A 79 -24.07 2.32 2.32
N GLY A 80 -24.65 3.31 1.63
CA GLY A 80 -23.92 4.11 0.66
C GLY A 80 -22.78 3.37 -0.02
N LYS A 81 -23.11 2.24 -0.66
CA LYS A 81 -22.10 1.43 -1.36
C LYS A 81 -21.20 2.30 -2.24
N GLU A 82 -21.81 3.17 -3.04
CA GLU A 82 -21.06 4.06 -3.92
C GLU A 82 -20.10 4.93 -3.12
N GLU A 83 -20.58 5.47 -2.01
CA GLU A 83 -19.74 6.32 -1.15
C GLU A 83 -18.50 5.55 -0.71
N ILE A 84 -18.70 4.34 -0.20
CA ILE A 84 -17.59 3.51 0.24
C ILE A 84 -16.64 3.27 -0.93
N GLN A 85 -17.21 2.93 -2.08
CA GLN A 85 -16.45 2.68 -3.29
C GLN A 85 -15.53 3.86 -3.62
N GLN A 86 -16.09 5.07 -3.62
CA GLN A 86 -15.31 6.27 -3.92
C GLN A 86 -14.18 6.42 -2.91
N ARG A 87 -14.49 6.20 -1.62
CA ARG A 87 -13.51 6.31 -0.56
C ARG A 87 -12.36 5.33 -0.79
N LEU A 88 -12.68 4.07 -1.05
CA LEU A 88 -11.66 3.06 -1.28
C LEU A 88 -10.78 3.44 -2.46
N ALA A 89 -11.40 3.98 -3.51
CA ALA A 89 -10.68 4.39 -4.71
C ALA A 89 -9.61 5.43 -4.38
N GLN A 90 -9.86 6.23 -3.34
CA GLN A 90 -8.91 7.27 -2.94
C GLN A 90 -7.64 6.63 -2.39
N PHE A 91 -7.79 5.63 -1.54
CA PHE A 91 -6.66 4.93 -0.95
C PHE A 91 -5.74 4.43 -2.06
N VAL A 92 -6.34 3.76 -3.05
CA VAL A 92 -5.57 3.25 -4.17
C VAL A 92 -4.80 4.37 -4.84
N ASP A 93 -5.49 5.47 -5.15
CA ASP A 93 -4.86 6.62 -5.78
C ASP A 93 -3.61 7.03 -4.99
N HIS A 94 -3.76 7.23 -3.70
CA HIS A 94 -2.64 7.61 -2.85
C HIS A 94 -1.50 6.61 -3.02
N TRP A 95 -1.81 5.33 -2.77
CA TRP A 95 -0.82 4.27 -2.90
C TRP A 95 -0.15 4.34 -4.28
N LYS A 96 -0.96 4.54 -5.31
CA LYS A 96 -0.46 4.64 -6.68
C LYS A 96 0.66 5.67 -6.76
N GLU A 97 0.41 6.85 -6.21
CA GLU A 97 1.42 7.92 -6.22
C GLU A 97 2.74 7.42 -5.65
N LEU A 98 2.67 6.84 -4.44
CA LEU A 98 3.86 6.31 -3.78
C LEU A 98 4.58 5.32 -4.70
N LYS A 99 3.81 4.41 -5.30
CA LYS A 99 4.37 3.42 -6.21
C LYS A 99 5.13 4.13 -7.32
N GLN A 100 4.47 5.12 -7.93
CA GLN A 100 5.07 5.91 -9.00
C GLN A 100 6.45 6.41 -8.58
N LEU A 101 6.50 7.09 -7.43
CA LEU A 101 7.76 7.60 -6.91
C LEU A 101 8.80 6.49 -6.84
N ALA A 102 8.42 5.38 -6.20
CA ALA A 102 9.31 4.23 -6.07
C ALA A 102 9.91 3.84 -7.41
N ALA A 103 9.05 3.77 -8.43
CA ALA A 103 9.50 3.41 -9.77
C ALA A 103 10.65 4.30 -10.22
N ALA A 104 10.46 5.61 -10.11
CA ALA A 104 11.48 6.58 -10.49
C ALA A 104 12.76 6.33 -9.69
N ARG A 105 12.60 6.05 -8.40
CA ARG A 105 13.73 5.79 -7.53
C ARG A 105 14.58 4.65 -8.09
N GLY A 106 13.91 3.59 -8.55
CA GLY A 106 14.60 2.46 -9.11
C GLY A 106 15.58 2.86 -10.20
N GLN A 107 15.08 3.58 -11.19
CA GLN A 107 15.93 4.04 -12.30
C GLN A 107 17.07 4.89 -11.76
N HIS A 10 -16.60 -6.27 10.80
CA HIS A 10 -15.52 -5.97 11.75
C HIS A 10 -14.16 -6.22 11.12
N GLN A 11 -14.00 -7.39 10.50
CA GLN A 11 -12.74 -7.74 9.86
C GLN A 11 -12.37 -6.69 8.82
N PHE A 12 -13.34 -6.26 8.02
CA PHE A 12 -13.09 -5.27 6.98
C PHE A 12 -12.43 -4.03 7.57
N PHE A 13 -13.00 -3.50 8.66
CA PHE A 13 -12.44 -2.32 9.29
C PHE A 13 -10.95 -2.51 9.51
N ARG A 14 -10.59 -3.67 10.07
CA ARG A 14 -9.18 -3.98 10.30
C ARG A 14 -8.41 -3.96 8.99
N ASP A 15 -8.91 -4.72 8.01
CA ASP A 15 -8.28 -4.78 6.69
C ASP A 15 -8.02 -3.37 6.15
N MET A 16 -9.02 -2.51 6.26
CA MET A 16 -8.90 -1.13 5.79
C MET A 16 -7.75 -0.42 6.51
N ASP A 17 -7.80 -0.43 7.84
CA ASP A 17 -6.75 0.19 8.62
C ASP A 17 -5.39 -0.36 8.19
N ASP A 18 -5.30 -1.67 8.06
CA ASP A 18 -4.06 -2.32 7.64
C ASP A 18 -3.55 -1.69 6.35
N GLU A 19 -4.40 -1.63 5.33
CA GLU A 19 -4.01 -1.04 4.06
C GLU A 19 -3.62 0.42 4.27
N GLU A 20 -4.53 1.22 4.83
CA GLU A 20 -4.23 2.63 5.12
C GLU A 20 -2.87 2.73 5.80
N SER A 21 -2.60 1.80 6.71
CA SER A 21 -1.33 1.75 7.42
C SER A 21 -0.19 1.46 6.45
N TRP A 22 -0.45 0.58 5.47
CA TRP A 22 0.56 0.24 4.46
C TRP A 22 1.07 1.51 3.80
N ILE A 23 0.14 2.39 3.42
CA ILE A 23 0.51 3.65 2.79
C ILE A 23 1.56 4.34 3.65
N LYS A 24 1.21 4.56 4.91
CA LYS A 24 2.09 5.19 5.88
C LYS A 24 3.43 4.45 5.95
N GLU A 25 3.36 3.12 5.93
CA GLU A 25 4.56 2.29 6.01
C GLU A 25 5.45 2.52 4.80
N LYS A 26 4.85 2.59 3.62
CA LYS A 26 5.58 2.82 2.39
C LYS A 26 6.28 4.17 2.46
N LYS A 27 5.54 5.21 2.82
CA LYS A 27 6.12 6.54 2.93
C LYS A 27 7.32 6.49 3.89
N LEU A 28 7.14 5.83 5.03
CA LEU A 28 8.19 5.70 6.03
C LEU A 28 9.37 4.92 5.45
N LEU A 29 9.06 3.95 4.59
CA LEU A 29 10.10 3.15 3.96
C LEU A 29 11.04 4.06 3.16
N VAL A 30 10.46 4.85 2.26
CA VAL A 30 11.24 5.78 1.46
C VAL A 30 12.04 6.71 2.37
N SER A 31 11.39 7.11 3.46
CA SER A 31 12.00 7.99 4.45
C SER A 31 13.16 7.29 5.15
N SER A 32 13.05 5.96 5.28
CA SER A 32 14.07 5.14 5.92
C SER A 32 15.20 4.82 4.95
N GLU A 33 14.87 4.72 3.67
CA GLU A 33 15.85 4.39 2.64
C GLU A 33 16.94 5.46 2.54
N ASP A 34 16.53 6.71 2.31
CA ASP A 34 17.46 7.85 2.18
C ASP A 34 18.72 7.46 1.40
N TYR A 35 19.72 6.93 2.11
CA TYR A 35 20.98 6.51 1.49
C TYR A 35 21.75 5.55 2.40
N GLY A 36 21.35 5.49 3.66
CA GLY A 36 22.00 4.60 4.61
C GLY A 36 23.50 4.77 4.65
N ARG A 37 24.22 3.65 4.73
CA ARG A 37 25.67 3.66 4.78
C ARG A 37 26.27 4.24 3.51
N ASP A 38 26.95 5.38 3.64
CA ASP A 38 27.58 6.03 2.50
C ASP A 38 28.64 5.10 1.91
N LEU A 39 29.55 4.64 2.76
CA LEU A 39 30.61 3.74 2.33
C LEU A 39 30.08 2.65 1.40
N THR A 40 29.26 1.76 1.95
CA THR A 40 28.67 0.67 1.17
C THR A 40 27.26 1.03 0.72
N GLY A 41 27.15 2.17 0.03
CA GLY A 41 25.86 2.63 -0.46
C GLY A 41 25.14 1.61 -1.34
N VAL A 42 25.89 0.96 -2.24
CA VAL A 42 25.30 -0.02 -3.15
C VAL A 42 24.65 -1.18 -2.39
N GLN A 43 25.45 -1.89 -1.60
CA GLN A 43 24.93 -3.02 -0.83
C GLN A 43 23.81 -2.55 0.09
N ASN A 44 23.98 -1.34 0.62
CA ASN A 44 22.99 -0.76 1.53
C ASN A 44 21.65 -0.63 0.83
N LEU A 45 21.66 -0.02 -0.36
CA LEU A 45 20.42 0.17 -1.12
C LEU A 45 19.79 -1.19 -1.43
N ARG A 46 20.62 -2.10 -1.94
CA ARG A 46 20.15 -3.44 -2.28
C ARG A 46 19.42 -4.07 -1.09
N LYS A 47 19.99 -3.90 0.11
CA LYS A 47 19.40 -4.45 1.32
C LYS A 47 18.01 -3.86 1.53
N LYS A 48 17.89 -2.55 1.40
CA LYS A 48 16.61 -1.87 1.55
C LYS A 48 15.62 -2.40 0.51
N HIS A 49 16.09 -2.50 -0.73
CA HIS A 49 15.27 -3.00 -1.83
C HIS A 49 14.59 -4.32 -1.45
N LYS A 50 15.38 -5.26 -0.94
CA LYS A 50 14.85 -6.56 -0.54
C LYS A 50 13.63 -6.38 0.37
N ARG A 51 13.77 -5.54 1.38
CA ARG A 51 12.67 -5.27 2.30
C ARG A 51 11.47 -4.72 1.54
N LEU A 52 11.76 -3.86 0.57
CA LEU A 52 10.71 -3.26 -0.26
C LEU A 52 9.94 -4.34 -0.99
N GLU A 53 10.66 -5.21 -1.69
CA GLU A 53 10.06 -6.31 -2.44
C GLU A 53 9.06 -7.08 -1.57
N ALA A 54 9.44 -7.36 -0.33
CA ALA A 54 8.57 -8.07 0.58
C ALA A 54 7.29 -7.27 0.83
N GLU A 55 7.47 -6.03 1.29
CA GLU A 55 6.34 -5.14 1.55
C GLU A 55 5.45 -5.03 0.31
N LEU A 56 6.09 -4.97 -0.85
CA LEU A 56 5.36 -4.86 -2.11
C LEU A 56 4.48 -6.07 -2.34
N ALA A 57 5.07 -7.25 -2.19
CA ALA A 57 4.35 -8.51 -2.38
C ALA A 57 3.22 -8.68 -1.38
N ALA A 58 3.37 -8.07 -0.21
CA ALA A 58 2.37 -8.18 0.85
C ALA A 58 1.14 -7.30 0.59
N HIS A 59 1.35 -6.09 0.06
CA HIS A 59 0.23 -5.19 -0.19
C HIS A 59 -0.59 -5.59 -1.41
N GLU A 60 -0.01 -6.36 -2.32
CA GLU A 60 -0.77 -6.80 -3.48
C GLU A 60 -1.97 -7.62 -3.00
N PRO A 61 -1.72 -8.76 -2.31
CA PRO A 61 -2.79 -9.60 -1.78
C PRO A 61 -3.68 -8.82 -0.80
N ALA A 62 -3.03 -7.99 0.02
CA ALA A 62 -3.75 -7.19 1.01
C ALA A 62 -4.74 -6.24 0.35
N ILE A 63 -4.30 -5.57 -0.70
CA ILE A 63 -5.16 -4.64 -1.43
C ILE A 63 -6.37 -5.38 -1.98
N GLN A 64 -6.12 -6.45 -2.74
CA GLN A 64 -7.17 -7.26 -3.32
C GLN A 64 -8.22 -7.60 -2.28
N GLY A 65 -7.78 -8.15 -1.15
CA GLY A 65 -8.68 -8.51 -0.08
C GLY A 65 -9.63 -7.38 0.27
N VAL A 66 -9.06 -6.19 0.47
CA VAL A 66 -9.86 -5.01 0.81
C VAL A 66 -10.93 -4.78 -0.26
N LEU A 67 -10.52 -4.77 -1.52
CA LEU A 67 -11.45 -4.57 -2.63
C LEU A 67 -12.57 -5.60 -2.57
N ASP A 68 -12.22 -6.87 -2.45
CA ASP A 68 -13.20 -7.94 -2.39
C ASP A 68 -14.24 -7.66 -1.30
N THR A 69 -13.76 -7.36 -0.09
CA THR A 69 -14.67 -7.06 1.01
C THR A 69 -15.53 -5.84 0.69
N GLY A 70 -14.87 -4.76 0.24
CA GLY A 70 -15.60 -3.56 -0.11
C GLY A 70 -16.73 -3.85 -1.09
N LYS A 71 -16.45 -4.74 -2.05
CA LYS A 71 -17.45 -5.13 -3.05
C LYS A 71 -18.75 -5.51 -2.36
N LYS A 72 -18.64 -6.28 -1.28
CA LYS A 72 -19.79 -6.70 -0.51
C LYS A 72 -20.59 -5.48 -0.05
N LEU A 73 -19.91 -4.55 0.61
CA LEU A 73 -20.54 -3.33 1.09
C LEU A 73 -21.32 -2.66 -0.05
N SER A 74 -20.73 -2.63 -1.23
CA SER A 74 -21.36 -2.02 -2.40
C SER A 74 -22.75 -2.61 -2.62
N ASP A 75 -22.81 -3.93 -2.70
CA ASP A 75 -24.07 -4.63 -2.92
C ASP A 75 -25.14 -4.18 -1.92
N ASP A 76 -24.76 -4.09 -0.64
CA ASP A 76 -25.69 -3.70 0.41
C ASP A 76 -25.46 -2.24 0.86
N ASN A 77 -25.27 -1.35 -0.10
CA ASN A 77 -25.07 0.07 0.22
C ASN A 77 -26.08 0.54 1.26
N THR A 78 -25.59 1.27 2.26
CA THR A 78 -26.45 1.78 3.33
C THR A 78 -25.81 2.97 4.04
N ILE A 79 -26.33 4.17 3.75
CA ILE A 79 -25.82 5.41 4.35
C ILE A 79 -24.31 5.36 4.57
N GLY A 80 -23.89 5.28 5.83
CA GLY A 80 -22.46 5.23 6.17
C GLY A 80 -21.60 4.55 5.12
N LYS A 81 -22.12 3.51 4.50
CA LYS A 81 -21.40 2.75 3.47
C LYS A 81 -20.76 3.70 2.43
N GLU A 82 -21.44 4.79 2.12
CA GLU A 82 -20.94 5.76 1.15
C GLU A 82 -19.60 6.33 1.59
N GLU A 83 -19.51 6.75 2.85
CA GLU A 83 -18.27 7.30 3.39
C GLU A 83 -17.13 6.30 3.21
N ILE A 84 -17.39 5.06 3.63
CA ILE A 84 -16.40 4.00 3.51
C ILE A 84 -15.94 3.86 2.07
N GLN A 85 -16.91 3.73 1.16
CA GLN A 85 -16.62 3.59 -0.26
C GLN A 85 -15.73 4.73 -0.76
N GLN A 86 -16.07 5.96 -0.37
CA GLN A 86 -15.29 7.14 -0.76
C GLN A 86 -13.87 7.01 -0.26
N ARG A 87 -13.72 6.64 1.01
CA ARG A 87 -12.40 6.46 1.61
C ARG A 87 -11.61 5.42 0.84
N LEU A 88 -12.22 4.25 0.64
CA LEU A 88 -11.56 3.16 -0.09
C LEU A 88 -11.12 3.65 -1.46
N ALA A 89 -12.00 4.37 -2.14
CA ALA A 89 -11.70 4.89 -3.46
C ALA A 89 -10.47 5.80 -3.39
N GLN A 90 -10.38 6.56 -2.30
CA GLN A 90 -9.23 7.45 -2.11
C GLN A 90 -7.96 6.63 -1.97
N PHE A 91 -8.05 5.55 -1.19
CA PHE A 91 -6.91 4.67 -0.98
C PHE A 91 -6.36 4.17 -2.31
N VAL A 92 -7.25 3.66 -3.18
CA VAL A 92 -6.82 3.15 -4.46
C VAL A 92 -6.06 4.22 -5.25
N ASP A 93 -6.61 5.44 -5.29
CA ASP A 93 -5.94 6.54 -5.98
C ASP A 93 -4.53 6.68 -5.47
N HIS A 94 -4.39 6.77 -4.15
CA HIS A 94 -3.08 6.87 -3.53
C HIS A 94 -2.19 5.75 -4.02
N TRP A 95 -2.64 4.51 -3.83
CA TRP A 95 -1.88 3.33 -4.25
C TRP A 95 -1.33 3.51 -5.66
N LYS A 96 -2.15 4.04 -6.56
CA LYS A 96 -1.71 4.25 -7.95
C LYS A 96 -0.43 5.06 -7.98
N GLU A 97 -0.44 6.23 -7.33
CA GLU A 97 0.72 7.10 -7.30
C GLU A 97 1.93 6.36 -6.73
N LEU A 98 1.74 5.75 -5.56
CA LEU A 98 2.83 5.01 -4.91
C LEU A 98 3.34 3.90 -5.82
N LYS A 99 2.43 3.27 -6.57
CA LYS A 99 2.80 2.20 -7.47
C LYS A 99 3.77 2.73 -8.53
N GLN A 100 3.39 3.83 -9.17
CA GLN A 100 4.23 4.46 -10.18
C GLN A 100 5.60 4.79 -9.59
N LEU A 101 5.58 5.47 -8.44
CA LEU A 101 6.80 5.84 -7.75
C LEU A 101 7.67 4.61 -7.48
N ALA A 102 7.04 3.57 -6.93
CA ALA A 102 7.74 2.33 -6.63
C ALA A 102 8.44 1.78 -7.86
N ALA A 103 7.73 1.78 -9.00
CA ALA A 103 8.31 1.29 -10.24
C ALA A 103 9.58 2.05 -10.58
N ALA A 104 9.50 3.38 -10.55
CA ALA A 104 10.64 4.23 -10.83
C ALA A 104 11.77 3.96 -9.85
N ARG A 105 11.40 3.73 -8.60
CA ARG A 105 12.37 3.45 -7.53
C ARG A 105 13.20 2.23 -7.89
N GLY A 106 12.54 1.17 -8.36
CA GLY A 106 13.25 -0.05 -8.72
C GLY A 106 14.08 0.11 -9.98
N GLN A 107 13.62 1.00 -10.88
CA GLN A 107 14.30 1.23 -12.14
C GLN A 107 15.71 1.80 -11.92
N HIS A 10 -18.68 -4.07 10.23
CA HIS A 10 -17.96 -3.28 11.22
C HIS A 10 -16.48 -3.64 11.24
N GLN A 11 -16.17 -4.94 11.14
CA GLN A 11 -14.79 -5.39 11.13
C GLN A 11 -14.10 -4.90 9.87
N PHE A 12 -14.82 -4.94 8.75
CA PHE A 12 -14.27 -4.50 7.47
C PHE A 12 -13.72 -3.08 7.62
N PHE A 13 -14.53 -2.17 8.16
CA PHE A 13 -14.10 -0.80 8.34
C PHE A 13 -12.77 -0.76 9.09
N ARG A 14 -12.71 -1.43 10.23
CA ARG A 14 -11.49 -1.48 11.02
C ARG A 14 -10.31 -1.90 10.14
N ASP A 15 -10.47 -3.03 9.44
CA ASP A 15 -9.43 -3.52 8.55
C ASP A 15 -9.00 -2.41 7.59
N MET A 16 -9.98 -1.84 6.90
CA MET A 16 -9.72 -0.76 5.95
C MET A 16 -8.86 0.33 6.58
N ASP A 17 -9.29 0.81 7.75
CA ASP A 17 -8.57 1.85 8.47
C ASP A 17 -7.12 1.44 8.67
N ASP A 18 -6.91 0.24 9.22
CA ASP A 18 -5.56 -0.26 9.47
C ASP A 18 -4.73 -0.18 8.20
N GLU A 19 -5.34 -0.53 7.07
CA GLU A 19 -4.64 -0.49 5.78
C GLU A 19 -4.28 0.95 5.42
N GLU A 20 -5.28 1.81 5.38
CA GLU A 20 -5.07 3.22 5.06
C GLU A 20 -3.89 3.76 5.87
N SER A 21 -3.82 3.40 7.15
CA SER A 21 -2.72 3.83 7.99
C SER A 21 -1.45 3.09 7.60
N TRP A 22 -1.59 1.80 7.32
CA TRP A 22 -0.47 0.95 6.93
C TRP A 22 0.25 1.50 5.70
N ILE A 23 -0.50 2.02 4.73
CA ILE A 23 0.12 2.56 3.52
C ILE A 23 0.98 3.78 3.88
N LYS A 24 0.39 4.74 4.58
CA LYS A 24 1.13 5.93 4.98
C LYS A 24 2.37 5.55 5.79
N GLU A 25 2.19 4.60 6.70
CA GLU A 25 3.27 4.13 7.55
C GLU A 25 4.28 3.32 6.75
N LYS A 26 3.79 2.53 5.80
CA LYS A 26 4.66 1.71 4.97
C LYS A 26 5.51 2.60 4.06
N LYS A 27 4.89 3.64 3.48
CA LYS A 27 5.62 4.57 2.62
C LYS A 27 6.84 5.10 3.35
N LEU A 28 6.64 5.52 4.60
CA LEU A 28 7.75 6.04 5.41
C LEU A 28 8.82 4.97 5.59
N LEU A 29 8.38 3.73 5.80
CA LEU A 29 9.30 2.62 5.98
C LEU A 29 10.21 2.47 4.75
N VAL A 30 9.61 2.54 3.57
CA VAL A 30 10.37 2.42 2.32
C VAL A 30 11.53 3.41 2.32
N SER A 31 11.23 4.65 2.69
CA SER A 31 12.24 5.70 2.72
C SER A 31 13.41 5.30 3.63
N SER A 32 13.11 4.57 4.70
CA SER A 32 14.13 4.12 5.63
C SER A 32 14.91 2.94 5.07
N GLU A 33 14.19 1.99 4.49
CA GLU A 33 14.81 0.79 3.91
C GLU A 33 15.75 1.17 2.77
N ASP A 34 15.36 2.18 2.00
CA ASP A 34 16.16 2.64 0.88
C ASP A 34 17.44 3.34 1.33
N TYR A 35 18.01 4.15 0.44
CA TYR A 35 19.25 4.88 0.71
C TYR A 35 19.27 5.48 2.12
N GLY A 36 19.86 4.75 3.05
CA GLY A 36 19.96 5.21 4.43
C GLY A 36 21.40 5.38 4.87
N ARG A 37 22.33 5.14 3.95
CA ARG A 37 23.75 5.27 4.23
C ARG A 37 24.51 5.72 2.99
N ASP A 38 24.65 7.03 2.83
CA ASP A 38 25.35 7.62 1.67
C ASP A 38 26.54 6.76 1.23
N LEU A 39 27.39 6.38 2.19
CA LEU A 39 28.57 5.57 1.91
C LEU A 39 28.33 4.50 0.84
N THR A 40 27.11 3.97 0.78
CA THR A 40 26.76 2.94 -0.19
C THR A 40 25.37 3.18 -0.78
N GLY A 41 25.08 4.44 -1.11
CA GLY A 41 23.79 4.78 -1.67
C GLY A 41 23.40 3.88 -2.83
N VAL A 42 24.33 3.67 -3.76
CA VAL A 42 24.08 2.84 -4.93
C VAL A 42 23.64 1.42 -4.55
N GLN A 43 24.50 0.72 -3.82
CA GLN A 43 24.19 -0.64 -3.40
C GLN A 43 22.86 -0.67 -2.64
N ASN A 44 22.64 0.35 -1.81
CA ASN A 44 21.40 0.45 -1.05
C ASN A 44 20.22 0.48 -2.00
N LEU A 45 20.29 1.37 -2.98
CA LEU A 45 19.24 1.52 -3.98
C LEU A 45 18.94 0.18 -4.66
N ARG A 46 19.99 -0.43 -5.23
CA ARG A 46 19.84 -1.71 -5.91
C ARG A 46 19.28 -2.77 -4.97
N LYS A 47 19.61 -2.69 -3.69
CA LYS A 47 19.11 -3.65 -2.71
C LYS A 47 17.63 -3.39 -2.47
N LYS A 48 17.24 -2.12 -2.55
CA LYS A 48 15.84 -1.75 -2.36
C LYS A 48 15.01 -2.33 -3.49
N HIS A 49 15.57 -2.31 -4.71
CA HIS A 49 14.88 -2.85 -5.88
C HIS A 49 14.32 -4.23 -5.56
N LYS A 50 15.19 -5.15 -5.17
CA LYS A 50 14.79 -6.51 -4.83
C LYS A 50 13.74 -6.50 -3.73
N ARG A 51 13.97 -5.71 -2.69
CA ARG A 51 13.04 -5.61 -1.58
C ARG A 51 11.72 -5.02 -2.06
N LEU A 52 11.78 -4.22 -3.12
CA LEU A 52 10.60 -3.59 -3.70
C LEU A 52 9.65 -4.64 -4.25
N GLU A 53 10.16 -5.50 -5.13
CA GLU A 53 9.34 -6.54 -5.73
C GLU A 53 8.66 -7.38 -4.65
N ALA A 54 9.41 -7.73 -3.61
CA ALA A 54 8.85 -8.51 -2.51
C ALA A 54 7.75 -7.72 -1.82
N GLU A 55 8.05 -6.46 -1.52
CA GLU A 55 7.09 -5.58 -0.87
C GLU A 55 5.79 -5.50 -1.67
N LEU A 56 5.91 -5.18 -2.96
CA LEU A 56 4.75 -5.08 -3.84
C LEU A 56 3.92 -6.36 -3.83
N ALA A 57 4.61 -7.50 -3.83
CA ALA A 57 3.94 -8.79 -3.85
C ALA A 57 2.99 -8.95 -2.65
N ALA A 58 3.46 -8.53 -1.48
CA ALA A 58 2.66 -8.65 -0.25
C ALA A 58 1.63 -7.53 -0.10
N HIS A 59 1.90 -6.38 -0.70
CA HIS A 59 0.99 -5.24 -0.59
C HIS A 59 -0.23 -5.40 -1.49
N GLU A 60 -0.03 -6.03 -2.65
CA GLU A 60 -1.12 -6.24 -3.59
C GLU A 60 -2.27 -7.00 -2.93
N PRO A 61 -2.02 -8.24 -2.45
CA PRO A 61 -3.06 -9.05 -1.80
C PRO A 61 -3.71 -8.32 -0.62
N ALA A 62 -2.90 -7.61 0.16
CA ALA A 62 -3.40 -6.88 1.32
C ALA A 62 -4.50 -5.90 0.92
N ILE A 63 -4.22 -5.11 -0.11
CA ILE A 63 -5.18 -4.12 -0.59
C ILE A 63 -6.37 -4.81 -1.28
N GLN A 64 -6.06 -5.78 -2.13
CA GLN A 64 -7.10 -6.51 -2.86
C GLN A 64 -8.13 -7.09 -1.88
N GLY A 65 -7.63 -7.70 -0.81
CA GLY A 65 -8.51 -8.27 0.19
C GLY A 65 -9.59 -7.29 0.61
N VAL A 66 -9.18 -6.08 0.96
CA VAL A 66 -10.12 -5.04 1.37
C VAL A 66 -11.15 -4.80 0.26
N LEU A 67 -10.65 -4.59 -0.95
CA LEU A 67 -11.53 -4.33 -2.10
C LEU A 67 -12.57 -5.44 -2.23
N ASP A 68 -12.12 -6.69 -2.25
CA ASP A 68 -13.03 -7.83 -2.37
C ASP A 68 -14.09 -7.79 -1.27
N THR A 69 -13.66 -7.56 -0.03
CA THR A 69 -14.59 -7.50 1.09
C THR A 69 -15.61 -6.38 0.88
N GLY A 70 -15.11 -5.19 0.53
CA GLY A 70 -15.99 -4.06 0.29
C GLY A 70 -17.07 -4.41 -0.71
N LYS A 71 -16.69 -5.14 -1.76
CA LYS A 71 -17.64 -5.57 -2.77
C LYS A 71 -18.74 -6.39 -2.11
N LYS A 72 -18.33 -7.33 -1.25
CA LYS A 72 -19.27 -8.18 -0.54
C LYS A 72 -20.22 -7.31 0.28
N LEU A 73 -19.66 -6.33 0.99
CA LEU A 73 -20.45 -5.41 1.80
C LEU A 73 -21.60 -4.87 0.96
N SER A 74 -21.27 -4.29 -0.18
CA SER A 74 -22.28 -3.76 -1.09
C SER A 74 -23.31 -4.83 -1.41
N ASP A 75 -22.83 -6.04 -1.65
CA ASP A 75 -23.69 -7.16 -1.99
C ASP A 75 -24.64 -7.52 -0.84
N ASP A 76 -24.22 -7.29 0.40
CA ASP A 76 -25.05 -7.64 1.56
C ASP A 76 -25.74 -6.44 2.21
N ASN A 77 -25.46 -5.22 1.74
CA ASN A 77 -26.09 -4.03 2.33
C ASN A 77 -26.26 -2.90 1.31
N THR A 78 -26.10 -3.22 0.04
CA THR A 78 -26.24 -2.25 -1.05
C THR A 78 -25.81 -0.84 -0.62
N ILE A 79 -26.79 -0.01 -0.29
CA ILE A 79 -26.52 1.37 0.14
C ILE A 79 -25.47 1.42 1.24
N GLY A 80 -24.43 2.23 1.03
CA GLY A 80 -23.37 2.36 2.01
C GLY A 80 -22.00 2.29 1.34
N LYS A 81 -21.92 1.45 0.32
CA LYS A 81 -20.69 1.27 -0.44
C LYS A 81 -20.07 2.62 -0.82
N GLU A 82 -20.93 3.61 -1.08
CA GLU A 82 -20.48 4.94 -1.46
C GLU A 82 -19.30 5.40 -0.60
N GLU A 83 -19.48 5.35 0.72
CA GLU A 83 -18.42 5.75 1.64
C GLU A 83 -17.17 4.92 1.39
N ILE A 84 -17.35 3.60 1.36
CA ILE A 84 -16.23 2.69 1.11
C ILE A 84 -15.44 3.11 -0.12
N GLN A 85 -16.15 3.43 -1.20
CA GLN A 85 -15.52 3.85 -2.44
C GLN A 85 -14.57 5.02 -2.20
N GLN A 86 -15.05 6.05 -1.51
CA GLN A 86 -14.24 7.21 -1.20
C GLN A 86 -12.96 6.80 -0.48
N ARG A 87 -13.11 5.95 0.53
CA ARG A 87 -11.97 5.46 1.31
C ARG A 87 -10.99 4.71 0.41
N LEU A 88 -11.51 3.76 -0.36
CA LEU A 88 -10.69 2.97 -1.26
C LEU A 88 -9.94 3.88 -2.23
N ALA A 89 -10.59 4.96 -2.63
CA ALA A 89 -9.98 5.92 -3.54
C ALA A 89 -8.73 6.53 -2.93
N GLN A 90 -8.80 6.79 -1.62
CA GLN A 90 -7.66 7.35 -0.91
C GLN A 90 -6.51 6.35 -0.88
N PHE A 91 -6.86 5.09 -0.66
CA PHE A 91 -5.89 4.01 -0.60
C PHE A 91 -5.14 3.92 -1.92
N VAL A 92 -5.89 3.81 -3.02
CA VAL A 92 -5.27 3.71 -4.33
C VAL A 92 -4.31 4.88 -4.55
N ASP A 93 -4.76 6.08 -4.19
CA ASP A 93 -3.92 7.27 -4.33
C ASP A 93 -2.55 7.06 -3.68
N HIS A 94 -2.56 6.76 -2.38
CA HIS A 94 -1.30 6.54 -1.66
C HIS A 94 -0.48 5.44 -2.30
N TRP A 95 -1.13 4.30 -2.58
CA TRP A 95 -0.45 3.17 -3.20
C TRP A 95 0.07 3.55 -4.59
N LYS A 96 -0.68 4.40 -5.29
CA LYS A 96 -0.28 4.86 -6.61
C LYS A 96 1.08 5.55 -6.54
N GLU A 97 1.23 6.45 -5.57
CA GLU A 97 2.49 7.16 -5.39
C GLU A 97 3.62 6.15 -5.14
N LEU A 98 3.37 5.21 -4.23
CA LEU A 98 4.36 4.19 -3.91
C LEU A 98 4.75 3.41 -5.17
N LYS A 99 3.74 3.01 -5.93
CA LYS A 99 3.97 2.28 -7.17
C LYS A 99 4.90 3.07 -8.08
N GLN A 100 4.56 4.34 -8.29
CA GLN A 100 5.37 5.23 -9.12
C GLN A 100 6.83 5.18 -8.67
N LEU A 101 7.05 5.45 -7.38
CA LEU A 101 8.40 5.43 -6.82
C LEU A 101 9.09 4.12 -7.18
N ALA A 102 8.40 3.00 -6.92
CA ALA A 102 8.93 1.68 -7.21
C ALA A 102 9.35 1.57 -8.68
N ALA A 103 8.48 2.05 -9.56
CA ALA A 103 8.75 2.01 -11.00
C ALA A 103 10.05 2.75 -11.31
N ALA A 104 10.23 3.90 -10.70
CA ALA A 104 11.45 4.70 -10.91
C ALA A 104 12.66 3.87 -10.52
N ARG A 105 12.57 3.22 -9.36
CA ARG A 105 13.65 2.38 -8.87
C ARG A 105 14.10 1.41 -9.95
N GLY A 106 13.16 0.64 -10.48
CA GLY A 106 13.49 -0.32 -11.54
C GLY A 106 14.02 0.36 -12.77
N GLN A 107 13.48 1.53 -13.09
CA GLN A 107 13.90 2.30 -14.26
C GLN A 107 15.37 2.70 -14.16
N HIS A 10 -17.12 -5.76 11.77
CA HIS A 10 -16.44 -4.65 12.43
C HIS A 10 -14.94 -4.77 12.19
N GLN A 11 -14.50 -5.99 11.86
CA GLN A 11 -13.11 -6.24 11.58
C GLN A 11 -12.71 -5.56 10.27
N PHE A 12 -13.54 -5.70 9.24
CA PHE A 12 -13.23 -5.07 7.96
C PHE A 12 -12.84 -3.63 8.19
N PHE A 13 -13.66 -2.90 8.93
CA PHE A 13 -13.35 -1.50 9.23
C PHE A 13 -11.93 -1.39 9.76
N ARG A 14 -11.61 -2.22 10.76
CA ARG A 14 -10.28 -2.23 11.34
C ARG A 14 -9.25 -2.50 10.25
N ASP A 15 -9.41 -3.61 9.53
CA ASP A 15 -8.50 -3.96 8.44
C ASP A 15 -8.30 -2.78 7.50
N MET A 16 -9.40 -2.10 7.17
CA MET A 16 -9.36 -0.94 6.28
C MET A 16 -8.44 0.13 6.86
N ASP A 17 -8.68 0.52 8.09
CA ASP A 17 -7.85 1.52 8.74
C ASP A 17 -6.41 1.05 8.70
N ASP A 18 -6.20 -0.23 8.97
CA ASP A 18 -4.87 -0.83 8.96
C ASP A 18 -4.19 -0.63 7.61
N GLU A 19 -4.92 -0.90 6.51
CA GLU A 19 -4.36 -0.73 5.17
C GLU A 19 -4.05 0.76 4.95
N GLU A 20 -5.07 1.60 5.11
CA GLU A 20 -4.87 3.04 4.96
C GLU A 20 -3.68 3.49 5.78
N SER A 21 -3.56 2.90 6.98
CA SER A 21 -2.46 3.19 7.88
C SER A 21 -1.16 2.72 7.26
N TRP A 22 -1.18 1.53 6.64
CA TRP A 22 0.01 0.99 6.00
C TRP A 22 0.60 2.01 5.04
N ILE A 23 -0.25 2.61 4.21
CA ILE A 23 0.20 3.62 3.27
C ILE A 23 0.99 4.70 4.00
N LYS A 24 0.33 5.35 4.94
CA LYS A 24 0.95 6.41 5.74
C LYS A 24 2.28 5.94 6.34
N GLU A 25 2.29 4.72 6.86
CA GLU A 25 3.48 4.16 7.47
C GLU A 25 4.60 4.02 6.43
N LYS A 26 4.25 3.46 5.28
CA LYS A 26 5.23 3.28 4.20
C LYS A 26 5.80 4.62 3.79
N LYS A 27 4.95 5.62 3.60
CA LYS A 27 5.41 6.94 3.22
C LYS A 27 6.52 7.40 4.17
N LEU A 28 6.26 7.27 5.48
CA LEU A 28 7.24 7.65 6.49
C LEU A 28 8.46 6.74 6.40
N LEU A 29 8.22 5.49 6.01
CA LEU A 29 9.29 4.52 5.88
C LEU A 29 10.31 5.00 4.85
N VAL A 30 9.82 5.43 3.69
CA VAL A 30 10.68 5.93 2.63
C VAL A 30 11.34 7.23 3.08
N SER A 31 10.60 8.04 3.81
CA SER A 31 11.10 9.31 4.32
C SER A 31 12.36 9.07 5.15
N SER A 32 12.37 7.97 5.90
CA SER A 32 13.52 7.63 6.73
C SER A 32 14.61 6.96 5.88
N GLU A 33 14.22 5.92 5.16
CA GLU A 33 15.15 5.19 4.30
C GLU A 33 14.96 5.60 2.84
N ASP A 34 15.70 6.63 2.42
CA ASP A 34 15.61 7.12 1.04
C ASP A 34 16.99 7.13 0.39
N TYR A 35 17.79 6.12 0.72
CA TYR A 35 19.13 5.98 0.17
C TYR A 35 19.81 4.74 0.75
N GLY A 36 20.02 4.75 2.07
CA GLY A 36 20.65 3.63 2.72
C GLY A 36 21.54 4.04 3.88
N ARG A 37 22.65 3.34 4.05
CA ARG A 37 23.59 3.63 5.13
C ARG A 37 24.86 4.28 4.58
N ASP A 38 25.64 4.88 5.47
CA ASP A 38 26.89 5.52 5.08
C ASP A 38 27.99 4.48 4.91
N LEU A 39 27.82 3.37 5.63
CA LEU A 39 28.78 2.26 5.58
C LEU A 39 28.60 1.46 4.28
N THR A 40 27.35 1.10 3.98
CA THR A 40 27.04 0.34 2.77
C THR A 40 25.78 0.88 2.10
N GLY A 41 25.84 2.12 1.63
CA GLY A 41 24.69 2.73 0.98
C GLY A 41 24.23 1.94 -0.24
N VAL A 42 25.18 1.57 -1.09
CA VAL A 42 24.88 0.83 -2.31
C VAL A 42 24.09 -0.45 -2.01
N GLN A 43 24.61 -1.28 -1.11
CA GLN A 43 23.93 -2.52 -0.77
C GLN A 43 22.59 -2.24 -0.10
N ASN A 44 22.54 -1.17 0.68
CA ASN A 44 21.31 -0.78 1.36
C ASN A 44 20.22 -0.48 0.34
N LEU A 45 20.60 0.22 -0.72
CA LEU A 45 19.66 0.58 -1.78
C LEU A 45 19.03 -0.68 -2.39
N ARG A 46 19.87 -1.56 -2.92
CA ARG A 46 19.39 -2.80 -3.53
C ARG A 46 18.52 -3.58 -2.55
N LYS A 47 18.90 -3.54 -1.28
CA LYS A 47 18.15 -4.23 -0.23
C LYS A 47 16.76 -3.64 -0.10
N LYS A 48 16.70 -2.31 -0.15
CA LYS A 48 15.42 -1.61 -0.04
C LYS A 48 14.51 -1.98 -1.20
N HIS A 49 15.07 -2.00 -2.41
CA HIS A 49 14.31 -2.35 -3.60
C HIS A 49 13.78 -3.77 -3.48
N LYS A 50 14.67 -4.71 -3.16
CA LYS A 50 14.29 -6.11 -3.02
C LYS A 50 13.17 -6.27 -1.98
N ARG A 51 13.30 -5.58 -0.85
CA ARG A 51 12.29 -5.65 0.19
C ARG A 51 10.95 -5.14 -0.34
N LEU A 52 11.00 -3.99 -0.99
CA LEU A 52 9.80 -3.39 -1.57
C LEU A 52 9.17 -4.36 -2.56
N GLU A 53 10.01 -4.92 -3.44
CA GLU A 53 9.55 -5.89 -4.43
C GLU A 53 8.72 -6.98 -3.78
N ALA A 54 9.28 -7.61 -2.74
CA ALA A 54 8.58 -8.67 -2.03
C ALA A 54 7.23 -8.15 -1.52
N GLU A 55 7.27 -6.98 -0.89
CA GLU A 55 6.06 -6.36 -0.37
C GLU A 55 4.98 -6.26 -1.44
N LEU A 56 5.36 -5.66 -2.58
CA LEU A 56 4.43 -5.49 -3.70
C LEU A 56 3.77 -6.81 -4.09
N ALA A 57 4.57 -7.87 -4.16
CA ALA A 57 4.06 -9.18 -4.53
C ALA A 57 2.91 -9.61 -3.64
N ALA A 58 3.08 -9.46 -2.33
CA ALA A 58 2.07 -9.83 -1.35
C ALA A 58 0.96 -8.78 -1.27
N HIS A 59 1.27 -7.56 -1.69
CA HIS A 59 0.31 -6.48 -1.64
C HIS A 59 -0.84 -6.69 -2.61
N GLU A 60 -0.58 -7.36 -3.72
CA GLU A 60 -1.63 -7.60 -4.70
C GLU A 60 -2.75 -8.41 -4.06
N PRO A 61 -2.48 -9.65 -3.61
CA PRO A 61 -3.49 -10.49 -2.97
C PRO A 61 -4.00 -9.88 -1.67
N ALA A 62 -3.07 -9.37 -0.87
CA ALA A 62 -3.39 -8.76 0.42
C ALA A 62 -4.43 -7.65 0.30
N ILE A 63 -4.14 -6.66 -0.52
CA ILE A 63 -5.05 -5.54 -0.69
C ILE A 63 -6.29 -5.95 -1.47
N GLN A 64 -6.11 -6.69 -2.56
CA GLN A 64 -7.25 -7.14 -3.36
C GLN A 64 -8.33 -7.71 -2.44
N GLY A 65 -7.93 -8.59 -1.53
CA GLY A 65 -8.87 -9.16 -0.59
C GLY A 65 -9.69 -8.09 0.10
N VAL A 66 -9.01 -7.07 0.61
CA VAL A 66 -9.68 -5.95 1.28
C VAL A 66 -10.72 -5.33 0.34
N LEU A 67 -10.29 -5.08 -0.90
CA LEU A 67 -11.17 -4.50 -1.90
C LEU A 67 -12.42 -5.36 -2.08
N ASP A 68 -12.23 -6.65 -2.32
CA ASP A 68 -13.34 -7.57 -2.49
C ASP A 68 -14.29 -7.47 -1.31
N THR A 69 -13.75 -7.54 -0.10
CA THR A 69 -14.55 -7.44 1.11
C THR A 69 -15.38 -6.16 1.11
N GLY A 70 -14.71 -5.02 0.94
CA GLY A 70 -15.42 -3.75 0.90
C GLY A 70 -16.53 -3.75 -0.14
N LYS A 71 -16.22 -4.30 -1.31
CA LYS A 71 -17.20 -4.38 -2.39
C LYS A 71 -18.43 -5.15 -1.94
N LYS A 72 -18.21 -6.20 -1.15
CA LYS A 72 -19.31 -7.02 -0.65
C LYS A 72 -20.33 -6.16 0.08
N LEU A 73 -19.89 -5.44 1.10
CA LEU A 73 -20.78 -4.58 1.87
C LEU A 73 -21.53 -3.63 0.94
N SER A 74 -20.83 -3.13 -0.08
CA SER A 74 -21.43 -2.21 -1.04
C SER A 74 -22.63 -2.84 -1.75
N ASP A 75 -22.43 -4.04 -2.30
CA ASP A 75 -23.51 -4.75 -3.01
C ASP A 75 -24.77 -4.82 -2.14
N ASP A 76 -24.59 -5.16 -0.87
CA ASP A 76 -25.71 -5.29 0.06
C ASP A 76 -26.26 -3.93 0.48
N ASN A 77 -25.87 -2.87 -0.24
CA ASN A 77 -26.31 -1.52 0.05
C ASN A 77 -26.29 -1.23 1.56
N THR A 78 -25.23 -1.69 2.23
CA THR A 78 -25.10 -1.48 3.66
C THR A 78 -24.74 -0.03 3.97
N ILE A 79 -25.33 0.53 5.02
CA ILE A 79 -25.08 1.91 5.42
C ILE A 79 -23.59 2.14 5.68
N GLY A 80 -22.98 3.00 4.87
CA GLY A 80 -21.55 3.29 5.03
C GLY A 80 -20.76 2.92 3.79
N LYS A 81 -21.31 2.00 3.01
CA LYS A 81 -20.66 1.55 1.78
C LYS A 81 -20.13 2.73 0.96
N GLU A 82 -20.90 3.81 0.88
CA GLU A 82 -20.50 4.99 0.13
C GLU A 82 -19.16 5.53 0.63
N GLU A 83 -19.11 5.85 1.92
CA GLU A 83 -17.89 6.37 2.53
C GLU A 83 -16.74 5.41 2.26
N ILE A 84 -16.99 4.12 2.46
CA ILE A 84 -15.98 3.10 2.23
C ILE A 84 -15.44 3.18 0.81
N GLN A 85 -16.34 3.17 -0.17
CA GLN A 85 -15.94 3.24 -1.58
C GLN A 85 -15.06 4.46 -1.83
N GLN A 86 -15.45 5.60 -1.27
CA GLN A 86 -14.68 6.82 -1.44
C GLN A 86 -13.26 6.67 -0.89
N ARG A 87 -13.16 6.15 0.34
CA ARG A 87 -11.86 5.94 0.97
C ARG A 87 -11.06 4.93 0.18
N LEU A 88 -11.72 3.83 -0.20
CA LEU A 88 -11.08 2.77 -0.96
C LEU A 88 -10.46 3.33 -2.24
N ALA A 89 -11.21 4.17 -2.94
CA ALA A 89 -10.71 4.78 -4.17
C ALA A 89 -9.49 5.65 -3.89
N GLN A 90 -9.49 6.28 -2.73
CA GLN A 90 -8.37 7.14 -2.33
C GLN A 90 -7.16 6.27 -2.01
N PHE A 91 -7.43 5.10 -1.43
CA PHE A 91 -6.36 4.17 -1.07
C PHE A 91 -5.58 3.76 -2.31
N VAL A 92 -6.30 3.31 -3.33
CA VAL A 92 -5.65 2.91 -4.57
C VAL A 92 -4.78 4.03 -5.10
N ASP A 93 -5.37 5.22 -5.21
CA ASP A 93 -4.65 6.39 -5.67
C ASP A 93 -3.34 6.53 -4.89
N HIS A 94 -3.44 6.56 -3.58
CA HIS A 94 -2.28 6.68 -2.72
C HIS A 94 -1.22 5.63 -3.07
N TRP A 95 -1.61 4.36 -3.03
CA TRP A 95 -0.67 3.29 -3.33
C TRP A 95 -0.08 3.44 -4.73
N LYS A 96 -0.88 3.94 -5.68
CA LYS A 96 -0.39 4.12 -7.04
C LYS A 96 0.85 5.01 -7.03
N GLU A 97 0.79 6.11 -6.28
CA GLU A 97 1.91 7.02 -6.17
C GLU A 97 3.13 6.28 -5.63
N LEU A 98 2.92 5.55 -4.54
CA LEU A 98 4.00 4.77 -3.92
C LEU A 98 4.64 3.84 -4.95
N LYS A 99 3.78 3.13 -5.69
CA LYS A 99 4.25 2.21 -6.72
C LYS A 99 5.16 2.93 -7.71
N GLN A 100 4.66 4.04 -8.27
CA GLN A 100 5.44 4.83 -9.21
C GLN A 100 6.77 5.21 -8.59
N LEU A 101 6.73 5.76 -7.37
CA LEU A 101 7.94 6.16 -6.66
C LEU A 101 8.93 5.01 -6.61
N ALA A 102 8.45 3.83 -6.23
CA ALA A 102 9.30 2.64 -6.15
C ALA A 102 10.07 2.45 -7.45
N ALA A 103 9.37 2.50 -8.56
CA ALA A 103 9.99 2.33 -9.88
C ALA A 103 11.12 3.35 -10.06
N ALA A 104 10.82 4.61 -9.74
CA ALA A 104 11.81 5.68 -9.85
C ALA A 104 13.04 5.37 -9.00
N ARG A 105 12.80 4.88 -7.79
CA ARG A 105 13.90 4.53 -6.88
C ARG A 105 14.81 3.49 -7.52
N GLY A 106 14.20 2.53 -8.22
CA GLY A 106 14.98 1.49 -8.88
C GLY A 106 15.99 2.08 -9.84
N GLN A 107 15.58 3.12 -10.55
CA GLN A 107 16.46 3.79 -11.50
C GLN A 107 17.58 4.52 -10.77
N HIS A 10 -18.06 -4.51 10.64
CA HIS A 10 -17.21 -3.49 11.27
C HIS A 10 -15.75 -3.88 11.21
N GLN A 11 -15.45 -5.18 11.35
CA GLN A 11 -14.08 -5.65 11.31
C GLN A 11 -13.38 -5.23 10.02
N PHE A 12 -14.08 -5.34 8.90
CA PHE A 12 -13.48 -4.93 7.63
C PHE A 12 -13.04 -3.48 7.74
N PHE A 13 -13.89 -2.65 8.33
CA PHE A 13 -13.56 -1.24 8.53
C PHE A 13 -12.18 -1.15 9.17
N ARG A 14 -12.00 -1.90 10.26
CA ARG A 14 -10.72 -1.92 10.95
C ARG A 14 -9.63 -2.33 9.98
N ASP A 15 -9.81 -3.47 9.31
CA ASP A 15 -8.83 -3.94 8.33
C ASP A 15 -8.45 -2.82 7.37
N MET A 16 -9.45 -2.15 6.81
CA MET A 16 -9.21 -1.05 5.89
C MET A 16 -8.29 -0.01 6.53
N ASP A 17 -8.66 0.43 7.73
CA ASP A 17 -7.86 1.40 8.46
C ASP A 17 -6.44 0.88 8.60
N ASP A 18 -6.30 -0.40 8.95
CA ASP A 18 -4.99 -1.01 9.10
C ASP A 18 -4.12 -0.77 7.87
N GLU A 19 -4.72 -0.92 6.69
CA GLU A 19 -4.00 -0.67 5.43
C GLU A 19 -3.64 0.80 5.32
N GLU A 20 -4.67 1.65 5.34
CA GLU A 20 -4.44 3.09 5.27
C GLU A 20 -3.34 3.47 6.25
N SER A 21 -3.34 2.80 7.40
CA SER A 21 -2.33 3.02 8.43
C SER A 21 -0.99 2.53 7.92
N TRP A 22 -0.98 1.32 7.32
CA TRP A 22 0.25 0.75 6.78
C TRP A 22 0.96 1.76 5.90
N ILE A 23 0.19 2.45 5.05
CA ILE A 23 0.75 3.46 4.18
C ILE A 23 1.63 4.42 4.97
N LYS A 24 1.02 5.08 5.94
CA LYS A 24 1.74 6.02 6.81
C LYS A 24 2.95 5.34 7.45
N GLU A 25 2.76 4.12 7.91
CA GLU A 25 3.84 3.35 8.55
C GLU A 25 5.02 3.19 7.60
N LYS A 26 4.73 2.83 6.36
CA LYS A 26 5.78 2.64 5.36
C LYS A 26 6.49 3.96 5.12
N LYS A 27 5.72 5.01 4.87
CA LYS A 27 6.30 6.34 4.66
C LYS A 27 7.27 6.67 5.78
N LEU A 28 6.85 6.36 7.01
CA LEU A 28 7.68 6.60 8.19
C LEU A 28 8.95 5.75 8.13
N LEU A 29 8.80 4.51 7.66
CA LEU A 29 9.93 3.60 7.56
C LEU A 29 10.99 4.18 6.62
N VAL A 30 10.53 4.73 5.50
CA VAL A 30 11.42 5.34 4.53
C VAL A 30 12.25 6.43 5.17
N SER A 31 11.63 7.20 6.06
CA SER A 31 12.32 8.27 6.77
C SER A 31 13.44 7.71 7.64
N SER A 32 13.20 6.54 8.21
CA SER A 32 14.19 5.89 9.06
C SER A 32 15.33 5.32 8.23
N GLU A 33 14.97 4.69 7.10
CA GLU A 33 15.91 4.09 6.14
C GLU A 33 15.40 2.71 5.70
N ASP A 34 14.32 2.24 6.32
CA ASP A 34 13.72 0.95 5.99
C ASP A 34 14.68 -0.21 6.23
N TYR A 35 14.32 -1.08 7.16
CA TYR A 35 15.12 -2.27 7.49
C TYR A 35 16.54 -1.88 7.93
N GLY A 36 16.63 -1.17 9.06
CA GLY A 36 17.93 -0.78 9.58
C GLY A 36 18.75 0.06 8.62
N ARG A 37 19.91 0.50 9.10
CA ARG A 37 20.82 1.31 8.30
C ARG A 37 22.23 1.29 8.89
N ASP A 38 23.19 0.81 8.09
CA ASP A 38 24.58 0.75 8.53
C ASP A 38 25.21 2.14 8.39
N LEU A 39 24.73 2.89 7.39
CA LEU A 39 25.18 4.25 7.10
C LEU A 39 25.70 4.35 5.66
N THR A 40 24.83 4.03 4.70
CA THR A 40 25.19 4.10 3.28
C THR A 40 23.94 4.39 2.44
N GLY A 41 23.49 5.64 2.49
CA GLY A 41 22.31 6.05 1.76
C GLY A 41 22.20 5.44 0.36
N VAL A 42 23.23 5.64 -0.45
CA VAL A 42 23.24 5.12 -1.83
C VAL A 42 22.85 3.64 -1.90
N GLN A 43 23.62 2.77 -1.26
CA GLN A 43 23.34 1.34 -1.29
C GLN A 43 22.05 1.05 -0.54
N ASN A 44 21.69 1.95 0.37
CA ASN A 44 20.47 1.82 1.15
C ASN A 44 19.26 2.09 0.26
N LEU A 45 19.43 3.00 -0.68
CA LEU A 45 18.37 3.36 -1.61
C LEU A 45 17.97 2.13 -2.43
N ARG A 46 18.96 1.56 -3.12
CA ARG A 46 18.74 0.36 -3.92
C ARG A 46 18.12 -0.74 -3.05
N LYS A 47 18.63 -0.84 -1.81
CA LYS A 47 18.14 -1.83 -0.86
C LYS A 47 16.66 -1.59 -0.56
N LYS A 48 16.31 -0.33 -0.33
CA LYS A 48 14.92 0.04 -0.05
C LYS A 48 14.04 -0.40 -1.21
N HIS A 49 14.43 -0.03 -2.42
CA HIS A 49 13.69 -0.39 -3.62
C HIS A 49 13.42 -1.89 -3.66
N LYS A 50 14.48 -2.70 -3.52
CA LYS A 50 14.35 -4.15 -3.53
C LYS A 50 13.31 -4.59 -2.50
N ARG A 51 13.43 -4.05 -1.29
CA ARG A 51 12.50 -4.37 -0.22
C ARG A 51 11.08 -4.01 -0.63
N LEU A 52 10.95 -2.89 -1.34
CA LEU A 52 9.65 -2.42 -1.81
C LEU A 52 9.02 -3.47 -2.72
N GLU A 53 9.76 -3.89 -3.74
CA GLU A 53 9.27 -4.90 -4.68
C GLU A 53 8.73 -6.11 -3.91
N ALA A 54 9.52 -6.61 -2.96
CA ALA A 54 9.12 -7.76 -2.16
C ALA A 54 7.78 -7.50 -1.49
N GLU A 55 7.68 -6.37 -0.80
CA GLU A 55 6.45 -5.99 -0.12
C GLU A 55 5.30 -5.94 -1.12
N LEU A 56 5.53 -5.26 -2.23
CA LEU A 56 4.53 -5.13 -3.29
C LEU A 56 3.96 -6.47 -3.71
N ALA A 57 4.81 -7.48 -3.77
CA ALA A 57 4.39 -8.82 -4.17
C ALA A 57 3.27 -9.33 -3.29
N ALA A 58 3.45 -9.21 -1.97
CA ALA A 58 2.44 -9.67 -1.02
C ALA A 58 1.27 -8.70 -0.92
N HIS A 59 1.52 -7.44 -1.27
CA HIS A 59 0.51 -6.42 -1.21
C HIS A 59 -0.51 -6.57 -2.34
N GLU A 60 -0.10 -7.15 -3.46
CA GLU A 60 -1.06 -7.31 -4.55
C GLU A 60 -2.24 -8.14 -4.03
N PRO A 61 -2.00 -9.40 -3.62
CA PRO A 61 -3.04 -10.27 -3.08
C PRO A 61 -3.74 -9.65 -1.86
N ALA A 62 -2.94 -9.18 -0.91
CA ALA A 62 -3.46 -8.58 0.32
C ALA A 62 -4.32 -7.35 0.05
N ILE A 63 -3.76 -6.37 -0.64
CA ILE A 63 -4.47 -5.14 -0.96
C ILE A 63 -5.78 -5.45 -1.68
N GLN A 64 -5.70 -6.28 -2.72
CA GLN A 64 -6.88 -6.68 -3.50
C GLN A 64 -7.96 -7.23 -2.55
N GLY A 65 -7.56 -8.15 -1.69
CA GLY A 65 -8.50 -8.73 -0.74
C GLY A 65 -9.35 -7.68 -0.07
N VAL A 66 -8.71 -6.60 0.39
CA VAL A 66 -9.43 -5.51 1.05
C VAL A 66 -10.49 -4.96 0.12
N LEU A 67 -10.07 -4.51 -1.06
CA LEU A 67 -10.98 -3.96 -2.05
C LEU A 67 -12.16 -4.91 -2.25
N ASP A 68 -11.85 -6.18 -2.49
CA ASP A 68 -12.88 -7.21 -2.69
C ASP A 68 -13.87 -7.19 -1.54
N THR A 69 -13.37 -7.28 -0.31
CA THR A 69 -14.23 -7.27 0.87
C THR A 69 -15.09 -6.02 0.90
N GLY A 70 -14.46 -4.86 0.67
CA GLY A 70 -15.20 -3.62 0.66
C GLY A 70 -16.36 -3.66 -0.33
N LYS A 71 -16.10 -4.22 -1.51
CA LYS A 71 -17.13 -4.33 -2.54
C LYS A 71 -18.32 -5.13 -2.03
N LYS A 72 -18.03 -6.19 -1.26
CA LYS A 72 -19.08 -7.04 -0.70
C LYS A 72 -20.14 -6.19 -0.01
N LEU A 73 -19.72 -5.35 0.93
CA LEU A 73 -20.65 -4.48 1.64
C LEU A 73 -21.48 -3.66 0.66
N SER A 74 -20.80 -3.05 -0.30
CA SER A 74 -21.48 -2.22 -1.30
C SER A 74 -22.62 -2.99 -1.96
N ASP A 75 -22.35 -4.24 -2.32
CA ASP A 75 -23.35 -5.09 -2.96
C ASP A 75 -24.54 -5.32 -2.03
N ASP A 76 -24.25 -5.52 -0.74
CA ASP A 76 -25.31 -5.74 0.24
C ASP A 76 -26.22 -4.52 0.30
N ASN A 77 -25.59 -3.35 0.38
CA ASN A 77 -26.31 -2.08 0.43
C ASN A 77 -25.34 -0.93 0.19
N THR A 78 -25.73 0.04 -0.62
CA THR A 78 -24.88 1.17 -0.94
C THR A 78 -25.08 2.31 0.07
N ILE A 79 -26.34 2.53 0.46
CA ILE A 79 -26.68 3.57 1.41
C ILE A 79 -25.91 3.39 2.72
N GLY A 80 -24.82 4.15 2.87
CA GLY A 80 -24.00 4.07 4.06
C GLY A 80 -22.57 3.65 3.76
N LYS A 81 -22.42 2.77 2.77
CA LYS A 81 -21.10 2.29 2.37
C LYS A 81 -20.35 3.34 1.56
N GLU A 82 -21.09 4.22 0.89
CA GLU A 82 -20.48 5.27 0.08
C GLU A 82 -19.25 5.87 0.76
N GLU A 83 -19.38 6.19 2.05
CA GLU A 83 -18.27 6.76 2.82
C GLU A 83 -17.02 5.90 2.67
N ILE A 84 -17.13 4.64 3.08
CA ILE A 84 -16.01 3.72 2.98
C ILE A 84 -15.49 3.65 1.55
N GLN A 85 -16.42 3.56 0.60
CA GLN A 85 -16.07 3.49 -0.81
C GLN A 85 -15.19 4.67 -1.19
N GLN A 86 -15.54 5.86 -0.69
CA GLN A 86 -14.78 7.07 -0.99
C GLN A 86 -13.34 6.90 -0.48
N ARG A 87 -13.20 6.49 0.77
CA ARG A 87 -11.89 6.28 1.36
C ARG A 87 -11.12 5.20 0.60
N LEU A 88 -11.80 4.10 0.34
CA LEU A 88 -11.19 2.99 -0.40
C LEU A 88 -10.67 3.48 -1.74
N ALA A 89 -11.46 4.31 -2.42
CA ALA A 89 -11.06 4.87 -3.71
C ALA A 89 -9.75 5.63 -3.56
N GLN A 90 -9.62 6.35 -2.46
CA GLN A 90 -8.42 7.11 -2.18
C GLN A 90 -7.23 6.17 -2.01
N PHE A 91 -7.44 5.08 -1.28
CA PHE A 91 -6.38 4.11 -1.06
C PHE A 91 -5.84 3.61 -2.39
N VAL A 92 -6.75 3.23 -3.29
CA VAL A 92 -6.35 2.75 -4.61
C VAL A 92 -5.40 3.74 -5.28
N ASP A 93 -5.82 5.00 -5.36
CA ASP A 93 -5.00 6.03 -5.98
C ASP A 93 -3.60 6.02 -5.38
N HIS A 94 -3.52 6.07 -4.05
CA HIS A 94 -2.23 6.05 -3.37
C HIS A 94 -1.44 4.82 -3.79
N TRP A 95 -2.08 3.65 -3.66
CA TRP A 95 -1.47 2.39 -4.05
C TRP A 95 -0.90 2.49 -5.47
N LYS A 96 -1.71 3.06 -6.36
CA LYS A 96 -1.31 3.25 -7.74
C LYS A 96 0.01 3.99 -7.81
N GLU A 97 0.05 5.17 -7.18
CA GLU A 97 1.26 5.98 -7.16
C GLU A 97 2.45 5.15 -6.65
N LEU A 98 2.21 4.39 -5.59
CA LEU A 98 3.25 3.55 -5.01
C LEU A 98 3.80 2.56 -6.03
N LYS A 99 2.90 1.81 -6.67
CA LYS A 99 3.32 0.84 -7.67
C LYS A 99 4.09 1.54 -8.79
N GLN A 100 3.57 2.70 -9.22
CA GLN A 100 4.21 3.50 -10.26
C GLN A 100 5.64 3.84 -9.86
N LEU A 101 5.79 4.43 -8.66
CA LEU A 101 7.10 4.81 -8.16
C LEU A 101 8.03 3.61 -8.20
N ALA A 102 7.56 2.47 -7.69
CA ALA A 102 8.35 1.25 -7.67
C ALA A 102 8.87 0.93 -9.07
N ALA A 103 7.98 0.92 -10.05
CA ALA A 103 8.35 0.63 -11.43
C ALA A 103 9.47 1.56 -11.89
N ALA A 104 9.28 2.86 -11.64
CA ALA A 104 10.28 3.86 -12.01
C ALA A 104 11.61 3.58 -11.32
N ARG A 105 11.53 3.13 -10.07
CA ARG A 105 12.72 2.83 -9.29
C ARG A 105 13.49 1.67 -9.92
N GLY A 106 12.76 0.66 -10.38
CA GLY A 106 13.39 -0.49 -11.01
C GLY A 106 14.19 -0.09 -12.23
N GLN A 107 13.64 0.82 -13.02
CA GLN A 107 14.30 1.30 -14.23
C GLN A 107 15.51 2.17 -13.85
N HIS A 10 -17.50 -5.51 10.74
CA HIS A 10 -16.84 -4.67 11.73
C HIS A 10 -15.32 -4.76 11.60
N GLN A 11 -14.84 -5.99 11.44
CA GLN A 11 -13.41 -6.20 11.29
C GLN A 11 -12.90 -5.59 9.99
N PHE A 12 -13.77 -5.53 8.97
CA PHE A 12 -13.39 -4.95 7.70
C PHE A 12 -12.95 -3.51 7.92
N PHE A 13 -13.78 -2.73 8.63
CA PHE A 13 -13.45 -1.35 8.92
C PHE A 13 -12.05 -1.26 9.50
N ARG A 14 -11.80 -2.08 10.51
CA ARG A 14 -10.49 -2.11 11.17
C ARG A 14 -9.40 -2.37 10.13
N ASP A 15 -9.56 -3.44 9.36
CA ASP A 15 -8.58 -3.78 8.32
C ASP A 15 -8.32 -2.56 7.43
N MET A 16 -9.40 -1.94 6.95
CA MET A 16 -9.29 -0.76 6.10
C MET A 16 -8.40 0.30 6.75
N ASP A 17 -8.75 0.68 7.98
CA ASP A 17 -7.97 1.67 8.72
C ASP A 17 -6.51 1.25 8.79
N ASP A 18 -6.27 0.00 9.16
CA ASP A 18 -4.92 -0.53 9.25
C ASP A 18 -4.14 -0.25 7.98
N GLU A 19 -4.77 -0.52 6.84
CA GLU A 19 -4.14 -0.28 5.54
C GLU A 19 -3.92 1.21 5.35
N GLU A 20 -5.00 1.97 5.40
CA GLU A 20 -4.91 3.43 5.26
C GLU A 20 -3.76 3.95 6.12
N SER A 21 -3.61 3.40 7.33
CA SER A 21 -2.52 3.79 8.21
C SER A 21 -1.20 3.36 7.61
N TRP A 22 -1.14 2.11 7.15
CA TRP A 22 0.07 1.58 6.53
C TRP A 22 0.57 2.54 5.47
N ILE A 23 -0.34 3.05 4.64
CA ILE A 23 0.02 4.00 3.60
C ILE A 23 0.93 5.08 4.16
N LYS A 24 0.44 5.81 5.16
CA LYS A 24 1.22 6.86 5.79
C LYS A 24 2.55 6.32 6.31
N GLU A 25 2.49 5.19 6.99
CA GLU A 25 3.70 4.56 7.53
C GLU A 25 4.71 4.27 6.42
N LYS A 26 4.20 3.89 5.25
CA LYS A 26 5.06 3.59 4.10
C LYS A 26 5.85 4.82 3.68
N LYS A 27 5.15 5.92 3.41
CA LYS A 27 5.81 7.14 3.00
C LYS A 27 6.89 7.53 4.00
N LEU A 28 6.62 7.30 5.28
CA LEU A 28 7.58 7.60 6.34
C LEU A 28 8.75 6.63 6.28
N LEU A 29 8.46 5.38 5.93
CA LEU A 29 9.49 4.36 5.84
C LEU A 29 10.53 4.72 4.79
N VAL A 30 10.06 5.18 3.63
CA VAL A 30 10.96 5.57 2.55
C VAL A 30 11.87 6.71 3.01
N SER A 31 11.27 7.72 3.63
CA SER A 31 12.01 8.87 4.13
C SER A 31 13.16 8.44 5.03
N SER A 32 12.95 7.35 5.77
CA SER A 32 13.96 6.82 6.68
C SER A 32 15.01 6.00 5.94
N GLU A 33 14.54 5.02 5.17
CA GLU A 33 15.42 4.14 4.41
C GLU A 33 15.48 4.54 2.93
N ASP A 34 15.85 5.79 2.68
CA ASP A 34 15.95 6.30 1.31
C ASP A 34 17.13 5.67 0.59
N TYR A 35 18.31 5.72 1.22
CA TYR A 35 19.53 5.17 0.65
C TYR A 35 20.69 5.26 1.64
N GLY A 36 20.64 6.28 2.50
CA GLY A 36 21.68 6.47 3.51
C GLY A 36 22.99 6.97 2.93
N ARG A 37 24.05 6.22 3.17
CA ARG A 37 25.39 6.59 2.68
C ARG A 37 25.64 5.98 1.30
N ASP A 38 25.88 6.84 0.31
CA ASP A 38 26.15 6.40 -1.06
C ASP A 38 26.99 5.11 -1.08
N LEU A 39 28.11 5.14 -0.35
CA LEU A 39 29.01 3.98 -0.27
C LEU A 39 28.23 2.67 -0.17
N THR A 40 27.28 2.62 0.76
CA THR A 40 26.47 1.41 0.97
C THR A 40 25.26 1.43 0.05
N GLY A 41 24.83 2.63 -0.33
CA GLY A 41 23.68 2.78 -1.20
C GLY A 41 23.61 1.72 -2.28
N VAL A 42 24.75 1.43 -2.90
CA VAL A 42 24.81 0.42 -3.96
C VAL A 42 24.15 -0.89 -3.51
N GLN A 43 24.67 -1.47 -2.44
CA GLN A 43 24.12 -2.72 -1.91
C GLN A 43 22.72 -2.47 -1.36
N ASN A 44 22.49 -1.26 -0.90
CA ASN A 44 21.20 -0.86 -0.34
C ASN A 44 20.13 -0.91 -1.42
N LEU A 45 20.51 -0.52 -2.63
CA LEU A 45 19.59 -0.52 -3.77
C LEU A 45 19.11 -1.93 -4.06
N ARG A 46 20.07 -2.83 -4.31
CA ARG A 46 19.75 -4.23 -4.59
C ARG A 46 18.78 -4.77 -3.55
N LYS A 47 19.02 -4.43 -2.29
CA LYS A 47 18.16 -4.89 -1.20
C LYS A 47 16.78 -4.27 -1.31
N LYS A 48 16.74 -2.97 -1.62
CA LYS A 48 15.48 -2.26 -1.77
C LYS A 48 14.65 -2.88 -2.89
N HIS A 49 15.32 -3.23 -3.99
CA HIS A 49 14.66 -3.84 -5.14
C HIS A 49 13.97 -5.14 -4.71
N LYS A 50 14.75 -6.05 -4.12
CA LYS A 50 14.22 -7.33 -3.67
C LYS A 50 13.02 -7.11 -2.76
N ARG A 51 13.13 -6.13 -1.87
CA ARG A 51 12.05 -5.81 -0.95
C ARG A 51 10.84 -5.33 -1.73
N LEU A 52 11.09 -4.55 -2.78
CA LEU A 52 10.02 -4.01 -3.63
C LEU A 52 9.17 -5.14 -4.19
N GLU A 53 9.82 -6.11 -4.84
CA GLU A 53 9.10 -7.24 -5.41
C GLU A 53 8.30 -7.98 -4.34
N ALA A 54 8.95 -8.30 -3.22
CA ALA A 54 8.28 -8.98 -2.12
C ALA A 54 7.08 -8.16 -1.65
N GLU A 55 7.28 -6.84 -1.58
CA GLU A 55 6.23 -5.93 -1.15
C GLU A 55 4.99 -6.09 -2.04
N LEU A 56 5.17 -5.90 -3.33
CA LEU A 56 4.07 -6.01 -4.29
C LEU A 56 3.38 -7.37 -4.21
N ALA A 57 4.17 -8.41 -4.03
CA ALA A 57 3.65 -9.77 -3.95
C ALA A 57 2.59 -9.92 -2.86
N ALA A 58 2.93 -9.50 -1.64
CA ALA A 58 2.01 -9.61 -0.51
C ALA A 58 0.97 -8.50 -0.51
N HIS A 59 1.30 -7.38 -1.15
CA HIS A 59 0.41 -6.24 -1.20
C HIS A 59 -0.79 -6.47 -2.11
N GLU A 60 -0.64 -7.34 -3.09
CA GLU A 60 -1.73 -7.62 -4.01
C GLU A 60 -2.88 -8.29 -3.23
N PRO A 61 -2.64 -9.48 -2.64
CA PRO A 61 -3.66 -10.17 -1.86
C PRO A 61 -4.18 -9.33 -0.70
N ALA A 62 -3.27 -8.64 -0.03
CA ALA A 62 -3.61 -7.81 1.12
C ALA A 62 -4.64 -6.73 0.78
N ILE A 63 -4.28 -5.83 -0.13
CA ILE A 63 -5.17 -4.75 -0.53
C ILE A 63 -6.38 -5.28 -1.30
N GLN A 64 -6.15 -6.25 -2.18
CA GLN A 64 -7.23 -6.82 -2.97
C GLN A 64 -8.33 -7.37 -2.06
N GLY A 65 -7.93 -8.21 -1.09
CA GLY A 65 -8.89 -8.78 -0.17
C GLY A 65 -9.86 -7.74 0.35
N VAL A 66 -9.32 -6.58 0.74
CA VAL A 66 -10.16 -5.50 1.24
C VAL A 66 -11.14 -5.05 0.18
N LEU A 67 -10.62 -4.63 -0.97
CA LEU A 67 -11.45 -4.20 -2.08
C LEU A 67 -12.59 -5.19 -2.33
N ASP A 68 -12.23 -6.47 -2.40
CA ASP A 68 -13.20 -7.54 -2.63
C ASP A 68 -14.33 -7.47 -1.59
N THR A 69 -13.97 -7.49 -0.31
CA THR A 69 -14.97 -7.44 0.74
C THR A 69 -15.80 -6.16 0.61
N GLY A 70 -15.13 -5.04 0.35
CA GLY A 70 -15.82 -3.78 0.19
C GLY A 70 -16.94 -3.89 -0.84
N LYS A 71 -16.64 -4.52 -1.97
CA LYS A 71 -17.63 -4.69 -3.03
C LYS A 71 -18.79 -5.51 -2.50
N LYS A 72 -18.49 -6.49 -1.64
CA LYS A 72 -19.51 -7.34 -1.05
C LYS A 72 -20.54 -6.49 -0.32
N LEU A 73 -20.05 -5.61 0.54
CA LEU A 73 -20.93 -4.71 1.31
C LEU A 73 -22.00 -4.12 0.40
N SER A 74 -21.56 -3.58 -0.74
CA SER A 74 -22.47 -2.96 -1.71
C SER A 74 -23.64 -3.89 -2.05
N ASP A 75 -23.33 -5.14 -2.37
CA ASP A 75 -24.35 -6.12 -2.75
C ASP A 75 -25.41 -6.29 -1.66
N ASP A 76 -24.97 -6.38 -0.40
CA ASP A 76 -25.90 -6.56 0.72
C ASP A 76 -26.49 -5.24 1.19
N ASN A 77 -25.87 -4.13 0.78
CA ASN A 77 -26.33 -2.80 1.16
C ASN A 77 -26.15 -2.58 2.67
N THR A 78 -25.20 -1.73 3.02
CA THR A 78 -24.92 -1.43 4.42
C THR A 78 -24.46 0.02 4.58
N ILE A 79 -24.87 0.66 5.68
CA ILE A 79 -24.50 2.04 5.94
C ILE A 79 -23.00 2.16 6.18
N GLY A 80 -22.31 2.84 5.27
CA GLY A 80 -20.87 3.00 5.38
C GLY A 80 -20.16 2.58 4.11
N LYS A 81 -20.77 1.64 3.39
CA LYS A 81 -20.21 1.14 2.14
C LYS A 81 -19.75 2.29 1.24
N GLU A 82 -20.60 3.30 1.11
CA GLU A 82 -20.31 4.45 0.28
C GLU A 82 -18.97 5.08 0.66
N GLU A 83 -18.84 5.49 1.93
CA GLU A 83 -17.61 6.09 2.40
C GLU A 83 -16.44 5.14 2.18
N ILE A 84 -16.68 3.86 2.43
CA ILE A 84 -15.66 2.84 2.24
C ILE A 84 -15.11 2.90 0.82
N GLN A 85 -16.00 2.89 -0.16
CA GLN A 85 -15.61 2.96 -1.57
C GLN A 85 -14.69 4.15 -1.81
N GLN A 86 -15.09 5.33 -1.31
CA GLN A 86 -14.30 6.53 -1.46
C GLN A 86 -12.90 6.33 -0.87
N ARG A 87 -12.86 5.86 0.37
CA ARG A 87 -11.60 5.62 1.06
C ARG A 87 -10.74 4.62 0.27
N LEU A 88 -11.36 3.53 -0.16
CA LEU A 88 -10.66 2.50 -0.92
C LEU A 88 -10.04 3.09 -2.19
N ALA A 89 -10.78 3.98 -2.85
CA ALA A 89 -10.28 4.62 -4.06
C ALA A 89 -9.07 5.47 -3.75
N GLN A 90 -9.07 6.06 -2.55
CA GLN A 90 -7.95 6.88 -2.11
C GLN A 90 -6.74 6.00 -1.85
N PHE A 91 -7.00 4.83 -1.27
CA PHE A 91 -5.96 3.85 -0.96
C PHE A 91 -5.16 3.53 -2.21
N VAL A 92 -5.86 3.11 -3.26
CA VAL A 92 -5.21 2.76 -4.51
C VAL A 92 -4.35 3.91 -5.03
N ASP A 93 -4.94 5.09 -5.16
CA ASP A 93 -4.20 6.24 -5.65
C ASP A 93 -2.99 6.54 -4.78
N HIS A 94 -3.17 6.49 -3.47
CA HIS A 94 -2.08 6.77 -2.54
C HIS A 94 -0.94 5.78 -2.73
N TRP A 95 -1.28 4.49 -2.77
CA TRP A 95 -0.27 3.46 -2.96
C TRP A 95 0.32 3.55 -4.36
N LYS A 96 -0.51 3.93 -5.32
CA LYS A 96 -0.08 4.08 -6.69
C LYS A 96 1.06 5.09 -6.79
N GLU A 97 0.86 6.27 -6.20
CA GLU A 97 1.88 7.30 -6.23
C GLU A 97 3.16 6.80 -5.54
N LEU A 98 2.99 6.26 -4.34
CA LEU A 98 4.11 5.73 -3.58
C LEU A 98 4.86 4.66 -4.36
N LYS A 99 4.11 3.78 -5.02
CA LYS A 99 4.71 2.70 -5.80
C LYS A 99 5.56 3.28 -6.92
N GLN A 100 5.00 4.23 -7.66
CA GLN A 100 5.72 4.89 -8.75
C GLN A 100 7.02 5.49 -8.23
N LEU A 101 6.92 6.30 -7.17
CA LEU A 101 8.09 6.93 -6.57
C LEU A 101 9.12 5.87 -6.15
N ALA A 102 8.64 4.83 -5.48
CA ALA A 102 9.50 3.74 -5.02
C ALA A 102 10.27 3.14 -6.20
N ALA A 103 9.57 2.91 -7.31
CA ALA A 103 10.19 2.33 -8.49
C ALA A 103 11.36 3.18 -8.97
N ALA A 104 11.12 4.48 -9.11
CA ALA A 104 12.15 5.40 -9.56
C ALA A 104 13.35 5.38 -8.60
N ARG A 105 13.05 5.40 -7.31
CA ARG A 105 14.09 5.39 -6.28
C ARG A 105 14.92 4.10 -6.39
N GLY A 106 14.23 2.98 -6.60
CA GLY A 106 14.91 1.70 -6.70
C GLY A 106 15.86 1.66 -7.89
N GLN A 107 15.48 2.33 -8.98
CA GLN A 107 16.30 2.37 -10.18
C GLN A 107 17.57 3.17 -9.94
N HIS A 10 -17.59 -5.50 10.81
CA HIS A 10 -16.80 -4.73 11.78
C HIS A 10 -15.33 -4.88 11.48
N GLN A 11 -14.93 -6.08 11.07
CA GLN A 11 -13.55 -6.36 10.73
C GLN A 11 -13.10 -5.45 9.60
N PHE A 12 -13.96 -5.30 8.59
CA PHE A 12 -13.65 -4.47 7.43
C PHE A 12 -13.12 -3.11 7.86
N PHE A 13 -13.84 -2.43 8.75
CA PHE A 13 -13.41 -1.13 9.23
C PHE A 13 -11.95 -1.18 9.64
N ARG A 14 -11.61 -2.17 10.47
CA ARG A 14 -10.24 -2.35 10.92
C ARG A 14 -9.32 -2.59 9.73
N ASP A 15 -9.72 -3.53 8.86
CA ASP A 15 -8.93 -3.85 7.67
C ASP A 15 -8.61 -2.59 6.89
N MET A 16 -9.61 -1.71 6.74
CA MET A 16 -9.44 -0.47 6.01
C MET A 16 -8.34 0.37 6.65
N ASP A 17 -8.52 0.70 7.93
CA ASP A 17 -7.52 1.48 8.65
C ASP A 17 -6.15 0.83 8.51
N ASP A 18 -6.12 -0.49 8.68
CA ASP A 18 -4.89 -1.26 8.57
C ASP A 18 -4.21 -1.00 7.23
N GLU A 19 -4.98 -1.11 6.14
CA GLU A 19 -4.43 -0.87 4.81
C GLU A 19 -3.95 0.58 4.71
N GLU A 20 -4.84 1.53 4.99
CA GLU A 20 -4.46 2.94 4.95
C GLU A 20 -3.15 3.14 5.71
N SER A 21 -3.02 2.45 6.84
CA SER A 21 -1.81 2.53 7.64
C SER A 21 -0.63 1.98 6.86
N TRP A 22 -0.82 0.83 6.21
CA TRP A 22 0.23 0.22 5.40
C TRP A 22 0.87 1.25 4.48
N ILE A 23 0.03 2.05 3.82
CA ILE A 23 0.53 3.08 2.91
C ILE A 23 1.57 3.94 3.61
N LYS A 24 1.14 4.61 4.69
CA LYS A 24 2.01 5.47 5.46
C LYS A 24 3.27 4.71 5.91
N GLU A 25 3.09 3.44 6.25
CA GLU A 25 4.19 2.60 6.69
C GLU A 25 5.23 2.47 5.58
N LYS A 26 4.78 2.12 4.38
CA LYS A 26 5.67 1.97 3.24
C LYS A 26 6.37 3.30 2.97
N LYS A 27 5.59 4.37 2.92
CA LYS A 27 6.15 5.70 2.70
C LYS A 27 7.31 5.95 3.65
N LEU A 28 7.10 5.65 4.93
CA LEU A 28 8.14 5.82 5.94
C LEU A 28 9.35 4.95 5.62
N LEU A 29 9.07 3.75 5.11
CA LEU A 29 10.13 2.81 4.75
C LEU A 29 11.09 3.45 3.74
N VAL A 30 10.52 4.11 2.74
CA VAL A 30 11.32 4.78 1.71
C VAL A 30 12.34 5.73 2.35
N SER A 31 11.85 6.57 3.26
CA SER A 31 12.72 7.52 3.95
C SER A 31 13.93 6.82 4.54
N SER A 32 13.73 5.58 4.98
CA SER A 32 14.79 4.79 5.58
C SER A 32 15.67 4.16 4.50
N GLU A 33 15.04 3.67 3.43
CA GLU A 33 15.77 3.06 2.32
C GLU A 33 16.81 4.01 1.76
N ASP A 34 16.44 5.28 1.66
CA ASP A 34 17.33 6.32 1.15
C ASP A 34 18.39 6.66 2.19
N TYR A 35 19.35 5.76 2.38
CA TYR A 35 20.41 5.96 3.37
C TYR A 35 21.42 7.01 2.91
N GLY A 36 22.69 6.83 3.31
CA GLY A 36 23.73 7.77 2.93
C GLY A 36 24.99 7.07 2.48
N ARG A 37 24.87 6.24 1.44
CA ARG A 37 25.99 5.49 0.89
C ARG A 37 26.56 4.51 1.91
N ASP A 38 26.61 3.24 1.53
CA ASP A 38 27.17 2.20 2.40
C ASP A 38 28.57 1.82 1.92
N LEU A 39 28.87 2.19 0.68
CA LEU A 39 30.17 1.92 0.04
C LEU A 39 30.05 0.77 -0.97
N THR A 40 28.84 0.51 -1.42
CA THR A 40 28.58 -0.54 -2.40
C THR A 40 27.15 -0.43 -2.93
N GLY A 41 26.74 0.81 -3.21
CA GLY A 41 25.40 1.07 -3.70
C GLY A 41 24.88 0.00 -4.64
N VAL A 42 25.61 -0.28 -5.72
CA VAL A 42 25.20 -1.28 -6.70
C VAL A 42 24.67 -2.55 -6.04
N GLN A 43 25.52 -3.21 -5.25
CA GLN A 43 25.13 -4.44 -4.57
C GLN A 43 23.99 -4.18 -3.59
N ASN A 44 24.04 -3.03 -2.93
CA ASN A 44 23.01 -2.66 -1.97
C ASN A 44 21.68 -2.42 -2.69
N LEU A 45 21.75 -2.02 -3.95
CA LEU A 45 20.56 -1.78 -4.75
C LEU A 45 19.82 -3.09 -4.97
N ARG A 46 20.52 -4.06 -5.55
CA ARG A 46 19.93 -5.37 -5.80
C ARG A 46 19.32 -5.93 -4.52
N LYS A 47 20.02 -5.70 -3.40
CA LYS A 47 19.54 -6.16 -2.10
C LYS A 47 18.19 -5.52 -1.79
N LYS A 48 18.15 -4.20 -1.82
CA LYS A 48 16.92 -3.47 -1.56
C LYS A 48 15.81 -3.97 -2.49
N HIS A 49 16.14 -4.11 -3.77
CA HIS A 49 15.21 -4.58 -4.77
C HIS A 49 14.57 -5.90 -4.31
N LYS A 50 15.40 -6.85 -3.90
CA LYS A 50 14.90 -8.14 -3.44
C LYS A 50 13.80 -7.95 -2.41
N ARG A 51 14.03 -7.04 -1.47
CA ARG A 51 13.05 -6.75 -0.43
C ARG A 51 11.82 -6.09 -1.05
N LEU A 52 12.04 -5.26 -2.05
CA LEU A 52 10.96 -4.57 -2.74
C LEU A 52 10.01 -5.59 -3.36
N GLU A 53 10.57 -6.59 -4.03
CA GLU A 53 9.76 -7.64 -4.64
C GLU A 53 8.77 -8.19 -3.64
N ALA A 54 9.29 -8.64 -2.49
CA ALA A 54 8.44 -9.16 -1.43
C ALA A 54 7.36 -8.16 -1.08
N GLU A 55 7.77 -6.92 -0.83
CA GLU A 55 6.85 -5.85 -0.51
C GLU A 55 5.70 -5.81 -1.52
N LEU A 56 6.06 -5.72 -2.80
CA LEU A 56 5.07 -5.68 -3.88
C LEU A 56 4.13 -6.87 -3.83
N ALA A 57 4.65 -8.02 -3.41
CA ALA A 57 3.85 -9.24 -3.33
C ALA A 57 2.80 -9.16 -2.23
N ALA A 58 3.11 -8.43 -1.16
CA ALA A 58 2.20 -8.28 -0.03
C ALA A 58 1.02 -7.35 -0.35
N HIS A 59 1.16 -6.52 -1.38
CA HIS A 59 0.09 -5.60 -1.75
C HIS A 59 -1.15 -6.36 -2.20
N GLU A 60 -0.94 -7.40 -2.97
CA GLU A 60 -2.06 -8.19 -3.48
C GLU A 60 -2.88 -8.76 -2.32
N PRO A 61 -2.28 -9.60 -1.46
CA PRO A 61 -2.97 -10.21 -0.33
C PRO A 61 -3.53 -9.19 0.66
N ALA A 62 -2.70 -8.20 1.03
CA ALA A 62 -3.11 -7.18 2.00
C ALA A 62 -4.19 -6.24 1.47
N ILE A 63 -4.02 -5.74 0.25
CA ILE A 63 -4.99 -4.82 -0.32
C ILE A 63 -6.21 -5.55 -0.88
N GLN A 64 -6.00 -6.68 -1.56
CA GLN A 64 -7.09 -7.46 -2.11
C GLN A 64 -8.14 -7.77 -1.05
N GLY A 65 -7.69 -8.29 0.10
CA GLY A 65 -8.61 -8.61 1.17
C GLY A 65 -9.61 -7.50 1.40
N VAL A 66 -9.11 -6.27 1.51
CA VAL A 66 -9.96 -5.12 1.72
C VAL A 66 -10.96 -4.96 0.58
N LEU A 67 -10.44 -4.91 -0.65
CA LEU A 67 -11.30 -4.77 -1.82
C LEU A 67 -12.40 -5.83 -1.82
N ASP A 68 -12.01 -7.08 -1.61
CA ASP A 68 -12.95 -8.19 -1.58
C ASP A 68 -14.06 -7.94 -0.57
N THR A 69 -13.69 -7.60 0.66
CA THR A 69 -14.67 -7.33 1.70
C THR A 69 -15.57 -6.16 1.30
N GLY A 70 -14.96 -5.07 0.81
CA GLY A 70 -15.73 -3.91 0.39
C GLY A 70 -16.74 -4.26 -0.69
N LYS A 71 -16.34 -5.10 -1.64
CA LYS A 71 -17.24 -5.51 -2.72
C LYS A 71 -18.48 -6.16 -2.13
N LYS A 72 -18.28 -7.02 -1.14
CA LYS A 72 -19.37 -7.71 -0.47
C LYS A 72 -20.23 -6.70 0.27
N LEU A 73 -19.57 -5.82 1.03
CA LEU A 73 -20.25 -4.79 1.78
C LEU A 73 -21.24 -4.04 0.89
N SER A 74 -20.78 -3.69 -0.32
CA SER A 74 -21.63 -2.98 -1.28
C SER A 74 -22.93 -3.72 -1.52
N ASP A 75 -22.82 -4.99 -1.95
CA ASP A 75 -23.99 -5.81 -2.22
C ASP A 75 -24.87 -5.93 -1.00
N ASP A 76 -24.25 -5.91 0.18
CA ASP A 76 -24.97 -6.02 1.44
C ASP A 76 -25.58 -4.68 1.85
N ASN A 77 -24.96 -3.59 1.39
CA ASN A 77 -25.43 -2.24 1.71
C ASN A 77 -25.77 -1.47 0.44
N THR A 78 -26.98 -1.66 -0.06
CA THR A 78 -27.43 -0.96 -1.27
C THR A 78 -27.23 0.54 -1.12
N ILE A 79 -27.78 1.10 -0.05
CA ILE A 79 -27.66 2.54 0.22
C ILE A 79 -26.50 2.80 1.18
N GLY A 80 -25.39 3.30 0.63
CA GLY A 80 -24.22 3.59 1.43
C GLY A 80 -22.94 3.16 0.76
N LYS A 81 -23.03 2.09 -0.03
CA LYS A 81 -21.87 1.56 -0.74
C LYS A 81 -21.10 2.67 -1.46
N GLU A 82 -21.82 3.62 -2.03
CA GLU A 82 -21.21 4.73 -2.74
C GLU A 82 -20.14 5.41 -1.89
N GLU A 83 -20.52 5.79 -0.66
CA GLU A 83 -19.58 6.44 0.25
C GLU A 83 -18.30 5.62 0.38
N ILE A 84 -18.46 4.34 0.70
CA ILE A 84 -17.31 3.45 0.86
C ILE A 84 -16.45 3.45 -0.41
N GLN A 85 -17.09 3.31 -1.57
CA GLN A 85 -16.37 3.31 -2.83
C GLN A 85 -15.50 4.56 -2.96
N GLN A 86 -16.06 5.71 -2.60
CA GLN A 86 -15.32 6.97 -2.66
C GLN A 86 -14.10 6.90 -1.76
N ARG A 87 -14.31 6.45 -0.52
CA ARG A 87 -13.22 6.32 0.45
C ARG A 87 -12.13 5.41 -0.09
N LEU A 88 -12.54 4.23 -0.57
CA LEU A 88 -11.60 3.26 -1.12
C LEU A 88 -10.83 3.88 -2.28
N ALA A 89 -11.54 4.64 -3.11
CA ALA A 89 -10.93 5.30 -4.25
C ALA A 89 -9.76 6.17 -3.82
N GLN A 90 -9.87 6.76 -2.63
CA GLN A 90 -8.81 7.61 -2.09
C GLN A 90 -7.59 6.76 -1.79
N PHE A 91 -7.80 5.61 -1.14
CA PHE A 91 -6.73 4.70 -0.80
C PHE A 91 -5.90 4.39 -2.04
N VAL A 92 -6.59 4.01 -3.12
CA VAL A 92 -5.92 3.69 -4.38
C VAL A 92 -5.06 4.87 -4.83
N ASP A 93 -5.66 6.06 -4.86
CA ASP A 93 -4.92 7.25 -5.26
C ASP A 93 -3.64 7.37 -4.44
N HIS A 94 -3.75 7.21 -3.14
CA HIS A 94 -2.60 7.28 -2.25
C HIS A 94 -1.50 6.35 -2.75
N TRP A 95 -1.82 5.06 -2.86
CA TRP A 95 -0.86 4.07 -3.34
C TRP A 95 -0.33 4.49 -4.71
N LYS A 96 -1.21 4.97 -5.58
CA LYS A 96 -0.83 5.42 -6.90
C LYS A 96 0.36 6.39 -6.81
N GLU A 97 0.24 7.36 -5.91
CA GLU A 97 1.30 8.34 -5.71
C GLU A 97 2.53 7.64 -5.15
N LEU A 98 2.30 6.71 -4.22
CA LEU A 98 3.38 5.95 -3.61
C LEU A 98 4.22 5.26 -4.68
N LYS A 99 3.54 4.68 -5.66
CA LYS A 99 4.22 4.00 -6.76
C LYS A 99 5.20 4.96 -7.42
N GLN A 100 4.68 6.11 -7.85
CA GLN A 100 5.52 7.13 -8.48
C GLN A 100 6.74 7.40 -7.62
N LEU A 101 6.51 7.69 -6.33
CA LEU A 101 7.60 7.95 -5.40
C LEU A 101 8.65 6.84 -5.48
N ALA A 102 8.18 5.58 -5.41
CA ALA A 102 9.08 4.43 -5.50
C ALA A 102 9.91 4.50 -6.77
N ALA A 103 9.26 4.84 -7.88
CA ALA A 103 9.95 4.96 -9.16
C ALA A 103 11.10 5.95 -9.05
N ALA A 104 10.82 7.10 -8.42
CA ALA A 104 11.84 8.12 -8.23
C ALA A 104 13.06 7.54 -7.55
N ARG A 105 12.84 6.79 -6.47
CA ARG A 105 13.93 6.14 -5.76
C ARG A 105 14.76 5.31 -6.72
N GLY A 106 14.07 4.55 -7.57
CA GLY A 106 14.74 3.72 -8.55
C GLY A 106 15.69 4.54 -9.43
N GLN A 107 15.27 5.76 -9.75
CA GLN A 107 16.08 6.65 -10.57
C GLN A 107 17.26 7.18 -9.75
N HIS A 10 -17.20 -7.31 9.30
CA HIS A 10 -16.65 -6.59 10.44
C HIS A 10 -15.12 -6.66 10.44
N GLN A 11 -14.60 -7.80 10.00
CA GLN A 11 -13.15 -7.99 9.94
C GLN A 11 -12.57 -7.08 8.87
N PHE A 12 -13.28 -6.98 7.74
CA PHE A 12 -12.83 -6.13 6.65
C PHE A 12 -12.42 -4.77 7.18
N PHE A 13 -13.26 -4.18 8.03
CA PHE A 13 -12.94 -2.88 8.60
C PHE A 13 -11.54 -2.89 9.19
N ARG A 14 -11.26 -3.87 10.03
CA ARG A 14 -9.95 -4.00 10.66
C ARG A 14 -8.86 -4.21 9.62
N ASP A 15 -9.05 -5.18 8.73
CA ASP A 15 -8.03 -5.45 7.71
C ASP A 15 -7.79 -4.23 6.82
N MET A 16 -8.84 -3.45 6.56
CA MET A 16 -8.71 -2.25 5.74
C MET A 16 -7.84 -1.23 6.44
N ASP A 17 -8.21 -0.91 7.68
CA ASP A 17 -7.46 0.06 8.47
C ASP A 17 -6.00 -0.33 8.53
N ASP A 18 -5.73 -1.59 8.86
CA ASP A 18 -4.36 -2.07 8.94
C ASP A 18 -3.60 -1.75 7.66
N GLU A 19 -4.19 -2.08 6.52
CA GLU A 19 -3.57 -1.80 5.23
C GLU A 19 -3.39 -0.30 5.06
N GLU A 20 -4.49 0.45 5.10
CA GLU A 20 -4.45 1.90 4.97
C GLU A 20 -3.41 2.49 5.92
N SER A 21 -3.28 1.88 7.09
CA SER A 21 -2.32 2.33 8.08
C SER A 21 -0.91 2.14 7.55
N TRP A 22 -0.67 0.98 6.94
CA TRP A 22 0.65 0.69 6.36
C TRP A 22 0.97 1.68 5.25
N ILE A 23 -0.01 1.96 4.41
CA ILE A 23 0.18 2.89 3.31
C ILE A 23 0.57 4.26 3.84
N LYS A 24 -0.18 4.78 4.80
CA LYS A 24 0.11 6.08 5.39
C LYS A 24 1.51 6.11 5.99
N GLU A 25 1.83 5.08 6.78
CA GLU A 25 3.14 5.00 7.42
C GLU A 25 4.25 4.96 6.39
N LYS A 26 4.05 4.17 5.35
CA LYS A 26 5.05 4.04 4.29
C LYS A 26 5.18 5.34 3.51
N LYS A 27 4.05 5.94 3.13
CA LYS A 27 4.06 7.20 2.41
C LYS A 27 4.86 8.24 3.20
N LEU A 28 4.68 8.22 4.51
CA LEU A 28 5.40 9.15 5.40
C LEU A 28 6.90 8.95 5.24
N LEU A 29 7.32 7.68 5.21
CA LEU A 29 8.73 7.36 5.05
C LEU A 29 9.27 7.90 3.74
N VAL A 30 8.50 7.71 2.67
CA VAL A 30 8.88 8.18 1.35
C VAL A 30 9.11 9.69 1.37
N SER A 31 8.22 10.43 2.03
CA SER A 31 8.34 11.87 2.12
C SER A 31 9.71 12.26 2.68
N SER A 32 10.20 11.47 3.61
CA SER A 32 11.50 11.70 4.22
C SER A 32 12.61 11.34 3.24
N GLU A 33 12.48 10.17 2.63
CA GLU A 33 13.44 9.67 1.66
C GLU A 33 14.84 9.53 2.27
N ASP A 34 14.88 8.98 3.48
CA ASP A 34 16.14 8.77 4.20
C ASP A 34 17.19 8.14 3.28
N TYR A 35 18.38 8.72 3.26
CA TYR A 35 19.47 8.22 2.43
C TYR A 35 20.51 7.46 3.25
N GLY A 36 21.09 8.12 4.24
CA GLY A 36 22.10 7.48 5.08
C GLY A 36 23.41 7.31 4.35
N ARG A 37 24.51 7.76 4.96
CA ARG A 37 25.82 7.66 4.32
C ARG A 37 26.35 6.23 4.36
N ASP A 38 26.69 5.73 3.19
CA ASP A 38 27.27 4.40 3.04
C ASP A 38 28.24 4.44 1.87
N LEU A 39 28.65 5.66 1.52
CA LEU A 39 29.57 5.91 0.43
C LEU A 39 29.02 5.38 -0.91
N THR A 40 27.70 5.38 -1.01
CA THR A 40 27.00 4.94 -2.23
C THR A 40 25.50 5.18 -2.08
N GLY A 41 25.12 6.43 -1.85
CA GLY A 41 23.72 6.79 -1.68
C GLY A 41 22.79 6.01 -2.60
N VAL A 42 23.18 5.86 -3.85
CA VAL A 42 22.37 5.13 -4.82
C VAL A 42 22.09 3.70 -4.35
N GLN A 43 23.16 2.92 -4.14
CA GLN A 43 23.01 1.55 -3.67
C GLN A 43 22.27 1.52 -2.34
N ASN A 44 22.49 2.54 -1.53
CA ASN A 44 21.85 2.63 -0.23
C ASN A 44 20.34 2.72 -0.39
N LEU A 45 19.89 3.58 -1.29
CA LEU A 45 18.47 3.73 -1.53
C LEU A 45 17.88 2.43 -2.05
N ARG A 46 18.55 1.81 -3.01
CA ARG A 46 18.09 0.55 -3.56
C ARG A 46 17.86 -0.46 -2.45
N LYS A 47 18.79 -0.52 -1.50
CA LYS A 47 18.68 -1.45 -0.37
C LYS A 47 17.34 -1.26 0.32
N LYS A 48 17.02 -0.02 0.68
CA LYS A 48 15.77 0.31 1.33
C LYS A 48 14.59 -0.09 0.45
N HIS A 49 14.64 0.32 -0.81
CA HIS A 49 13.58 0.00 -1.76
C HIS A 49 13.37 -1.51 -1.84
N LYS A 50 14.45 -2.27 -1.77
CA LYS A 50 14.39 -3.72 -1.83
C LYS A 50 13.39 -4.25 -0.80
N ARG A 51 13.46 -3.73 0.42
CA ARG A 51 12.55 -4.15 1.48
C ARG A 51 11.13 -3.78 1.10
N LEU A 52 10.96 -2.58 0.55
CA LEU A 52 9.66 -2.10 0.12
C LEU A 52 9.04 -3.08 -0.88
N GLU A 53 9.81 -3.40 -1.91
CA GLU A 53 9.35 -4.34 -2.94
C GLU A 53 8.80 -5.61 -2.31
N ALA A 54 9.60 -6.22 -1.41
CA ALA A 54 9.17 -7.43 -0.73
C ALA A 54 7.81 -7.23 -0.07
N GLU A 55 7.68 -6.12 0.64
CA GLU A 55 6.42 -5.79 1.31
C GLU A 55 5.28 -5.75 0.29
N LEU A 56 5.50 -4.98 -0.78
CA LEU A 56 4.52 -4.82 -1.85
C LEU A 56 3.99 -6.17 -2.34
N ALA A 57 4.87 -7.16 -2.40
CA ALA A 57 4.49 -8.49 -2.86
C ALA A 57 3.38 -9.08 -2.00
N ALA A 58 3.59 -9.10 -0.69
CA ALA A 58 2.60 -9.64 0.24
C ALA A 58 1.33 -8.82 0.27
N HIS A 59 1.45 -7.50 0.15
CA HIS A 59 0.29 -6.65 0.17
C HIS A 59 -0.62 -6.93 -1.01
N GLU A 60 -0.04 -7.06 -2.21
CA GLU A 60 -0.84 -7.30 -3.41
C GLU A 60 -2.01 -8.24 -3.11
N PRO A 61 -1.71 -9.51 -2.73
CA PRO A 61 -2.74 -10.49 -2.40
C PRO A 61 -3.82 -9.91 -1.49
N ALA A 62 -3.40 -9.18 -0.47
CA ALA A 62 -4.33 -8.58 0.50
C ALA A 62 -4.96 -7.29 -0.01
N ILE A 63 -4.33 -6.67 -1.01
CA ILE A 63 -4.83 -5.43 -1.57
C ILE A 63 -6.04 -5.69 -2.47
N GLN A 64 -5.89 -6.63 -3.39
CA GLN A 64 -6.99 -6.99 -4.27
C GLN A 64 -8.20 -7.43 -3.46
N GLY A 65 -7.96 -8.39 -2.56
CA GLY A 65 -9.03 -8.88 -1.71
C GLY A 65 -9.77 -7.75 -1.04
N VAL A 66 -9.03 -6.82 -0.43
CA VAL A 66 -9.65 -5.68 0.24
C VAL A 66 -10.56 -4.93 -0.75
N LEU A 67 -9.98 -4.54 -1.89
CA LEU A 67 -10.74 -3.83 -2.91
C LEU A 67 -12.05 -4.55 -3.21
N ASP A 68 -11.95 -5.83 -3.53
CA ASP A 68 -13.13 -6.64 -3.84
C ASP A 68 -14.17 -6.52 -2.72
N THR A 69 -13.74 -6.73 -1.48
CA THR A 69 -14.64 -6.65 -0.34
C THR A 69 -15.29 -5.26 -0.27
N GLY A 70 -14.47 -4.21 -0.38
CA GLY A 70 -14.99 -2.86 -0.33
C GLY A 70 -16.10 -2.64 -1.34
N LYS A 71 -15.95 -3.20 -2.53
CA LYS A 71 -16.96 -3.06 -3.58
C LYS A 71 -18.31 -3.52 -3.05
N LYS A 72 -18.30 -4.61 -2.28
CA LYS A 72 -19.52 -5.15 -1.70
C LYS A 72 -20.08 -4.16 -0.69
N LEU A 73 -19.23 -3.68 0.21
CA LEU A 73 -19.63 -2.71 1.22
C LEU A 73 -20.43 -1.58 0.58
N SER A 74 -19.95 -1.11 -0.57
CA SER A 74 -20.62 -0.03 -1.29
C SER A 74 -22.12 -0.34 -1.46
N ASP A 75 -22.41 -1.49 -2.05
CA ASP A 75 -23.78 -1.93 -2.27
C ASP A 75 -24.50 -2.14 -0.94
N ASP A 76 -23.72 -2.47 0.09
CA ASP A 76 -24.27 -2.71 1.42
C ASP A 76 -24.78 -1.41 2.06
N ASN A 77 -24.14 -0.30 1.70
CA ASN A 77 -24.52 1.01 2.21
C ASN A 77 -24.47 1.05 3.74
N THR A 78 -25.57 1.43 4.38
CA THR A 78 -25.65 1.51 5.84
C THR A 78 -24.73 2.61 6.39
N ILE A 79 -25.02 3.85 5.98
CA ILE A 79 -24.26 5.02 6.42
C ILE A 79 -22.76 4.74 6.53
N GLY A 80 -22.25 4.67 7.76
CA GLY A 80 -20.82 4.42 8.02
C GLY A 80 -20.01 3.90 6.84
N LYS A 81 -20.43 2.76 6.29
CA LYS A 81 -19.70 2.13 5.17
C LYS A 81 -19.34 3.12 4.06
N GLU A 82 -20.18 4.11 3.82
CA GLU A 82 -19.94 5.12 2.79
C GLU A 82 -18.57 5.77 3.00
N GLU A 83 -18.35 6.29 4.20
CA GLU A 83 -17.07 6.92 4.53
C GLU A 83 -15.93 5.97 4.19
N ILE A 84 -16.06 4.72 4.62
CA ILE A 84 -15.06 3.71 4.34
C ILE A 84 -14.81 3.60 2.84
N GLN A 85 -15.91 3.49 2.08
CA GLN A 85 -15.82 3.40 0.63
C GLN A 85 -14.95 4.51 0.06
N GLN A 86 -15.24 5.75 0.46
CA GLN A 86 -14.48 6.90 -0.01
C GLN A 86 -12.99 6.72 0.31
N ARG A 87 -12.70 6.35 1.56
CA ARG A 87 -11.32 6.13 2.00
C ARG A 87 -10.67 5.04 1.16
N LEU A 88 -11.38 3.93 0.98
CA LEU A 88 -10.88 2.81 0.21
C LEU A 88 -10.52 3.25 -1.20
N ALA A 89 -11.38 4.09 -1.79
CA ALA A 89 -11.13 4.60 -3.13
C ALA A 89 -9.82 5.36 -3.19
N GLN A 90 -9.52 6.09 -2.12
CA GLN A 90 -8.27 6.85 -2.04
C GLN A 90 -7.11 5.88 -1.87
N PHE A 91 -7.32 4.83 -1.08
CA PHE A 91 -6.29 3.84 -0.85
C PHE A 91 -5.82 3.28 -2.19
N VAL A 92 -6.78 2.88 -3.03
CA VAL A 92 -6.46 2.35 -4.35
C VAL A 92 -5.54 3.30 -5.09
N ASP A 93 -5.95 4.57 -5.18
CA ASP A 93 -5.14 5.60 -5.85
C ASP A 93 -3.72 5.55 -5.33
N HIS A 94 -3.58 5.66 -4.02
CA HIS A 94 -2.26 5.62 -3.37
C HIS A 94 -1.49 4.38 -3.82
N TRP A 95 -2.13 3.23 -3.66
CA TRP A 95 -1.52 1.96 -4.04
C TRP A 95 -1.03 2.03 -5.49
N LYS A 96 -1.88 2.57 -6.35
CA LYS A 96 -1.56 2.71 -7.76
C LYS A 96 -0.22 3.42 -7.96
N GLU A 97 -0.07 4.59 -7.33
CA GLU A 97 1.16 5.35 -7.45
C GLU A 97 2.36 4.54 -6.98
N LEU A 98 2.20 3.87 -5.84
CA LEU A 98 3.25 3.04 -5.27
C LEU A 98 3.63 1.91 -6.24
N LYS A 99 2.62 1.24 -6.76
CA LYS A 99 2.83 0.15 -7.71
C LYS A 99 3.64 0.65 -8.90
N GLN A 100 3.24 1.80 -9.44
CA GLN A 100 3.95 2.40 -10.56
C GLN A 100 5.42 2.57 -10.22
N LEU A 101 5.70 3.25 -9.11
CA LEU A 101 7.07 3.47 -8.67
C LEU A 101 7.84 2.15 -8.64
N ALA A 102 7.24 1.13 -8.05
CA ALA A 102 7.86 -0.18 -7.97
C ALA A 102 8.21 -0.70 -9.36
N ALA A 103 7.23 -0.66 -10.26
CA ALA A 103 7.42 -1.12 -11.63
C ALA A 103 8.65 -0.45 -12.25
N ALA A 104 8.75 0.87 -12.08
CA ALA A 104 9.87 1.62 -12.63
C ALA A 104 11.18 1.12 -12.02
N ARG A 105 11.18 0.92 -10.71
CA ARG A 105 12.35 0.44 -9.99
C ARG A 105 12.79 -0.93 -10.50
N GLY A 106 11.81 -1.75 -10.91
CA GLY A 106 12.11 -3.07 -11.42
C GLY A 106 12.73 -3.02 -12.80
N GLN A 107 12.36 -2.00 -13.57
CA GLN A 107 12.88 -1.83 -14.93
C GLN A 107 14.34 -1.37 -14.90
#